data_1GJT
# 
_entry.id   1GJT 
# 
_audit_conform.dict_name       mmcif_pdbx.dic 
_audit_conform.dict_version    5.392 
_audit_conform.dict_location   http://mmcif.pdb.org/dictionaries/ascii/mmcif_pdbx.dic 
# 
loop_
_database_2.database_id 
_database_2.database_code 
_database_2.pdbx_database_accession 
_database_2.pdbx_DOI 
PDB   1GJT         pdb_00001gjt 10.2210/pdb1gjt/pdb 
PDBE  EBI-8420     ?            ?                   
WWPDB D_1290008420 ?            ?                   
# 
loop_
_pdbx_audit_revision_history.ordinal 
_pdbx_audit_revision_history.data_content_type 
_pdbx_audit_revision_history.major_revision 
_pdbx_audit_revision_history.minor_revision 
_pdbx_audit_revision_history.revision_date 
1 'Structure model' 1 0 2001-08-09 
2 'Structure model' 1 1 2015-04-08 
3 'Structure model' 1 2 2024-05-15 
# 
_pdbx_audit_revision_details.ordinal             1 
_pdbx_audit_revision_details.revision_ordinal    1 
_pdbx_audit_revision_details.data_content_type   'Structure model' 
_pdbx_audit_revision_details.provider            repository 
_pdbx_audit_revision_details.type                'Initial release' 
_pdbx_audit_revision_details.description         ? 
_pdbx_audit_revision_details.details             ? 
# 
loop_
_pdbx_audit_revision_group.ordinal 
_pdbx_audit_revision_group.revision_ordinal 
_pdbx_audit_revision_group.data_content_type 
_pdbx_audit_revision_group.group 
1 2 'Structure model' 'Derived calculations'      
2 2 'Structure model' Other                       
3 2 'Structure model' 'Structure summary'         
4 2 'Structure model' 'Version format compliance' 
5 3 'Structure model' 'Data collection'           
6 3 'Structure model' 'Database references'       
7 3 'Structure model' Other                       
# 
loop_
_pdbx_audit_revision_category.ordinal 
_pdbx_audit_revision_category.revision_ordinal 
_pdbx_audit_revision_category.data_content_type 
_pdbx_audit_revision_category.category 
1 3 'Structure model' chem_comp_atom       
2 3 'Structure model' chem_comp_bond       
3 3 'Structure model' database_2           
4 3 'Structure model' pdbx_database_status 
5 3 'Structure model' pdbx_nmr_software    
# 
loop_
_pdbx_audit_revision_item.ordinal 
_pdbx_audit_revision_item.revision_ordinal 
_pdbx_audit_revision_item.data_content_type 
_pdbx_audit_revision_item.item 
1 3 'Structure model' '_database_2.pdbx_DOI'                 
2 3 'Structure model' '_database_2.pdbx_database_accession'  
3 3 'Structure model' '_pdbx_database_status.status_code_mr' 
4 3 'Structure model' '_pdbx_nmr_software.name'              
# 
_pdbx_database_status.status_code                     REL 
_pdbx_database_status.entry_id                        1GJT 
_pdbx_database_status.deposit_site                    PDBE 
_pdbx_database_status.process_site                    PDBE 
_pdbx_database_status.SG_entry                        . 
_pdbx_database_status.recvd_initial_deposition_date   2001-08-02 
_pdbx_database_status.pdb_format_compatible           Y 
_pdbx_database_status.status_code_sf                  ? 
_pdbx_database_status.status_code_mr                  REL 
_pdbx_database_status.status_code_cs                  ? 
_pdbx_database_status.methods_development_category    ? 
_pdbx_database_status.status_code_nmr_data            ? 
# 
loop_
_pdbx_database_related.db_name 
_pdbx_database_related.db_id 
_pdbx_database_related.content_type 
_pdbx_database_related.details 
PDB 1FCC unspecified .                                                                                              
PDB 1FCL unspecified 'DELTA1.5: A COMPUTATIONALLY DESIGNED CORE VARIANT OF THE B1DOMAIN OF STREPTOCOCCAL PROTEIN G' 
PDB 1FD6 unspecified 'DELTA0: A COMPUTATIONALLY DESIGNED CORE VARIANT OF THE B1DOMAIN OF STREPTOCOCCAL PROTEIN G'   
PDB 1GB4 unspecified 'HYPERTHERMOPHILIC VARIANT OF THE B1 DOMAIN FROMSTREPTOCOCCAL PROTEIN G, NMR, 47 STRUCTURES'   
PDB 1GJS unspecified 'SOLUTION STRUCTURE OF THE ALBUMIN BINDING DOMAIN OF STREPTOCOCCAL PROTEIN G'                  
PDB 1GJT unspecified 'SOLUTION STRUCTURE OF THE ALBUMIN BINDING DOMAIN OF STREPTOCOCCAL PROTEIN G'                  
PDB 1IBX unspecified 'NMR STRUCTURE OF DFF40 AND DFF45 N- TERMINAL DOMAIN COMPLEX'                                  
PDB 1P7E unspecified 'GB3 SOLUTION STRUCTURE OBTAINED BY REFINEMENT OF X-RAYSTRUCTURE WITH DIPOLAR COUPLINGS'       
PDB 1P7F unspecified 'GB3 SOLUTION STRUCTURE OBTAINED BY REFINEMENT OF X-RAYSTRUCTURE WITH DIPOLAR COUPLINGS'       
PDB 2IGG unspecified .                                                                                              
# 
loop_
_audit_author.name 
_audit_author.pdbx_ordinal 
'Johansson, M.U.' 1  
'Frick, I.M.'     2  
'Nilsson, H.'     3  
'Kraulis, P.J.'   4  
'Hober, S.'       5  
'Jonasson, P.'    6  
'Nygren, A.P.'    7  
'Uhlen, M.'       8  
'Bjorck, L.'      9  
'Drakenberg, T.'  10 
'Forsen, S.'      11 
'Wikstrom, M.'    12 
# 
_citation.id                        primary 
_citation.title                     'Structure, Specificity, and Mode of Interaction for Bacterial Albumin-Binding Modules' 
_citation.journal_abbrev            J.Biol.Chem. 
_citation.journal_volume            277 
_citation.page_first                8114 
_citation.page_last                 ? 
_citation.year                      2002 
_citation.journal_id_ASTM           JBCHA3 
_citation.country                   US 
_citation.journal_id_ISSN           0021-9258 
_citation.journal_id_CSD            0071 
_citation.book_publisher            ? 
_citation.pdbx_database_id_PubMed   11751858 
_citation.pdbx_database_id_DOI      10.1074/JBC.M109943200 
# 
loop_
_citation_author.citation_id 
_citation_author.name 
_citation_author.ordinal 
_citation_author.identifier_ORCID 
primary 'Johansson, M.'  1  ? 
primary 'Frick, I.'      2  ? 
primary 'Nilsson, H.'    3  ? 
primary 'Kraulis, P.'    4  ? 
primary 'Hober, S.'      5  ? 
primary 'Jonasson, P.'   6  ? 
primary 'Linhult, M.'    7  ? 
primary 'Nygren, P.'     8  ? 
primary 'Uhlen, M.'      9  ? 
primary 'Bjorck, L.'     10 ? 
primary 'Drakenberg, T.' 11 ? 
primary 'Forsen, S.'     12 ? 
primary 'Wikstrom, M.'   13 ? 
# 
_entity.id                         1 
_entity.type                       polymer 
_entity.src_method                 man 
_entity.pdbx_description           'IMMUNOGLOBULIN G BINDING PROTEIN G' 
_entity.formula_weight             7111.089 
_entity.pdbx_number_of_molecules   1 
_entity.pdbx_ec                    ? 
_entity.pdbx_mutation              ? 
_entity.pdbx_fragment              'ALBUMIN-BINDING DOMAIN' 
_entity.details                    ? 
# 
_entity_name_com.entity_id   1 
_entity_name_com.name        'ABD, ALBUMIN-BINDING DOMAIN OF PROTEIN G, IGG BINDING PROTEIN G' 
# 
_entity_poly.entity_id                      1 
_entity_poly.type                           'polypeptide(L)' 
_entity_poly.nstd_linkage                   no 
_entity_poly.nstd_monomer                   no 
_entity_poly.pdbx_seq_one_letter_code       MKAIFVLNAQHDEAVDANSLAEAKVLANRELDKYGVSDYYKNLINNAKTVEGVKALIDEILAALP 
_entity_poly.pdbx_seq_one_letter_code_can   MKAIFVLNAQHDEAVDANSLAEAKVLANRELDKYGVSDYYKNLINNAKTVEGVKALIDEILAALP 
_entity_poly.pdbx_strand_id                 A 
_entity_poly.pdbx_target_identifier         ? 
# 
loop_
_entity_poly_seq.entity_id 
_entity_poly_seq.num 
_entity_poly_seq.mon_id 
_entity_poly_seq.hetero 
1 1  MET n 
1 2  LYS n 
1 3  ALA n 
1 4  ILE n 
1 5  PHE n 
1 6  VAL n 
1 7  LEU n 
1 8  ASN n 
1 9  ALA n 
1 10 GLN n 
1 11 HIS n 
1 12 ASP n 
1 13 GLU n 
1 14 ALA n 
1 15 VAL n 
1 16 ASP n 
1 17 ALA n 
1 18 ASN n 
1 19 SER n 
1 20 LEU n 
1 21 ALA n 
1 22 GLU n 
1 23 ALA n 
1 24 LYS n 
1 25 VAL n 
1 26 LEU n 
1 27 ALA n 
1 28 ASN n 
1 29 ARG n 
1 30 GLU n 
1 31 LEU n 
1 32 ASP n 
1 33 LYS n 
1 34 TYR n 
1 35 GLY n 
1 36 VAL n 
1 37 SER n 
1 38 ASP n 
1 39 TYR n 
1 40 TYR n 
1 41 LYS n 
1 42 ASN n 
1 43 LEU n 
1 44 ILE n 
1 45 ASN n 
1 46 ASN n 
1 47 ALA n 
1 48 LYS n 
1 49 THR n 
1 50 VAL n 
1 51 GLU n 
1 52 GLY n 
1 53 VAL n 
1 54 LYS n 
1 55 ALA n 
1 56 LEU n 
1 57 ILE n 
1 58 ASP n 
1 59 GLU n 
1 60 ILE n 
1 61 LEU n 
1 62 ALA n 
1 63 ALA n 
1 64 LEU n 
1 65 PRO n 
# 
_entity_src_gen.entity_id                          1 
_entity_src_gen.pdbx_src_id                        1 
_entity_src_gen.pdbx_alt_source_flag               sample 
_entity_src_gen.pdbx_seq_type                      ? 
_entity_src_gen.pdbx_beg_seq_num                   ? 
_entity_src_gen.pdbx_end_seq_num                   ? 
_entity_src_gen.gene_src_common_name               ? 
_entity_src_gen.gene_src_genus                     ? 
_entity_src_gen.pdbx_gene_src_gene                 ? 
_entity_src_gen.gene_src_species                   ? 
_entity_src_gen.gene_src_strain                    ? 
_entity_src_gen.gene_src_tissue                    ? 
_entity_src_gen.gene_src_tissue_fraction           ? 
_entity_src_gen.gene_src_details                   ? 
_entity_src_gen.pdbx_gene_src_fragment             ? 
_entity_src_gen.pdbx_gene_src_scientific_name      
;STREPTOCOCCUS SP. 'GROUP G'
;
_entity_src_gen.pdbx_gene_src_ncbi_taxonomy_id     1320 
_entity_src_gen.pdbx_gene_src_variant              ? 
_entity_src_gen.pdbx_gene_src_cell_line            ? 
_entity_src_gen.pdbx_gene_src_atcc                 ? 
_entity_src_gen.pdbx_gene_src_organ                ? 
_entity_src_gen.pdbx_gene_src_organelle            ? 
_entity_src_gen.pdbx_gene_src_cell                 ? 
_entity_src_gen.pdbx_gene_src_cellular_location    ? 
_entity_src_gen.host_org_common_name               ? 
_entity_src_gen.pdbx_host_org_scientific_name      'ESCHERICHIA COLI' 
_entity_src_gen.pdbx_host_org_ncbi_taxonomy_id     562 
_entity_src_gen.host_org_genus                     ? 
_entity_src_gen.pdbx_host_org_gene                 ? 
_entity_src_gen.pdbx_host_org_organ                ? 
_entity_src_gen.host_org_species                   ? 
_entity_src_gen.pdbx_host_org_tissue               ? 
_entity_src_gen.pdbx_host_org_tissue_fraction      ? 
_entity_src_gen.pdbx_host_org_strain               ? 
_entity_src_gen.pdbx_host_org_variant              ? 
_entity_src_gen.pdbx_host_org_cell_line            ? 
_entity_src_gen.pdbx_host_org_atcc                 ? 
_entity_src_gen.pdbx_host_org_culture_collection   ? 
_entity_src_gen.pdbx_host_org_cell                 ? 
_entity_src_gen.pdbx_host_org_organelle            ? 
_entity_src_gen.pdbx_host_org_cellular_location    ? 
_entity_src_gen.pdbx_host_org_vector_type          ? 
_entity_src_gen.pdbx_host_org_vector               ? 
_entity_src_gen.host_org_details                   ? 
_entity_src_gen.expression_system_id               ? 
_entity_src_gen.plasmid_name                       ? 
_entity_src_gen.plasmid_details                    ? 
_entity_src_gen.pdbx_description                   ? 
# 
loop_
_chem_comp.id 
_chem_comp.type 
_chem_comp.mon_nstd_flag 
_chem_comp.name 
_chem_comp.pdbx_synonyms 
_chem_comp.formula 
_chem_comp.formula_weight 
ALA 'L-peptide linking' y ALANINE         ? 'C3 H7 N O2'     89.093  
ARG 'L-peptide linking' y ARGININE        ? 'C6 H15 N4 O2 1' 175.209 
ASN 'L-peptide linking' y ASPARAGINE      ? 'C4 H8 N2 O3'    132.118 
ASP 'L-peptide linking' y 'ASPARTIC ACID' ? 'C4 H7 N O4'     133.103 
GLN 'L-peptide linking' y GLUTAMINE       ? 'C5 H10 N2 O3'   146.144 
GLU 'L-peptide linking' y 'GLUTAMIC ACID' ? 'C5 H9 N O4'     147.129 
GLY 'peptide linking'   y GLYCINE         ? 'C2 H5 N O2'     75.067  
HIS 'L-peptide linking' y HISTIDINE       ? 'C6 H10 N3 O2 1' 156.162 
ILE 'L-peptide linking' y ISOLEUCINE      ? 'C6 H13 N O2'    131.173 
LEU 'L-peptide linking' y LEUCINE         ? 'C6 H13 N O2'    131.173 
LYS 'L-peptide linking' y LYSINE          ? 'C6 H15 N2 O2 1' 147.195 
MET 'L-peptide linking' y METHIONINE      ? 'C5 H11 N O2 S'  149.211 
PHE 'L-peptide linking' y PHENYLALANINE   ? 'C9 H11 N O2'    165.189 
PRO 'L-peptide linking' y PROLINE         ? 'C5 H9 N O2'     115.130 
SER 'L-peptide linking' y SERINE          ? 'C3 H7 N O3'     105.093 
THR 'L-peptide linking' y THREONINE       ? 'C4 H9 N O3'     119.119 
TYR 'L-peptide linking' y TYROSINE        ? 'C9 H11 N O3'    181.189 
VAL 'L-peptide linking' y VALINE          ? 'C5 H11 N O2'    117.146 
# 
loop_
_pdbx_poly_seq_scheme.asym_id 
_pdbx_poly_seq_scheme.entity_id 
_pdbx_poly_seq_scheme.seq_id 
_pdbx_poly_seq_scheme.mon_id 
_pdbx_poly_seq_scheme.ndb_seq_num 
_pdbx_poly_seq_scheme.pdb_seq_num 
_pdbx_poly_seq_scheme.auth_seq_num 
_pdbx_poly_seq_scheme.pdb_mon_id 
_pdbx_poly_seq_scheme.auth_mon_id 
_pdbx_poly_seq_scheme.pdb_strand_id 
_pdbx_poly_seq_scheme.pdb_ins_code 
_pdbx_poly_seq_scheme.hetero 
A 1 1  MET 1  1  1  MET MET A . n 
A 1 2  LYS 2  2  2  LYS LYS A . n 
A 1 3  ALA 3  3  3  ALA ALA A . n 
A 1 4  ILE 4  4  4  ILE ILE A . n 
A 1 5  PHE 5  5  5  PHE PHE A . n 
A 1 6  VAL 6  6  6  VAL VAL A . n 
A 1 7  LEU 7  7  7  LEU LEU A . n 
A 1 8  ASN 8  8  8  ASN ASN A . n 
A 1 9  ALA 9  9  9  ALA ALA A . n 
A 1 10 GLN 10 10 10 GLN GLN A . n 
A 1 11 HIS 11 11 11 HIS HIS A . n 
A 1 12 ASP 12 12 12 ASP ASP A . n 
A 1 13 GLU 13 13 13 GLU GLU A . n 
A 1 14 ALA 14 14 14 ALA ALA A . n 
A 1 15 VAL 15 15 15 VAL VAL A . n 
A 1 16 ASP 16 16 16 ASP ASP A . n 
A 1 17 ALA 17 17 17 ALA ALA A . n 
A 1 18 ASN 18 18 18 ASN ASN A . n 
A 1 19 SER 19 19 19 SER SER A . n 
A 1 20 LEU 20 20 20 LEU LEU A . n 
A 1 21 ALA 21 21 21 ALA ALA A . n 
A 1 22 GLU 22 22 22 GLU GLU A . n 
A 1 23 ALA 23 23 23 ALA ALA A . n 
A 1 24 LYS 24 24 24 LYS LYS A . n 
A 1 25 VAL 25 25 25 VAL VAL A . n 
A 1 26 LEU 26 26 26 LEU LEU A . n 
A 1 27 ALA 27 27 27 ALA ALA A . n 
A 1 28 ASN 28 28 28 ASN ASN A . n 
A 1 29 ARG 29 29 29 ARG ARG A . n 
A 1 30 GLU 30 30 30 GLU GLU A . n 
A 1 31 LEU 31 31 31 LEU LEU A . n 
A 1 32 ASP 32 32 32 ASP ASP A . n 
A 1 33 LYS 33 33 33 LYS LYS A . n 
A 1 34 TYR 34 34 34 TYR TYR A . n 
A 1 35 GLY 35 35 35 GLY GLY A . n 
A 1 36 VAL 36 36 36 VAL VAL A . n 
A 1 37 SER 37 37 37 SER SER A . n 
A 1 38 ASP 38 38 38 ASP ASP A . n 
A 1 39 TYR 39 39 39 TYR TYR A . n 
A 1 40 TYR 40 40 40 TYR TYR A . n 
A 1 41 LYS 41 41 41 LYS LYS A . n 
A 1 42 ASN 42 42 42 ASN ASN A . n 
A 1 43 LEU 43 43 43 LEU LEU A . n 
A 1 44 ILE 44 44 44 ILE ILE A . n 
A 1 45 ASN 45 45 45 ASN ASN A . n 
A 1 46 ASN 46 46 46 ASN ASN A . n 
A 1 47 ALA 47 47 47 ALA ALA A . n 
A 1 48 LYS 48 48 48 LYS LYS A . n 
A 1 49 THR 49 49 49 THR THR A . n 
A 1 50 VAL 50 50 50 VAL VAL A . n 
A 1 51 GLU 51 51 51 GLU GLU A . n 
A 1 52 GLY 52 52 52 GLY GLY A . n 
A 1 53 VAL 53 53 53 VAL VAL A . n 
A 1 54 LYS 54 54 54 LYS LYS A . n 
A 1 55 ALA 55 55 55 ALA ALA A . n 
A 1 56 LEU 56 56 56 LEU LEU A . n 
A 1 57 ILE 57 57 57 ILE ILE A . n 
A 1 58 ASP 58 58 58 ASP ASP A . n 
A 1 59 GLU 59 59 59 GLU GLU A . n 
A 1 60 ILE 60 60 60 ILE ILE A . n 
A 1 61 LEU 61 61 61 LEU LEU A . n 
A 1 62 ALA 62 62 62 ALA ALA A . n 
A 1 63 ALA 63 63 63 ALA ALA A . n 
A 1 64 LEU 64 64 64 LEU LEU A . n 
A 1 65 PRO 65 65 65 PRO PRO A . n 
# 
_cell.entry_id           1GJT 
_cell.length_a           1.000 
_cell.length_b           1.000 
_cell.length_c           1.000 
_cell.angle_alpha        90.00 
_cell.angle_beta         90.00 
_cell.angle_gamma        90.00 
_cell.Z_PDB              1 
_cell.pdbx_unique_axis   ? 
# 
_symmetry.entry_id                         1GJT 
_symmetry.space_group_name_H-M             'P 1' 
_symmetry.pdbx_full_space_group_name_H-M   ? 
_symmetry.cell_setting                     ? 
_symmetry.Int_Tables_number                1 
# 
_exptl.entry_id          1GJT 
_exptl.method            'SOLUTION NMR' 
_exptl.crystals_number   ? 
# 
_struct.entry_id                  1GJT 
_struct.title                     'Solution structure of the Albumin binding domain of Streptococcal Protein G' 
_struct.pdbx_model_details        ? 
_struct.pdbx_CASP_flag            ? 
_struct.pdbx_model_type_details   'MINIMIZED AVERAGE' 
# 
_struct_keywords.entry_id        1GJT 
_struct_keywords.pdbx_keywords   'IMMUNOGLOBULIN-BINDING PROTEIN' 
_struct_keywords.text            'IMMUNOGLOBULIN-BINDING PROTEIN, BACTERIAL SURFACE PROTEIN, ALBUMIN BINDING, PROTEIN G' 
# 
_struct_asym.id                            A 
_struct_asym.pdbx_blank_PDB_chainid_flag   N 
_struct_asym.pdbx_modified                 N 
_struct_asym.entity_id                     1 
_struct_asym.details                       ? 
# 
loop_
_struct_ref.id 
_struct_ref.db_name 
_struct_ref.db_code 
_struct_ref.entity_id 
_struct_ref.pdbx_seq_one_letter_code 
_struct_ref.pdbx_align_begin 
_struct_ref.pdbx_db_accession 
_struct_ref.pdbx_db_isoform 
1 PDB 1GJT       1 ? ? 1GJT   ? 
2 UNP SPG2_STRSP 1 ? ? P19909 ? 
# 
loop_
_struct_ref_seq.align_id 
_struct_ref_seq.ref_id 
_struct_ref_seq.pdbx_PDB_id_code 
_struct_ref_seq.pdbx_strand_id 
_struct_ref_seq.seq_align_beg 
_struct_ref_seq.pdbx_seq_align_beg_ins_code 
_struct_ref_seq.seq_align_end 
_struct_ref_seq.pdbx_seq_align_end_ins_code 
_struct_ref_seq.pdbx_db_accession 
_struct_ref_seq.db_align_beg 
_struct_ref_seq.pdbx_db_align_beg_ins_code 
_struct_ref_seq.db_align_end 
_struct_ref_seq.pdbx_db_align_end_ins_code 
_struct_ref_seq.pdbx_auth_seq_align_beg 
_struct_ref_seq.pdbx_auth_seq_align_end 
1 1 1GJT A 1  ? 19 ? 1GJT   1   ? 19  ? 1  19 
2 2 1GJT A 20 ? 65 ? P19909 254 ? 299 ? 20 65 
# 
_pdbx_struct_assembly.id                   1 
_pdbx_struct_assembly.details              software_defined_assembly 
_pdbx_struct_assembly.method_details       PISA 
_pdbx_struct_assembly.oligomeric_details   monomeric 
_pdbx_struct_assembly.oligomeric_count     1 
# 
_pdbx_struct_assembly_gen.assembly_id       1 
_pdbx_struct_assembly_gen.oper_expression   1 
_pdbx_struct_assembly_gen.asym_id_list      A 
# 
_pdbx_struct_oper_list.id                   1 
_pdbx_struct_oper_list.type                 'identity operation' 
_pdbx_struct_oper_list.name                 1_555 
_pdbx_struct_oper_list.symmetry_operation   x,y,z 
_pdbx_struct_oper_list.matrix[1][1]         1.0000000000 
_pdbx_struct_oper_list.matrix[1][2]         0.0000000000 
_pdbx_struct_oper_list.matrix[1][3]         0.0000000000 
_pdbx_struct_oper_list.vector[1]            0.0000000000 
_pdbx_struct_oper_list.matrix[2][1]         0.0000000000 
_pdbx_struct_oper_list.matrix[2][2]         1.0000000000 
_pdbx_struct_oper_list.matrix[2][3]         0.0000000000 
_pdbx_struct_oper_list.vector[2]            0.0000000000 
_pdbx_struct_oper_list.matrix[3][1]         0.0000000000 
_pdbx_struct_oper_list.matrix[3][2]         0.0000000000 
_pdbx_struct_oper_list.matrix[3][3]         1.0000000000 
_pdbx_struct_oper_list.vector[3]            0.0000000000 
# 
_struct_biol.id   1 
# 
loop_
_struct_conf.conf_type_id 
_struct_conf.id 
_struct_conf.pdbx_PDB_helix_id 
_struct_conf.beg_label_comp_id 
_struct_conf.beg_label_asym_id 
_struct_conf.beg_label_seq_id 
_struct_conf.pdbx_beg_PDB_ins_code 
_struct_conf.end_label_comp_id 
_struct_conf.end_label_asym_id 
_struct_conf.end_label_seq_id 
_struct_conf.pdbx_end_PDB_ins_code 
_struct_conf.beg_auth_comp_id 
_struct_conf.beg_auth_asym_id 
_struct_conf.beg_auth_seq_id 
_struct_conf.end_auth_comp_id 
_struct_conf.end_auth_asym_id 
_struct_conf.end_auth_seq_id 
_struct_conf.pdbx_PDB_helix_class 
_struct_conf.details 
_struct_conf.pdbx_PDB_helix_length 
HELX_P HELX_P1 1 SER A 19 ? TYR A 34 ? SER A 19 TYR A 34 1 ? 16 
HELX_P HELX_P2 2 ASP A 38 ? ASN A 45 ? ASP A 38 ASN A 45 1 ? 8  
HELX_P HELX_P3 3 VAL A 50 ? ALA A 63 ? VAL A 50 ALA A 63 1 ? 14 
# 
_struct_conf_type.id          HELX_P 
_struct_conf_type.criteria    ? 
_struct_conf_type.reference   ? 
# 
loop_
_pdbx_validate_torsion.id 
_pdbx_validate_torsion.PDB_model_num 
_pdbx_validate_torsion.auth_comp_id 
_pdbx_validate_torsion.auth_asym_id 
_pdbx_validate_torsion.auth_seq_id 
_pdbx_validate_torsion.PDB_ins_code 
_pdbx_validate_torsion.label_alt_id 
_pdbx_validate_torsion.phi 
_pdbx_validate_torsion.psi 
1 1 ALA A 3 ? ? -39.95 159.98  
2 1 VAL A 6 ? ? -67.12 -147.56 
# 
_pdbx_entry_details.entry_id                 1GJT 
_pdbx_entry_details.compound_details         ? 
_pdbx_entry_details.source_details           ? 
_pdbx_entry_details.nonpolymer_details       ? 
_pdbx_entry_details.sequence_details         
;RESIDUES 1 TO 19 ARE DERIVED FROM THE CLONING
 CONSTRUCT (KRAULIS ET AL., FEBS LETTERS (1996) 378, 190-194
;
_pdbx_entry_details.has_ligand_of_interest   ? 
# 
_pdbx_nmr_ensemble.entry_id                             1GJT 
_pdbx_nmr_ensemble.conformers_calculated_total_number   ? 
_pdbx_nmr_ensemble.conformers_submitted_total_number    1 
_pdbx_nmr_ensemble.conformer_selection_criteria         'LEAST RESTRAINT VIOLATION' 
# 
_pdbx_nmr_exptl_sample_conditions.conditions_id          1 
_pdbx_nmr_exptl_sample_conditions.temperature            300 
_pdbx_nmr_exptl_sample_conditions.pressure_units         atm 
_pdbx_nmr_exptl_sample_conditions.pressure               1 
_pdbx_nmr_exptl_sample_conditions.pH                     7.2 
_pdbx_nmr_exptl_sample_conditions.ionic_strength         ? 
_pdbx_nmr_exptl_sample_conditions.ionic_strength_units   ? 
_pdbx_nmr_exptl_sample_conditions.pH_units               pH 
_pdbx_nmr_exptl_sample_conditions.temperature_units      K 
# 
loop_
_pdbx_nmr_exptl.experiment_id 
_pdbx_nmr_exptl.conditions_id 
_pdbx_nmr_exptl.type 
_pdbx_nmr_exptl.solution_id 
1 1 HNCACB                1 
2 1 'CBCA(CO)NH'          1 
3 1 '3D HCC(CO)NH-TOCSY'  1 
4 1 '3D CC(CO)NH-TOCSY'   1 
5 1 15N-                  1 
6 1 '13C EDITED 3D NOESY' 1 
# 
_pdbx_nmr_details.entry_id   1GJT 
_pdbx_nmr_details.text       'THE STRUCTURE WAS DETERMINED USING TRIPLE-RESONANCE NMR SPECTROSCOPY ON 13C, 15N-LABELED ABD.' 
# 
_pdbx_nmr_refine.entry_id           1GJT 
_pdbx_nmr_refine.method             'DISTANCE GEOMETRY AND RESTRAINED SIMULATED ANNEALING' 
_pdbx_nmr_refine.details            'REFINEMENT CAN BE FOUND IN THE JRNL CITATION ABOVE.' 
_pdbx_nmr_refine.software_ordinal   1 
# 
loop_
_pdbx_nmr_software.classification 
_pdbx_nmr_software.name 
_pdbx_nmr_software.version 
_pdbx_nmr_software.authors 
_pdbx_nmr_software.ordinal 
refinement           X-PLOR 3.8 BRUNGER 1 
'structure solution' X-PLOR ?   ?       2 
# 
loop_
_chem_comp_atom.comp_id 
_chem_comp_atom.atom_id 
_chem_comp_atom.type_symbol 
_chem_comp_atom.pdbx_aromatic_flag 
_chem_comp_atom.pdbx_stereo_config 
_chem_comp_atom.pdbx_ordinal 
ALA N    N N N 1   
ALA CA   C N S 2   
ALA C    C N N 3   
ALA O    O N N 4   
ALA CB   C N N 5   
ALA OXT  O N N 6   
ALA H    H N N 7   
ALA H2   H N N 8   
ALA HA   H N N 9   
ALA HB1  H N N 10  
ALA HB2  H N N 11  
ALA HB3  H N N 12  
ALA HXT  H N N 13  
ARG N    N N N 14  
ARG CA   C N S 15  
ARG C    C N N 16  
ARG O    O N N 17  
ARG CB   C N N 18  
ARG CG   C N N 19  
ARG CD   C N N 20  
ARG NE   N N N 21  
ARG CZ   C N N 22  
ARG NH1  N N N 23  
ARG NH2  N N N 24  
ARG OXT  O N N 25  
ARG H    H N N 26  
ARG H2   H N N 27  
ARG HA   H N N 28  
ARG HB2  H N N 29  
ARG HB3  H N N 30  
ARG HG2  H N N 31  
ARG HG3  H N N 32  
ARG HD2  H N N 33  
ARG HD3  H N N 34  
ARG HE   H N N 35  
ARG HH11 H N N 36  
ARG HH12 H N N 37  
ARG HH21 H N N 38  
ARG HH22 H N N 39  
ARG HXT  H N N 40  
ASN N    N N N 41  
ASN CA   C N S 42  
ASN C    C N N 43  
ASN O    O N N 44  
ASN CB   C N N 45  
ASN CG   C N N 46  
ASN OD1  O N N 47  
ASN ND2  N N N 48  
ASN OXT  O N N 49  
ASN H    H N N 50  
ASN H2   H N N 51  
ASN HA   H N N 52  
ASN HB2  H N N 53  
ASN HB3  H N N 54  
ASN HD21 H N N 55  
ASN HD22 H N N 56  
ASN HXT  H N N 57  
ASP N    N N N 58  
ASP CA   C N S 59  
ASP C    C N N 60  
ASP O    O N N 61  
ASP CB   C N N 62  
ASP CG   C N N 63  
ASP OD1  O N N 64  
ASP OD2  O N N 65  
ASP OXT  O N N 66  
ASP H    H N N 67  
ASP H2   H N N 68  
ASP HA   H N N 69  
ASP HB2  H N N 70  
ASP HB3  H N N 71  
ASP HD2  H N N 72  
ASP HXT  H N N 73  
GLN N    N N N 74  
GLN CA   C N S 75  
GLN C    C N N 76  
GLN O    O N N 77  
GLN CB   C N N 78  
GLN CG   C N N 79  
GLN CD   C N N 80  
GLN OE1  O N N 81  
GLN NE2  N N N 82  
GLN OXT  O N N 83  
GLN H    H N N 84  
GLN H2   H N N 85  
GLN HA   H N N 86  
GLN HB2  H N N 87  
GLN HB3  H N N 88  
GLN HG2  H N N 89  
GLN HG3  H N N 90  
GLN HE21 H N N 91  
GLN HE22 H N N 92  
GLN HXT  H N N 93  
GLU N    N N N 94  
GLU CA   C N S 95  
GLU C    C N N 96  
GLU O    O N N 97  
GLU CB   C N N 98  
GLU CG   C N N 99  
GLU CD   C N N 100 
GLU OE1  O N N 101 
GLU OE2  O N N 102 
GLU OXT  O N N 103 
GLU H    H N N 104 
GLU H2   H N N 105 
GLU HA   H N N 106 
GLU HB2  H N N 107 
GLU HB3  H N N 108 
GLU HG2  H N N 109 
GLU HG3  H N N 110 
GLU HE2  H N N 111 
GLU HXT  H N N 112 
GLY N    N N N 113 
GLY CA   C N N 114 
GLY C    C N N 115 
GLY O    O N N 116 
GLY OXT  O N N 117 
GLY H    H N N 118 
GLY H2   H N N 119 
GLY HA2  H N N 120 
GLY HA3  H N N 121 
GLY HXT  H N N 122 
HIS N    N N N 123 
HIS CA   C N S 124 
HIS C    C N N 125 
HIS O    O N N 126 
HIS CB   C N N 127 
HIS CG   C Y N 128 
HIS ND1  N Y N 129 
HIS CD2  C Y N 130 
HIS CE1  C Y N 131 
HIS NE2  N Y N 132 
HIS OXT  O N N 133 
HIS H    H N N 134 
HIS H2   H N N 135 
HIS HA   H N N 136 
HIS HB2  H N N 137 
HIS HB3  H N N 138 
HIS HD1  H N N 139 
HIS HD2  H N N 140 
HIS HE1  H N N 141 
HIS HE2  H N N 142 
HIS HXT  H N N 143 
ILE N    N N N 144 
ILE CA   C N S 145 
ILE C    C N N 146 
ILE O    O N N 147 
ILE CB   C N S 148 
ILE CG1  C N N 149 
ILE CG2  C N N 150 
ILE CD1  C N N 151 
ILE OXT  O N N 152 
ILE H    H N N 153 
ILE H2   H N N 154 
ILE HA   H N N 155 
ILE HB   H N N 156 
ILE HG12 H N N 157 
ILE HG13 H N N 158 
ILE HG21 H N N 159 
ILE HG22 H N N 160 
ILE HG23 H N N 161 
ILE HD11 H N N 162 
ILE HD12 H N N 163 
ILE HD13 H N N 164 
ILE HXT  H N N 165 
LEU N    N N N 166 
LEU CA   C N S 167 
LEU C    C N N 168 
LEU O    O N N 169 
LEU CB   C N N 170 
LEU CG   C N N 171 
LEU CD1  C N N 172 
LEU CD2  C N N 173 
LEU OXT  O N N 174 
LEU H    H N N 175 
LEU H2   H N N 176 
LEU HA   H N N 177 
LEU HB2  H N N 178 
LEU HB3  H N N 179 
LEU HG   H N N 180 
LEU HD11 H N N 181 
LEU HD12 H N N 182 
LEU HD13 H N N 183 
LEU HD21 H N N 184 
LEU HD22 H N N 185 
LEU HD23 H N N 186 
LEU HXT  H N N 187 
LYS N    N N N 188 
LYS CA   C N S 189 
LYS C    C N N 190 
LYS O    O N N 191 
LYS CB   C N N 192 
LYS CG   C N N 193 
LYS CD   C N N 194 
LYS CE   C N N 195 
LYS NZ   N N N 196 
LYS OXT  O N N 197 
LYS H    H N N 198 
LYS H2   H N N 199 
LYS HA   H N N 200 
LYS HB2  H N N 201 
LYS HB3  H N N 202 
LYS HG2  H N N 203 
LYS HG3  H N N 204 
LYS HD2  H N N 205 
LYS HD3  H N N 206 
LYS HE2  H N N 207 
LYS HE3  H N N 208 
LYS HZ1  H N N 209 
LYS HZ2  H N N 210 
LYS HZ3  H N N 211 
LYS HXT  H N N 212 
MET N    N N N 213 
MET CA   C N S 214 
MET C    C N N 215 
MET O    O N N 216 
MET CB   C N N 217 
MET CG   C N N 218 
MET SD   S N N 219 
MET CE   C N N 220 
MET OXT  O N N 221 
MET H    H N N 222 
MET H2   H N N 223 
MET HA   H N N 224 
MET HB2  H N N 225 
MET HB3  H N N 226 
MET HG2  H N N 227 
MET HG3  H N N 228 
MET HE1  H N N 229 
MET HE2  H N N 230 
MET HE3  H N N 231 
MET HXT  H N N 232 
PHE N    N N N 233 
PHE CA   C N S 234 
PHE C    C N N 235 
PHE O    O N N 236 
PHE CB   C N N 237 
PHE CG   C Y N 238 
PHE CD1  C Y N 239 
PHE CD2  C Y N 240 
PHE CE1  C Y N 241 
PHE CE2  C Y N 242 
PHE CZ   C Y N 243 
PHE OXT  O N N 244 
PHE H    H N N 245 
PHE H2   H N N 246 
PHE HA   H N N 247 
PHE HB2  H N N 248 
PHE HB3  H N N 249 
PHE HD1  H N N 250 
PHE HD2  H N N 251 
PHE HE1  H N N 252 
PHE HE2  H N N 253 
PHE HZ   H N N 254 
PHE HXT  H N N 255 
PRO N    N N N 256 
PRO CA   C N S 257 
PRO C    C N N 258 
PRO O    O N N 259 
PRO CB   C N N 260 
PRO CG   C N N 261 
PRO CD   C N N 262 
PRO OXT  O N N 263 
PRO H    H N N 264 
PRO HA   H N N 265 
PRO HB2  H N N 266 
PRO HB3  H N N 267 
PRO HG2  H N N 268 
PRO HG3  H N N 269 
PRO HD2  H N N 270 
PRO HD3  H N N 271 
PRO HXT  H N N 272 
SER N    N N N 273 
SER CA   C N S 274 
SER C    C N N 275 
SER O    O N N 276 
SER CB   C N N 277 
SER OG   O N N 278 
SER OXT  O N N 279 
SER H    H N N 280 
SER H2   H N N 281 
SER HA   H N N 282 
SER HB2  H N N 283 
SER HB3  H N N 284 
SER HG   H N N 285 
SER HXT  H N N 286 
THR N    N N N 287 
THR CA   C N S 288 
THR C    C N N 289 
THR O    O N N 290 
THR CB   C N R 291 
THR OG1  O N N 292 
THR CG2  C N N 293 
THR OXT  O N N 294 
THR H    H N N 295 
THR H2   H N N 296 
THR HA   H N N 297 
THR HB   H N N 298 
THR HG1  H N N 299 
THR HG21 H N N 300 
THR HG22 H N N 301 
THR HG23 H N N 302 
THR HXT  H N N 303 
TYR N    N N N 304 
TYR CA   C N S 305 
TYR C    C N N 306 
TYR O    O N N 307 
TYR CB   C N N 308 
TYR CG   C Y N 309 
TYR CD1  C Y N 310 
TYR CD2  C Y N 311 
TYR CE1  C Y N 312 
TYR CE2  C Y N 313 
TYR CZ   C Y N 314 
TYR OH   O N N 315 
TYR OXT  O N N 316 
TYR H    H N N 317 
TYR H2   H N N 318 
TYR HA   H N N 319 
TYR HB2  H N N 320 
TYR HB3  H N N 321 
TYR HD1  H N N 322 
TYR HD2  H N N 323 
TYR HE1  H N N 324 
TYR HE2  H N N 325 
TYR HH   H N N 326 
TYR HXT  H N N 327 
VAL N    N N N 328 
VAL CA   C N S 329 
VAL C    C N N 330 
VAL O    O N N 331 
VAL CB   C N N 332 
VAL CG1  C N N 333 
VAL CG2  C N N 334 
VAL OXT  O N N 335 
VAL H    H N N 336 
VAL H2   H N N 337 
VAL HA   H N N 338 
VAL HB   H N N 339 
VAL HG11 H N N 340 
VAL HG12 H N N 341 
VAL HG13 H N N 342 
VAL HG21 H N N 343 
VAL HG22 H N N 344 
VAL HG23 H N N 345 
VAL HXT  H N N 346 
# 
loop_
_chem_comp_bond.comp_id 
_chem_comp_bond.atom_id_1 
_chem_comp_bond.atom_id_2 
_chem_comp_bond.value_order 
_chem_comp_bond.pdbx_aromatic_flag 
_chem_comp_bond.pdbx_stereo_config 
_chem_comp_bond.pdbx_ordinal 
ALA N   CA   sing N N 1   
ALA N   H    sing N N 2   
ALA N   H2   sing N N 3   
ALA CA  C    sing N N 4   
ALA CA  CB   sing N N 5   
ALA CA  HA   sing N N 6   
ALA C   O    doub N N 7   
ALA C   OXT  sing N N 8   
ALA CB  HB1  sing N N 9   
ALA CB  HB2  sing N N 10  
ALA CB  HB3  sing N N 11  
ALA OXT HXT  sing N N 12  
ARG N   CA   sing N N 13  
ARG N   H    sing N N 14  
ARG N   H2   sing N N 15  
ARG CA  C    sing N N 16  
ARG CA  CB   sing N N 17  
ARG CA  HA   sing N N 18  
ARG C   O    doub N N 19  
ARG C   OXT  sing N N 20  
ARG CB  CG   sing N N 21  
ARG CB  HB2  sing N N 22  
ARG CB  HB3  sing N N 23  
ARG CG  CD   sing N N 24  
ARG CG  HG2  sing N N 25  
ARG CG  HG3  sing N N 26  
ARG CD  NE   sing N N 27  
ARG CD  HD2  sing N N 28  
ARG CD  HD3  sing N N 29  
ARG NE  CZ   sing N N 30  
ARG NE  HE   sing N N 31  
ARG CZ  NH1  sing N N 32  
ARG CZ  NH2  doub N N 33  
ARG NH1 HH11 sing N N 34  
ARG NH1 HH12 sing N N 35  
ARG NH2 HH21 sing N N 36  
ARG NH2 HH22 sing N N 37  
ARG OXT HXT  sing N N 38  
ASN N   CA   sing N N 39  
ASN N   H    sing N N 40  
ASN N   H2   sing N N 41  
ASN CA  C    sing N N 42  
ASN CA  CB   sing N N 43  
ASN CA  HA   sing N N 44  
ASN C   O    doub N N 45  
ASN C   OXT  sing N N 46  
ASN CB  CG   sing N N 47  
ASN CB  HB2  sing N N 48  
ASN CB  HB3  sing N N 49  
ASN CG  OD1  doub N N 50  
ASN CG  ND2  sing N N 51  
ASN ND2 HD21 sing N N 52  
ASN ND2 HD22 sing N N 53  
ASN OXT HXT  sing N N 54  
ASP N   CA   sing N N 55  
ASP N   H    sing N N 56  
ASP N   H2   sing N N 57  
ASP CA  C    sing N N 58  
ASP CA  CB   sing N N 59  
ASP CA  HA   sing N N 60  
ASP C   O    doub N N 61  
ASP C   OXT  sing N N 62  
ASP CB  CG   sing N N 63  
ASP CB  HB2  sing N N 64  
ASP CB  HB3  sing N N 65  
ASP CG  OD1  doub N N 66  
ASP CG  OD2  sing N N 67  
ASP OD2 HD2  sing N N 68  
ASP OXT HXT  sing N N 69  
GLN N   CA   sing N N 70  
GLN N   H    sing N N 71  
GLN N   H2   sing N N 72  
GLN CA  C    sing N N 73  
GLN CA  CB   sing N N 74  
GLN CA  HA   sing N N 75  
GLN C   O    doub N N 76  
GLN C   OXT  sing N N 77  
GLN CB  CG   sing N N 78  
GLN CB  HB2  sing N N 79  
GLN CB  HB3  sing N N 80  
GLN CG  CD   sing N N 81  
GLN CG  HG2  sing N N 82  
GLN CG  HG3  sing N N 83  
GLN CD  OE1  doub N N 84  
GLN CD  NE2  sing N N 85  
GLN NE2 HE21 sing N N 86  
GLN NE2 HE22 sing N N 87  
GLN OXT HXT  sing N N 88  
GLU N   CA   sing N N 89  
GLU N   H    sing N N 90  
GLU N   H2   sing N N 91  
GLU CA  C    sing N N 92  
GLU CA  CB   sing N N 93  
GLU CA  HA   sing N N 94  
GLU C   O    doub N N 95  
GLU C   OXT  sing N N 96  
GLU CB  CG   sing N N 97  
GLU CB  HB2  sing N N 98  
GLU CB  HB3  sing N N 99  
GLU CG  CD   sing N N 100 
GLU CG  HG2  sing N N 101 
GLU CG  HG3  sing N N 102 
GLU CD  OE1  doub N N 103 
GLU CD  OE2  sing N N 104 
GLU OE2 HE2  sing N N 105 
GLU OXT HXT  sing N N 106 
GLY N   CA   sing N N 107 
GLY N   H    sing N N 108 
GLY N   H2   sing N N 109 
GLY CA  C    sing N N 110 
GLY CA  HA2  sing N N 111 
GLY CA  HA3  sing N N 112 
GLY C   O    doub N N 113 
GLY C   OXT  sing N N 114 
GLY OXT HXT  sing N N 115 
HIS N   CA   sing N N 116 
HIS N   H    sing N N 117 
HIS N   H2   sing N N 118 
HIS CA  C    sing N N 119 
HIS CA  CB   sing N N 120 
HIS CA  HA   sing N N 121 
HIS C   O    doub N N 122 
HIS C   OXT  sing N N 123 
HIS CB  CG   sing N N 124 
HIS CB  HB2  sing N N 125 
HIS CB  HB3  sing N N 126 
HIS CG  ND1  sing Y N 127 
HIS CG  CD2  doub Y N 128 
HIS ND1 CE1  doub Y N 129 
HIS ND1 HD1  sing N N 130 
HIS CD2 NE2  sing Y N 131 
HIS CD2 HD2  sing N N 132 
HIS CE1 NE2  sing Y N 133 
HIS CE1 HE1  sing N N 134 
HIS NE2 HE2  sing N N 135 
HIS OXT HXT  sing N N 136 
ILE N   CA   sing N N 137 
ILE N   H    sing N N 138 
ILE N   H2   sing N N 139 
ILE CA  C    sing N N 140 
ILE CA  CB   sing N N 141 
ILE CA  HA   sing N N 142 
ILE C   O    doub N N 143 
ILE C   OXT  sing N N 144 
ILE CB  CG1  sing N N 145 
ILE CB  CG2  sing N N 146 
ILE CB  HB   sing N N 147 
ILE CG1 CD1  sing N N 148 
ILE CG1 HG12 sing N N 149 
ILE CG1 HG13 sing N N 150 
ILE CG2 HG21 sing N N 151 
ILE CG2 HG22 sing N N 152 
ILE CG2 HG23 sing N N 153 
ILE CD1 HD11 sing N N 154 
ILE CD1 HD12 sing N N 155 
ILE CD1 HD13 sing N N 156 
ILE OXT HXT  sing N N 157 
LEU N   CA   sing N N 158 
LEU N   H    sing N N 159 
LEU N   H2   sing N N 160 
LEU CA  C    sing N N 161 
LEU CA  CB   sing N N 162 
LEU CA  HA   sing N N 163 
LEU C   O    doub N N 164 
LEU C   OXT  sing N N 165 
LEU CB  CG   sing N N 166 
LEU CB  HB2  sing N N 167 
LEU CB  HB3  sing N N 168 
LEU CG  CD1  sing N N 169 
LEU CG  CD2  sing N N 170 
LEU CG  HG   sing N N 171 
LEU CD1 HD11 sing N N 172 
LEU CD1 HD12 sing N N 173 
LEU CD1 HD13 sing N N 174 
LEU CD2 HD21 sing N N 175 
LEU CD2 HD22 sing N N 176 
LEU CD2 HD23 sing N N 177 
LEU OXT HXT  sing N N 178 
LYS N   CA   sing N N 179 
LYS N   H    sing N N 180 
LYS N   H2   sing N N 181 
LYS CA  C    sing N N 182 
LYS CA  CB   sing N N 183 
LYS CA  HA   sing N N 184 
LYS C   O    doub N N 185 
LYS C   OXT  sing N N 186 
LYS CB  CG   sing N N 187 
LYS CB  HB2  sing N N 188 
LYS CB  HB3  sing N N 189 
LYS CG  CD   sing N N 190 
LYS CG  HG2  sing N N 191 
LYS CG  HG3  sing N N 192 
LYS CD  CE   sing N N 193 
LYS CD  HD2  sing N N 194 
LYS CD  HD3  sing N N 195 
LYS CE  NZ   sing N N 196 
LYS CE  HE2  sing N N 197 
LYS CE  HE3  sing N N 198 
LYS NZ  HZ1  sing N N 199 
LYS NZ  HZ2  sing N N 200 
LYS NZ  HZ3  sing N N 201 
LYS OXT HXT  sing N N 202 
MET N   CA   sing N N 203 
MET N   H    sing N N 204 
MET N   H2   sing N N 205 
MET CA  C    sing N N 206 
MET CA  CB   sing N N 207 
MET CA  HA   sing N N 208 
MET C   O    doub N N 209 
MET C   OXT  sing N N 210 
MET CB  CG   sing N N 211 
MET CB  HB2  sing N N 212 
MET CB  HB3  sing N N 213 
MET CG  SD   sing N N 214 
MET CG  HG2  sing N N 215 
MET CG  HG3  sing N N 216 
MET SD  CE   sing N N 217 
MET CE  HE1  sing N N 218 
MET CE  HE2  sing N N 219 
MET CE  HE3  sing N N 220 
MET OXT HXT  sing N N 221 
PHE N   CA   sing N N 222 
PHE N   H    sing N N 223 
PHE N   H2   sing N N 224 
PHE CA  C    sing N N 225 
PHE CA  CB   sing N N 226 
PHE CA  HA   sing N N 227 
PHE C   O    doub N N 228 
PHE C   OXT  sing N N 229 
PHE CB  CG   sing N N 230 
PHE CB  HB2  sing N N 231 
PHE CB  HB3  sing N N 232 
PHE CG  CD1  doub Y N 233 
PHE CG  CD2  sing Y N 234 
PHE CD1 CE1  sing Y N 235 
PHE CD1 HD1  sing N N 236 
PHE CD2 CE2  doub Y N 237 
PHE CD2 HD2  sing N N 238 
PHE CE1 CZ   doub Y N 239 
PHE CE1 HE1  sing N N 240 
PHE CE2 CZ   sing Y N 241 
PHE CE2 HE2  sing N N 242 
PHE CZ  HZ   sing N N 243 
PHE OXT HXT  sing N N 244 
PRO N   CA   sing N N 245 
PRO N   CD   sing N N 246 
PRO N   H    sing N N 247 
PRO CA  C    sing N N 248 
PRO CA  CB   sing N N 249 
PRO CA  HA   sing N N 250 
PRO C   O    doub N N 251 
PRO C   OXT  sing N N 252 
PRO CB  CG   sing N N 253 
PRO CB  HB2  sing N N 254 
PRO CB  HB3  sing N N 255 
PRO CG  CD   sing N N 256 
PRO CG  HG2  sing N N 257 
PRO CG  HG3  sing N N 258 
PRO CD  HD2  sing N N 259 
PRO CD  HD3  sing N N 260 
PRO OXT HXT  sing N N 261 
SER N   CA   sing N N 262 
SER N   H    sing N N 263 
SER N   H2   sing N N 264 
SER CA  C    sing N N 265 
SER CA  CB   sing N N 266 
SER CA  HA   sing N N 267 
SER C   O    doub N N 268 
SER C   OXT  sing N N 269 
SER CB  OG   sing N N 270 
SER CB  HB2  sing N N 271 
SER CB  HB3  sing N N 272 
SER OG  HG   sing N N 273 
SER OXT HXT  sing N N 274 
THR N   CA   sing N N 275 
THR N   H    sing N N 276 
THR N   H2   sing N N 277 
THR CA  C    sing N N 278 
THR CA  CB   sing N N 279 
THR CA  HA   sing N N 280 
THR C   O    doub N N 281 
THR C   OXT  sing N N 282 
THR CB  OG1  sing N N 283 
THR CB  CG2  sing N N 284 
THR CB  HB   sing N N 285 
THR OG1 HG1  sing N N 286 
THR CG2 HG21 sing N N 287 
THR CG2 HG22 sing N N 288 
THR CG2 HG23 sing N N 289 
THR OXT HXT  sing N N 290 
TYR N   CA   sing N N 291 
TYR N   H    sing N N 292 
TYR N   H2   sing N N 293 
TYR CA  C    sing N N 294 
TYR CA  CB   sing N N 295 
TYR CA  HA   sing N N 296 
TYR C   O    doub N N 297 
TYR C   OXT  sing N N 298 
TYR CB  CG   sing N N 299 
TYR CB  HB2  sing N N 300 
TYR CB  HB3  sing N N 301 
TYR CG  CD1  doub Y N 302 
TYR CG  CD2  sing Y N 303 
TYR CD1 CE1  sing Y N 304 
TYR CD1 HD1  sing N N 305 
TYR CD2 CE2  doub Y N 306 
TYR CD2 HD2  sing N N 307 
TYR CE1 CZ   doub Y N 308 
TYR CE1 HE1  sing N N 309 
TYR CE2 CZ   sing Y N 310 
TYR CE2 HE2  sing N N 311 
TYR CZ  OH   sing N N 312 
TYR OH  HH   sing N N 313 
TYR OXT HXT  sing N N 314 
VAL N   CA   sing N N 315 
VAL N   H    sing N N 316 
VAL N   H2   sing N N 317 
VAL CA  C    sing N N 318 
VAL CA  CB   sing N N 319 
VAL CA  HA   sing N N 320 
VAL C   O    doub N N 321 
VAL C   OXT  sing N N 322 
VAL CB  CG1  sing N N 323 
VAL CB  CG2  sing N N 324 
VAL CB  HB   sing N N 325 
VAL CG1 HG11 sing N N 326 
VAL CG1 HG12 sing N N 327 
VAL CG1 HG13 sing N N 328 
VAL CG2 HG21 sing N N 329 
VAL CG2 HG22 sing N N 330 
VAL CG2 HG23 sing N N 331 
VAL OXT HXT  sing N N 332 
# 
_pdbx_nmr_spectrometer.spectrometer_id   1 
_pdbx_nmr_spectrometer.model             UNITY 
_pdbx_nmr_spectrometer.manufacturer      Varian 
_pdbx_nmr_spectrometer.field_strength    600 
# 
_atom_sites.entry_id                    1GJT 
_atom_sites.fract_transf_matrix[1][1]   1.000000 
_atom_sites.fract_transf_matrix[1][2]   0.000000 
_atom_sites.fract_transf_matrix[1][3]   0.000000 
_atom_sites.fract_transf_matrix[2][1]   0.000000 
_atom_sites.fract_transf_matrix[2][2]   1.000000 
_atom_sites.fract_transf_matrix[2][3]   0.000000 
_atom_sites.fract_transf_matrix[3][1]   0.000000 
_atom_sites.fract_transf_matrix[3][2]   0.000000 
_atom_sites.fract_transf_matrix[3][3]   1.000000 
_atom_sites.fract_transf_vector[1]      0.00000 
_atom_sites.fract_transf_vector[2]      0.00000 
_atom_sites.fract_transf_vector[3]      0.00000 
# 
loop_
_atom_type.symbol 
C 
H 
N 
O 
S 
# 
loop_
_atom_site.group_PDB 
_atom_site.id 
_atom_site.type_symbol 
_atom_site.label_atom_id 
_atom_site.label_alt_id 
_atom_site.label_comp_id 
_atom_site.label_asym_id 
_atom_site.label_entity_id 
_atom_site.label_seq_id 
_atom_site.pdbx_PDB_ins_code 
_atom_site.Cartn_x 
_atom_site.Cartn_y 
_atom_site.Cartn_z 
_atom_site.occupancy 
_atom_site.B_iso_or_equiv 
_atom_site.pdbx_formal_charge 
_atom_site.auth_seq_id 
_atom_site.auth_comp_id 
_atom_site.auth_asym_id 
_atom_site.auth_atom_id 
_atom_site.pdbx_PDB_model_num 
ATOM 1    N N    . MET A 1 1  ? 29.378  -1.630  -1.831  1.00 21.30 ? 1  MET A N    1 
ATOM 2    C CA   . MET A 1 1  ? 30.651  -2.403  -1.897  1.00 21.02 ? 1  MET A CA   1 
ATOM 3    C C    . MET A 1 1  ? 30.851  -2.927  -3.321  1.00 20.37 ? 1  MET A C    1 
ATOM 4    O O    . MET A 1 1  ? 29.914  -3.063  -4.082  1.00 20.39 ? 1  MET A O    1 
ATOM 5    C CB   . MET A 1 1  ? 30.584  -3.580  -0.918  1.00 21.44 ? 1  MET A CB   1 
ATOM 6    C CG   . MET A 1 1  ? 31.966  -4.229  -0.794  1.00 21.88 ? 1  MET A CG   1 
ATOM 7    S SD   . MET A 1 1  ? 31.891  -5.594  0.392   1.00 22.37 ? 1  MET A SD   1 
ATOM 8    C CE   . MET A 1 1  ? 33.576  -6.204  0.140   1.00 22.77 ? 1  MET A CE   1 
ATOM 9    H H1   . MET A 1 1  ? 28.911  -1.651  -2.760  1.00 21.47 ? 1  MET A H1   1 
ATOM 10   H H2   . MET A 1 1  ? 28.752  -2.053  -1.117  1.00 21.49 ? 1  MET A H2   1 
ATOM 11   H H3   . MET A 1 1  ? 29.583  -0.646  -1.567  1.00 21.26 ? 1  MET A H3   1 
ATOM 12   H HA   . MET A 1 1  ? 31.477  -1.760  -1.631  1.00 21.10 ? 1  MET A HA   1 
ATOM 13   H HB2  . MET A 1 1  ? 30.266  -3.224  0.051   1.00 21.17 ? 1  MET A HB2  1 
ATOM 14   H HB3  . MET A 1 1  ? 29.877  -4.311  -1.282  1.00 21.80 ? 1  MET A HB3  1 
ATOM 15   H HG2  . MET A 1 1  ? 32.273  -4.610  -1.756  1.00 22.18 ? 1  MET A HG2  1 
ATOM 16   H HG3  . MET A 1 1  ? 32.680  -3.494  -0.453  1.00 21.71 ? 1  MET A HG3  1 
ATOM 17   H HE1  . MET A 1 1  ? 33.760  -6.333  -0.915  1.00 22.81 ? 1  MET A HE1  1 
ATOM 18   H HE2  . MET A 1 1  ? 34.281  -5.487  0.541   1.00 22.98 ? 1  MET A HE2  1 
ATOM 19   H HE3  . MET A 1 1  ? 33.694  -7.153  0.643   1.00 22.87 ? 1  MET A HE3  1 
ATOM 20   N N    . LYS A 1 2  ? 32.067  -3.223  -3.686  1.00 19.90 ? 2  LYS A N    1 
ATOM 21   C CA   . LYS A 1 2  ? 32.335  -3.740  -5.056  1.00 19.38 ? 2  LYS A CA   1 
ATOM 22   C C    . LYS A 1 2  ? 31.561  -5.044  -5.270  1.00 18.83 ? 2  LYS A C    1 
ATOM 23   O O    . LYS A 1 2  ? 31.071  -5.311  -6.349  1.00 18.89 ? 2  LYS A O    1 
ATOM 24   C CB   . LYS A 1 2  ? 33.835  -3.995  -5.226  1.00 19.49 ? 2  LYS A CB   1 
ATOM 25   C CG   . LYS A 1 2  ? 34.577  -2.652  -5.267  1.00 19.58 ? 2  LYS A CG   1 
ATOM 26   C CD   . LYS A 1 2  ? 36.064  -2.870  -5.585  1.00 19.81 ? 2  LYS A CD   1 
ATOM 27   C CE   . LYS A 1 2  ? 36.822  -3.304  -4.325  1.00 19.99 ? 2  LYS A CE   1 
ATOM 28   N NZ   . LYS A 1 2  ? 36.656  -2.269  -3.264  1.00 20.19 ? 2  LYS A NZ   1 
ATOM 29   H H    . LYS A 1 2  ? 32.809  -3.106  -3.055  1.00 19.99 ? 2  LYS A H    1 
ATOM 30   H HA   . LYS A 1 2  ? 32.012  -3.010  -5.784  1.00 19.46 ? 2  LYS A HA   1 
ATOM 31   H HB2  . LYS A 1 2  ? 34.192  -4.584  -4.394  1.00 19.47 ? 2  LYS A HB2  1 
ATOM 32   H HB3  . LYS A 1 2  ? 34.009  -4.529  -6.148  1.00 19.66 ? 2  LYS A HB3  1 
ATOM 33   H HG2  . LYS A 1 2  ? 34.137  -2.026  -6.030  1.00 19.58 ? 2  LYS A HG2  1 
ATOM 34   H HG3  . LYS A 1 2  ? 34.484  -2.163  -4.308  1.00 19.61 ? 2  LYS A HG3  1 
ATOM 35   H HD2  . LYS A 1 2  ? 36.162  -3.636  -6.341  1.00 19.96 ? 2  LYS A HD2  1 
ATOM 36   H HD3  . LYS A 1 2  ? 36.488  -1.949  -5.955  1.00 19.85 ? 2  LYS A HD3  1 
ATOM 37   H HE2  . LYS A 1 2  ? 36.437  -4.247  -3.972  1.00 19.95 ? 2  LYS A HE2  1 
ATOM 38   H HE3  . LYS A 1 2  ? 37.872  -3.410  -4.558  1.00 20.15 ? 2  LYS A HE3  1 
ATOM 39   H HZ1  . LYS A 1 2  ? 36.137  -1.455  -3.651  1.00 20.27 ? 2  LYS A HZ1  1 
ATOM 40   H HZ2  . LYS A 1 2  ? 36.121  -2.671  -2.467  1.00 20.30 ? 2  LYS A HZ2  1 
ATOM 41   H HZ3  . LYS A 1 2  ? 37.593  -1.960  -2.932  1.00 20.26 ? 2  LYS A HZ3  1 
ATOM 42   N N    . ALA A 1 3  ? 31.460  -5.861  -4.251  1.00 18.43 ? 3  ALA A N    1 
ATOM 43   C CA   . ALA A 1 3  ? 30.728  -7.160  -4.377  1.00 18.03 ? 3  ALA A CA   1 
ATOM 44   C C    . ALA A 1 3  ? 29.457  -6.983  -5.220  1.00 17.59 ? 3  ALA A C    1 
ATOM 45   O O    . ALA A 1 3  ? 28.961  -5.888  -5.396  1.00 17.73 ? 3  ALA A O    1 
ATOM 46   C CB   . ALA A 1 3  ? 30.343  -7.660  -2.983  1.00 18.23 ? 3  ALA A CB   1 
ATOM 47   H H    . ALA A 1 3  ? 31.874  -5.619  -3.395  1.00 18.48 ? 3  ALA A H    1 
ATOM 48   H HA   . ALA A 1 3  ? 31.370  -7.885  -4.851  1.00 18.06 ? 3  ALA A HA   1 
ATOM 49   H HB1  . ALA A 1 3  ? 29.669  -6.956  -2.520  1.00 18.28 ? 3  ALA A HB1  1 
ATOM 50   H HB2  . ALA A 1 3  ? 31.233  -7.759  -2.378  1.00 18.30 ? 3  ALA A HB2  1 
ATOM 51   H HB3  . ALA A 1 3  ? 29.857  -8.621  -3.067  1.00 18.38 ? 3  ALA A HB3  1 
ATOM 52   N N    . ILE A 1 4  ? 28.941  -8.059  -5.749  1.00 17.22 ? 4  ILE A N    1 
ATOM 53   C CA   . ILE A 1 4  ? 27.713  -7.977  -6.592  1.00 16.95 ? 4  ILE A CA   1 
ATOM 54   C C    . ILE A 1 4  ? 26.467  -7.948  -5.706  1.00 16.44 ? 4  ILE A C    1 
ATOM 55   O O    . ILE A 1 4  ? 26.396  -8.618  -4.694  1.00 16.48 ? 4  ILE A O    1 
ATOM 56   C CB   . ILE A 1 4  ? 27.650  -9.202  -7.504  1.00 17.23 ? 4  ILE A CB   1 
ATOM 57   C CG1  . ILE A 1 4  ? 28.872  -9.214  -8.425  1.00 17.55 ? 4  ILE A CG1  1 
ATOM 58   C CG2  . ILE A 1 4  ? 26.374  -9.148  -8.348  1.00 17.35 ? 4  ILE A CG2  1 
ATOM 59   C CD1  . ILE A 1 4  ? 28.999  -10.589 -9.082  1.00 17.72 ? 4  ILE A CD1  1 
ATOM 60   H H    . ILE A 1 4  ? 29.368  -8.928  -5.596  1.00 17.21 ? 4  ILE A H    1 
ATOM 61   H HA   . ILE A 1 4  ? 27.748  -7.082  -7.196  1.00 17.08 ? 4  ILE A HA   1 
ATOM 62   H HB   . ILE A 1 4  ? 27.643  -10.098 -6.901  1.00 17.28 ? 4  ILE A HB   1 
ATOM 63   H HG12 . ILE A 1 4  ? 28.753  -8.459  -9.189  1.00 17.63 ? 4  ILE A HG12 1 
ATOM 64   H HG13 . ILE A 1 4  ? 29.760  -9.008  -7.848  1.00 17.75 ? 4  ILE A HG13 1 
ATOM 65   H HG21 . ILE A 1 4  ? 26.270  -8.164  -8.781  1.00 17.38 ? 4  ILE A HG21 1 
ATOM 66   H HG22 . ILE A 1 4  ? 26.434  -9.884  -9.136  1.00 17.33 ? 4  ILE A HG22 1 
ATOM 67   H HG23 . ILE A 1 4  ? 25.520  -9.359  -7.723  1.00 17.59 ? 4  ILE A HG23 1 
ATOM 68   H HD11 . ILE A 1 4  ? 28.043  -10.887 -9.486  1.00 17.93 ? 4  ILE A HD11 1 
ATOM 69   H HD12 . ILE A 1 4  ? 29.727  -10.542 -9.879  1.00 17.64 ? 4  ILE A HD12 1 
ATOM 70   H HD13 . ILE A 1 4  ? 29.320  -11.311 -8.345  1.00 17.86 ? 4  ILE A HD13 1 
ATOM 71   N N    . PHE A 1 5  ? 25.480  -7.181  -6.081  1.00 16.11 ? 5  PHE A N    1 
ATOM 72   C CA   . PHE A 1 5  ? 24.238  -7.115  -5.263  1.00 15.78 ? 5  PHE A CA   1 
ATOM 73   C C    . PHE A 1 5  ? 23.617  -8.512  -5.182  1.00 15.39 ? 5  PHE A C    1 
ATOM 74   O O    . PHE A 1 5  ? 23.652  -9.273  -6.129  1.00 15.53 ? 5  PHE A O    1 
ATOM 75   C CB   . PHE A 1 5  ? 23.245  -6.148  -5.914  1.00 15.91 ? 5  PHE A CB   1 
ATOM 76   C CG   . PHE A 1 5  ? 23.821  -4.752  -5.891  1.00 16.27 ? 5  PHE A CG   1 
ATOM 77   C CD1  . PHE A 1 5  ? 23.599  -3.921  -4.787  1.00 16.55 ? 5  PHE A CD1  1 
ATOM 78   C CD2  . PHE A 1 5  ? 24.575  -4.287  -6.976  1.00 16.49 ? 5  PHE A CD2  1 
ATOM 79   C CE1  . PHE A 1 5  ? 24.132  -2.626  -4.766  1.00 17.03 ? 5  PHE A CE1  1 
ATOM 80   C CE2  . PHE A 1 5  ? 25.107  -2.993  -6.956  1.00 16.98 ? 5  PHE A CE2  1 
ATOM 81   C CZ   . PHE A 1 5  ? 24.885  -2.162  -5.851  1.00 17.24 ? 5  PHE A CZ   1 
ATOM 82   H H    . PHE A 1 5  ? 25.556  -6.651  -6.902  1.00 16.19 ? 5  PHE A H    1 
ATOM 83   H HA   . PHE A 1 5  ? 24.478  -6.770  -4.269  1.00 15.90 ? 5  PHE A HA   1 
ATOM 84   H HB2  . PHE A 1 5  ? 23.066  -6.448  -6.936  1.00 15.85 ? 5  PHE A HB2  1 
ATOM 85   H HB3  . PHE A 1 5  ? 22.316  -6.162  -5.365  1.00 15.96 ? 5  PHE A HB3  1 
ATOM 86   H HD1  . PHE A 1 5  ? 23.018  -4.279  -3.950  1.00 16.50 ? 5  PHE A HD1  1 
ATOM 87   H HD2  . PHE A 1 5  ? 24.745  -4.928  -7.829  1.00 16.41 ? 5  PHE A HD2  1 
ATOM 88   H HE1  . PHE A 1 5  ? 23.962  -1.986  -3.913  1.00 17.35 ? 5  PHE A HE1  1 
ATOM 89   H HE2  . PHE A 1 5  ? 25.688  -2.634  -7.793  1.00 17.25 ? 5  PHE A HE2  1 
ATOM 90   H HZ   . PHE A 1 5  ? 25.297  -1.164  -5.835  1.00 17.70 ? 5  PHE A HZ   1 
ATOM 91   N N    . VAL A 1 6  ? 23.065  -8.859  -4.054  1.00 15.04 ? 6  VAL A N    1 
ATOM 92   C CA   . VAL A 1 6  ? 22.457  -10.213 -3.902  1.00 14.79 ? 6  VAL A CA   1 
ATOM 93   C C    . VAL A 1 6  ? 21.217  -10.327 -4.808  1.00 14.55 ? 6  VAL A C    1 
ATOM 94   O O    . VAL A 1 6  ? 21.170  -9.751  -5.877  1.00 14.58 ? 6  VAL A O    1 
ATOM 95   C CB   . VAL A 1 6  ? 22.106  -10.424 -2.410  1.00 14.86 ? 6  VAL A CB   1 
ATOM 96   C CG1  . VAL A 1 6  ? 20.754  -9.760  -2.050  1.00 15.09 ? 6  VAL A CG1  1 
ATOM 97   C CG2  . VAL A 1 6  ? 22.063  -11.931 -2.092  1.00 15.03 ? 6  VAL A CG2  1 
ATOM 98   H H    . VAL A 1 6  ? 23.058  -8.234  -3.300  1.00 15.04 ? 6  VAL A H    1 
ATOM 99   H HA   . VAL A 1 6  ? 23.183  -10.954 -4.206  1.00 14.93 ? 6  VAL A HA   1 
ATOM 100  H HB   . VAL A 1 6  ? 22.884  -9.966  -1.813  1.00 14.83 ? 6  VAL A HB   1 
ATOM 101  H HG11 . VAL A 1 6  ? 20.566  -8.928  -2.714  1.00 15.13 ? 6  VAL A HG11 1 
ATOM 102  H HG12 . VAL A 1 6  ? 19.951  -10.477 -2.139  1.00 15.14 ? 6  VAL A HG12 1 
ATOM 103  H HG13 . VAL A 1 6  ? 20.793  -9.398  -1.032  1.00 15.30 ? 6  VAL A HG13 1 
ATOM 104  H HG21 . VAL A 1 6  ? 21.593  -12.462 -2.904  1.00 15.26 ? 6  VAL A HG21 1 
ATOM 105  H HG22 . VAL A 1 6  ? 23.071  -12.297 -1.962  1.00 14.99 ? 6  VAL A HG22 1 
ATOM 106  H HG23 . VAL A 1 6  ? 21.503  -12.092 -1.182  1.00 15.14 ? 6  VAL A HG23 1 
ATOM 107  N N    . LEU A 1 7  ? 20.221  -11.072 -4.407  1.00 14.47 ? 7  LEU A N    1 
ATOM 108  C CA   . LEU A 1 7  ? 19.002  -11.224 -5.258  1.00 14.40 ? 7  LEU A CA   1 
ATOM 109  C C    . LEU A 1 7  ? 18.379  -9.838  -5.485  1.00 13.90 ? 7  LEU A C    1 
ATOM 110  O O    . LEU A 1 7  ? 18.267  -9.046  -4.571  1.00 13.91 ? 7  LEU A O    1 
ATOM 111  C CB   . LEU A 1 7  ? 18.007  -12.149 -4.519  1.00 14.97 ? 7  LEU A CB   1 
ATOM 112  C CG   . LEU A 1 7  ? 17.045  -12.888 -5.481  1.00 15.35 ? 7  LEU A CG   1 
ATOM 113  C CD1  . LEU A 1 7  ? 16.509  -11.955 -6.572  1.00 15.68 ? 7  LEU A CD1  1 
ATOM 114  C CD2  . LEU A 1 7  ? 17.754  -14.084 -6.130  1.00 15.83 ? 7  LEU A CD2  1 
ATOM 115  H H    . LEU A 1 7  ? 20.273  -11.536 -3.549  1.00 14.57 ? 7  LEU A H    1 
ATOM 116  H HA   . LEU A 1 7  ? 19.282  -11.657 -6.202  1.00 14.48 ? 7  LEU A HA   1 
ATOM 117  H HB2  . LEU A 1 7  ? 18.568  -12.883 -3.961  1.00 15.10 ? 7  LEU A HB2  1 
ATOM 118  H HB3  . LEU A 1 7  ? 17.425  -11.559 -3.824  1.00 15.14 ? 7  LEU A HB3  1 
ATOM 119  H HG   . LEU A 1 7  ? 16.206  -13.255 -4.906  1.00 15.24 ? 7  LEU A HG   1 
ATOM 120  H HD11 . LEU A 1 7  ? 16.188  -11.026 -6.129  1.00 15.76 ? 7  LEU A HD11 1 
ATOM 121  H HD12 . LEU A 1 7  ? 17.277  -11.767 -7.303  1.00 15.81 ? 7  LEU A HD12 1 
ATOM 122  H HD13 . LEU A 1 7  ? 15.666  -12.426 -7.057  1.00 15.85 ? 7  LEU A HD13 1 
ATOM 123  H HD21 . LEU A 1 7  ? 18.183  -14.710 -5.362  1.00 15.77 ? 7  LEU A HD21 1 
ATOM 124  H HD22 . LEU A 1 7  ? 17.036  -14.657 -6.699  1.00 16.05 ? 7  LEU A HD22 1 
ATOM 125  H HD23 . LEU A 1 7  ? 18.533  -13.737 -6.789  1.00 16.15 ? 7  LEU A HD23 1 
ATOM 126  N N    . ASN A 1 8  ? 17.980  -9.543  -6.701  1.00 13.63 ? 8  ASN A N    1 
ATOM 127  C CA   . ASN A 1 8  ? 17.365  -8.209  -7.008  1.00 13.29 ? 8  ASN A CA   1 
ATOM 128  C C    . ASN A 1 8  ? 16.029  -8.413  -7.729  1.00 12.82 ? 8  ASN A C    1 
ATOM 129  O O    . ASN A 1 8  ? 15.800  -9.424  -8.364  1.00 12.84 ? 8  ASN A O    1 
ATOM 130  C CB   . ASN A 1 8  ? 18.304  -7.416  -7.919  1.00 13.45 ? 8  ASN A CB   1 
ATOM 131  C CG   . ASN A 1 8  ? 19.619  -7.138  -7.188  1.00 13.72 ? 8  ASN A CG   1 
ATOM 132  O OD1  . ASN A 1 8  ? 20.641  -6.931  -7.813  1.00 13.79 ? 8  ASN A OD1  1 
ATOM 133  N ND2  . ASN A 1 8  ? 19.638  -7.125  -5.884  1.00 14.06 ? 8  ASN A ND2  1 
ATOM 134  H H    . ASN A 1 8  ? 18.088  -10.200 -7.418  1.00 13.76 ? 8  ASN A H    1 
ATOM 135  H HA   . ASN A 1 8  ? 17.196  -7.654  -6.096  1.00 13.46 ? 8  ASN A HA   1 
ATOM 136  H HB2  . ASN A 1 8  ? 18.502  -7.987  -8.815  1.00 13.41 ? 8  ASN A HB2  1 
ATOM 137  H HB3  . ASN A 1 8  ? 17.839  -6.479  -8.185  1.00 13.62 ? 8  ASN A HB3  1 
ATOM 138  H HD21 . ASN A 1 8  ? 18.815  -7.291  -5.380  1.00 14.12 ? 8  ASN A HD21 1 
ATOM 139  H HD22 . ASN A 1 8  ? 20.477  -6.948  -5.409  1.00 14.36 ? 8  ASN A HD22 1 
ATOM 140  N N    . ALA A 1 9  ? 15.145  -7.454  -7.637  1.00 12.57 ? 9  ALA A N    1 
ATOM 141  C CA   . ALA A 1 9  ? 13.821  -7.576  -8.316  1.00 12.28 ? 9  ALA A CA   1 
ATOM 142  C C    . ALA A 1 9  ? 13.935  -7.047  -9.747  1.00 11.84 ? 9  ALA A C    1 
ATOM 143  O O    . ALA A 1 9  ? 12.947  -6.804  -10.412 1.00 12.04 ? 9  ALA A O    1 
ATOM 144  C CB   . ALA A 1 9  ? 12.781  -6.752  -7.553  1.00 12.50 ? 9  ALA A CB   1 
ATOM 145  H H    . ALA A 1 9  ? 15.356  -6.647  -7.121  1.00 12.70 ? 9  ALA A H    1 
ATOM 146  H HA   . ALA A 1 9  ? 13.515  -8.612  -8.336  1.00 12.43 ? 9  ALA A HA   1 
ATOM 147  H HB1  . ALA A 1 9  ? 12.944  -5.701  -7.743  1.00 12.65 ? 9  ALA A HB1  1 
ATOM 148  H HB2  . ALA A 1 9  ? 12.874  -6.944  -6.495  1.00 12.61 ? 9  ALA A HB2  1 
ATOM 149  H HB3  . ALA A 1 9  ? 11.791  -7.028  -7.883  1.00 12.61 ? 9  ALA A HB3  1 
ATOM 150  N N    . GLN A 1 10 ? 15.136  -6.862  -10.225 1.00 11.42 ? 10 GLN A N    1 
ATOM 151  C CA   . GLN A 1 10 ? 15.319  -6.343  -11.610 1.00 11.16 ? 10 GLN A CA   1 
ATOM 152  C C    . GLN A 1 10 ? 14.673  -7.306  -12.607 1.00 10.55 ? 10 GLN A C    1 
ATOM 153  O O    . GLN A 1 10 ? 14.064  -6.897  -13.575 1.00 10.61 ? 10 GLN A O    1 
ATOM 154  C CB   . GLN A 1 10 ? 16.815  -6.225  -11.917 1.00 11.48 ? 10 GLN A CB   1 
ATOM 155  C CG   . GLN A 1 10 ? 17.422  -5.085  -11.094 1.00 11.97 ? 10 GLN A CG   1 
ATOM 156  C CD   . GLN A 1 10 ? 16.882  -3.738  -11.586 1.00 12.47 ? 10 GLN A CD   1 
ATOM 157  O OE1  . GLN A 1 10 ? 16.762  -2.806  -10.818 1.00 12.70 ? 10 GLN A OE1  1 
ATOM 158  N NE2  . GLN A 1 10 ? 16.557  -3.593  -12.842 1.00 12.83 ? 10 GLN A NE2  1 
ATOM 159  H H    . GLN A 1 10 ? 15.918  -7.060  -9.670  1.00 11.41 ? 10 GLN A H    1 
ATOM 160  H HA   . GLN A 1 10 ? 14.854  -5.373  -11.695 1.00 11.39 ? 10 GLN A HA   1 
ATOM 161  H HB2  . GLN A 1 10 ? 17.306  -7.154  -11.663 1.00 11.39 ? 10 GLN A HB2  1 
ATOM 162  H HB3  . GLN A 1 10 ? 16.952  -6.023  -12.967 1.00 11.69 ? 10 GLN A HB3  1 
ATOM 163  H HG2  . GLN A 1 10 ? 17.164  -5.217  -10.054 1.00 12.14 ? 10 GLN A HG2  1 
ATOM 164  H HG3  . GLN A 1 10 ? 18.496  -5.100  -11.202 1.00 12.00 ? 10 GLN A HG3  1 
ATOM 165  H HE21 . GLN A 1 10 ? 16.659  -4.340  -13.467 1.00 12.78 ? 10 GLN A HE21 1 
ATOM 166  H HE22 . GLN A 1 10 ? 16.211  -2.732  -13.161 1.00 13.28 ? 10 GLN A HE22 1 
ATOM 167  N N    . HIS A 1 11 ? 14.811  -8.585  -12.387 1.00 10.17 ? 11 HIS A N    1 
ATOM 168  C CA   . HIS A 1 11 ? 14.215  -9.571  -13.332 1.00 9.77  ? 11 HIS A CA   1 
ATOM 169  C C    . HIS A 1 11 ? 12.752  -9.215  -13.605 1.00 9.16  ? 11 HIS A C    1 
ATOM 170  O O    . HIS A 1 11 ? 12.394  -8.838  -14.703 1.00 9.25  ? 11 HIS A O    1 
ATOM 171  C CB   . HIS A 1 11 ? 14.289  -10.969 -12.712 1.00 10.00 ? 11 HIS A CB   1 
ATOM 172  C CG   . HIS A 1 11 ? 13.652  -11.966 -13.640 1.00 10.27 ? 11 HIS A CG   1 
ATOM 173  N ND1  . HIS A 1 11 ? 14.208  -12.297 -14.865 1.00 10.64 ? 11 HIS A ND1  1 
ATOM 174  C CD2  . HIS A 1 11 ? 12.506  -12.715 -13.534 1.00 10.49 ? 11 HIS A CD2  1 
ATOM 175  C CE1  . HIS A 1 11 ? 13.403  -13.208 -15.443 1.00 11.05 ? 11 HIS A CE1  1 
ATOM 176  N NE2  . HIS A 1 11 ? 12.351  -13.499 -14.673 1.00 10.99 ? 11 HIS A NE2  1 
ATOM 177  H H    . HIS A 1 11 ? 15.313  -8.896  -11.605 1.00 10.30 ? 11 HIS A H    1 
ATOM 178  H HA   . HIS A 1 11 ? 14.768  -9.561  -14.259 1.00 10.01 ? 11 HIS A HA   1 
ATOM 179  H HB2  . HIS A 1 11 ? 15.322  -11.237 -12.550 1.00 9.95  ? 11 HIS A HB2  1 
ATOM 180  H HB3  . HIS A 1 11 ? 13.764  -10.971 -11.768 1.00 10.29 ? 11 HIS A HB3  1 
ATOM 181  H HD1  . HIS A 1 11 ? 15.037  -11.934 -15.242 1.00 10.75 ? 11 HIS A HD1  1 
ATOM 182  H HD2  . HIS A 1 11 ? 11.829  -12.701 -12.693 1.00 10.47 ? 11 HIS A HD2  1 
ATOM 183  H HE1  . HIS A 1 11 ? 13.586  -13.650 -16.412 1.00 11.54 ? 11 HIS A HE1  1 
ATOM 184  N N    . ASP A 1 12 ? 11.903  -9.328  -12.620 1.00 8.78  ? 12 ASP A N    1 
ATOM 185  C CA   . ASP A 1 12 ? 10.463  -8.996  -12.831 1.00 8.41  ? 12 ASP A CA   1 
ATOM 186  C C    . ASP A 1 12 ? 9.792   -8.719  -11.484 1.00 7.70  ? 12 ASP A C    1 
ATOM 187  O O    . ASP A 1 12 ? 10.387  -8.880  -10.437 1.00 7.84  ? 12 ASP A O    1 
ATOM 188  C CB   . ASP A 1 12 ? 9.760   -10.173 -13.513 1.00 8.97  ? 12 ASP A CB   1 
ATOM 189  C CG   . ASP A 1 12 ? 10.236  -10.293 -14.961 1.00 9.57  ? 12 ASP A CG   1 
ATOM 190  O OD1  . ASP A 1 12 ? 10.276  -9.278  -15.637 1.00 10.08 ? 12 ASP A OD1  1 
ATOM 191  O OD2  . ASP A 1 12 ? 10.548  -11.399 -15.373 1.00 9.72  ? 12 ASP A OD2  1 
ATOM 192  H H    . ASP A 1 12 ? 12.211  -9.633  -11.741 1.00 8.91  ? 12 ASP A H    1 
ATOM 193  H HA   . ASP A 1 12 ? 10.384  -8.121  -13.458 1.00 8.55  ? 12 ASP A HA   1 
ATOM 194  H HB2  . ASP A 1 12 ? 9.991   -11.085 -12.982 1.00 8.94  ? 12 ASP A HB2  1 
ATOM 195  H HB3  . ASP A 1 12 ? 8.692   -10.011 -13.500 1.00 9.22  ? 12 ASP A HB3  1 
ATOM 196  N N    . GLU A 1 13 ? 8.552   -8.309  -11.505 1.00 7.20  ? 13 GLU A N    1 
ATOM 197  C CA   . GLU A 1 13 ? 7.831   -8.028  -10.231 1.00 6.75  ? 13 GLU A CA   1 
ATOM 198  C C    . GLU A 1 13 ? 7.272   -9.339  -9.678  1.00 5.96  ? 13 GLU A C    1 
ATOM 199  O O    . GLU A 1 13 ? 6.271   -9.360  -8.991  1.00 6.13  ? 13 GLU A O    1 
ATOM 200  C CB   . GLU A 1 13 ? 6.680   -7.055  -10.500 1.00 7.22  ? 13 GLU A CB   1 
ATOM 201  C CG   . GLU A 1 13 ? 7.247   -5.682  -10.860 1.00 7.84  ? 13 GLU A CG   1 
ATOM 202  C CD   . GLU A 1 13 ? 6.099   -4.708  -11.129 1.00 8.59  ? 13 GLU A CD   1 
ATOM 203  O OE1  . GLU A 1 13 ? 4.968   -5.159  -11.195 1.00 9.12  ? 13 GLU A OE1  1 
ATOM 204  O OE2  . GLU A 1 13 ? 6.371   -3.526  -11.262 1.00 8.85  ? 13 GLU A OE2  1 
ATOM 205  H H    . GLU A 1 13 ? 8.092   -8.192  -12.363 1.00 7.33  ? 13 GLU A H    1 
ATOM 206  H HA   . GLU A 1 13 ? 8.513   -7.592  -9.515  1.00 6.99  ? 13 GLU A HA   1 
ATOM 207  H HB2  . GLU A 1 13 ? 6.081   -7.425  -11.321 1.00 7.19  ? 13 GLU A HB2  1 
ATOM 208  H HB3  . GLU A 1 13 ? 6.067   -6.970  -9.616  1.00 7.45  ? 13 GLU A HB3  1 
ATOM 209  H HG2  . GLU A 1 13 ? 7.847   -5.315  -10.040 1.00 7.97  ? 13 GLU A HG2  1 
ATOM 210  H HG3  . GLU A 1 13 ? 7.861   -5.766  -11.745 1.00 7.94  ? 13 GLU A HG3  1 
ATOM 211  N N    . ALA A 1 14 ? 7.911   -10.434 -9.983  1.00 5.44  ? 14 ALA A N    1 
ATOM 212  C CA   . ALA A 1 14 ? 7.422   -11.752 -9.492  1.00 4.96  ? 14 ALA A CA   1 
ATOM 213  C C    . ALA A 1 14 ? 7.168   -11.685 -7.985  1.00 4.30  ? 14 ALA A C    1 
ATOM 214  O O    . ALA A 1 14 ? 6.494   -12.525 -7.423  1.00 4.43  ? 14 ALA A O    1 
ATOM 215  C CB   . ALA A 1 14 ? 8.470   -12.828 -9.787  1.00 5.39  ? 14 ALA A CB   1 
ATOM 216  H H    . ALA A 1 14 ? 8.713   -10.390 -10.547 1.00 5.62  ? 14 ALA A H    1 
ATOM 217  H HA   . ALA A 1 14 ? 6.504   -12.000 -9.995  1.00 5.21  ? 14 ALA A HA   1 
ATOM 218  H HB1  . ALA A 1 14 ? 9.397   -12.572 -9.294  1.00 5.62  ? 14 ALA A HB1  1 
ATOM 219  H HB2  . ALA A 1 14 ? 8.120   -13.782 -9.421  1.00 5.65  ? 14 ALA A HB2  1 
ATOM 220  H HB3  . ALA A 1 14 ? 8.633   -12.889 -10.853 1.00 5.65  ? 14 ALA A HB3  1 
ATOM 221  N N    . VAL A 1 15 ? 7.700   -10.694 -7.325  1.00 4.01  ? 15 VAL A N    1 
ATOM 222  C CA   . VAL A 1 15 ? 7.485   -10.576 -5.851  1.00 3.71  ? 15 VAL A CA   1 
ATOM 223  C C    . VAL A 1 15 ? 6.227   -9.741  -5.589  1.00 3.13  ? 15 VAL A C    1 
ATOM 224  O O    . VAL A 1 15 ? 6.223   -8.538  -5.760  1.00 3.40  ? 15 VAL A O    1 
ATOM 225  C CB   . VAL A 1 15 ? 8.694   -9.882  -5.218  1.00 4.37  ? 15 VAL A CB   1 
ATOM 226  C CG1  . VAL A 1 15 ? 8.542   -9.880  -3.697  1.00 5.04  ? 15 VAL A CG1  1 
ATOM 227  C CG2  . VAL A 1 15 ? 9.973   -10.630 -5.601  1.00 4.89  ? 15 VAL A CG2  1 
ATOM 228  H H    . VAL A 1 15 ? 8.238   -10.028 -7.799  1.00 4.29  ? 15 VAL A H    1 
ATOM 229  H HA   . VAL A 1 15 ? 7.365   -11.558 -5.416  1.00 3.88  ? 15 VAL A HA   1 
ATOM 230  H HB   . VAL A 1 15 ? 8.749   -8.863  -5.575  1.00 4.55  ? 15 VAL A HB   1 
ATOM 231  H HG11 . VAL A 1 15 ? 8.371   -10.888 -3.350  1.00 5.46  ? 15 VAL A HG11 1 
ATOM 232  H HG12 . VAL A 1 15 ? 9.445   -9.493  -3.246  1.00 5.29  ? 15 VAL A HG12 1 
ATOM 233  H HG13 . VAL A 1 15 ? 7.706   -9.257  -3.419  1.00 5.29  ? 15 VAL A HG13 1 
ATOM 234  H HG21 . VAL A 1 15 ? 9.879   -11.670 -5.323  1.00 5.21  ? 15 VAL A HG21 1 
ATOM 235  H HG22 . VAL A 1 15 ? 10.128  -10.556 -6.667  1.00 5.11  ? 15 VAL A HG22 1 
ATOM 236  H HG23 . VAL A 1 15 ? 10.814  -10.193 -5.084  1.00 5.16  ? 15 VAL A HG23 1 
ATOM 237  N N    . ASP A 1 16 ? 5.160   -10.372 -5.177  1.00 2.67  ? 16 ASP A N    1 
ATOM 238  C CA   . ASP A 1 16 ? 3.898   -9.620  -4.905  1.00 2.25  ? 16 ASP A CA   1 
ATOM 239  C C    . ASP A 1 16 ? 3.936   -9.030  -3.491  1.00 2.00  ? 16 ASP A C    1 
ATOM 240  O O    . ASP A 1 16 ? 3.268   -8.058  -3.196  1.00 2.47  ? 16 ASP A O    1 
ATOM 241  C CB   . ASP A 1 16 ? 2.705   -10.570 -5.029  1.00 2.31  ? 16 ASP A CB   1 
ATOM 242  C CG   . ASP A 1 16 ? 1.403   -9.766  -5.044  1.00 2.96  ? 16 ASP A CG   1 
ATOM 243  O OD1  . ASP A 1 16 ? 1.437   -8.612  -4.651  1.00 3.45  ? 16 ASP A OD1  1 
ATOM 244  O OD2  . ASP A 1 16 ? 0.393   -10.318 -5.451  1.00 3.42  ? 16 ASP A OD2  1 
ATOM 245  H H    . ASP A 1 16 ? 5.186   -11.343 -5.048  1.00 2.88  ? 16 ASP A H    1 
ATOM 246  H HA   . ASP A 1 16 ? 3.794   -8.820  -5.624  1.00 2.44  ? 16 ASP A HA   1 
ATOM 247  H HB2  . ASP A 1 16 ? 2.789   -11.134 -5.947  1.00 2.32  ? 16 ASP A HB2  1 
ATOM 248  H HB3  . ASP A 1 16 ? 2.696   -11.249 -4.189  1.00 2.42  ? 16 ASP A HB3  1 
ATOM 249  N N    . ALA A 1 17 ? 4.705   -9.615  -2.610  1.00 1.74  ? 17 ALA A N    1 
ATOM 250  C CA   . ALA A 1 17 ? 4.772   -9.094  -1.213  1.00 1.64  ? 17 ALA A CA   1 
ATOM 251  C C    . ALA A 1 17 ? 5.266   -7.647  -1.223  1.00 1.34  ? 17 ALA A C    1 
ATOM 252  O O    . ALA A 1 17 ? 4.728   -6.794  -0.546  1.00 1.86  ? 17 ALA A O    1 
ATOM 253  C CB   . ALA A 1 17 ? 5.741   -9.952  -0.398  1.00 2.03  ? 17 ALA A CB   1 
ATOM 254  H H    . ALA A 1 17 ? 5.229   -10.402 -2.865  1.00 2.00  ? 17 ALA A H    1 
ATOM 255  H HA   . ALA A 1 17 ? 3.790   -9.136  -0.764  1.00 1.77  ? 17 ALA A HA   1 
ATOM 256  H HB1  . ALA A 1 17 ? 5.521   -10.998 -0.561  1.00 2.24  ? 17 ALA A HB1  1 
ATOM 257  H HB2  . ALA A 1 17 ? 5.633   -9.722  0.651   1.00 2.41  ? 17 ALA A HB2  1 
ATOM 258  H HB3  . ALA A 1 17 ? 6.755   -9.745  -0.709  1.00 2.40  ? 17 ALA A HB3  1 
ATOM 259  N N    . ASN A 1 18 ? 6.287   -7.361  -1.980  1.00 0.95  ? 18 ASN A N    1 
ATOM 260  C CA   . ASN A 1 18 ? 6.808   -5.968  -2.025  1.00 0.77  ? 18 ASN A CA   1 
ATOM 261  C C    . ASN A 1 18 ? 5.710   -5.021  -2.515  1.00 0.65  ? 18 ASN A C    1 
ATOM 262  O O    . ASN A 1 18 ? 5.541   -3.933  -2.002  1.00 1.18  ? 18 ASN A O    1 
ATOM 263  C CB   . ASN A 1 18 ? 8.000   -5.899  -2.981  1.00 0.93  ? 18 ASN A CB   1 
ATOM 264  C CG   . ASN A 1 18 ? 8.533   -4.467  -3.024  1.00 1.47  ? 18 ASN A CG   1 
ATOM 265  O OD1  . ASN A 1 18 ? 8.284   -3.741  -3.967  1.00 2.24  ? 18 ASN A OD1  1 
ATOM 266  N ND2  . ASN A 1 18 ? 9.260   -4.025  -2.035  1.00 1.85  ? 18 ASN A ND2  1 
ATOM 267  H H    . ASN A 1 18 ? 6.710   -8.061  -2.518  1.00 1.25  ? 18 ASN A H    1 
ATOM 268  H HA   . ASN A 1 18 ? 7.124   -5.670  -1.036  1.00 0.92  ? 18 ASN A HA   1 
ATOM 269  H HB2  . ASN A 1 18 ? 8.779   -6.564  -2.634  1.00 1.22  ? 18 ASN A HB2  1 
ATOM 270  H HB3  . ASN A 1 18 ? 7.688   -6.195  -3.970  1.00 1.25  ? 18 ASN A HB3  1 
ATOM 271  H HD21 . ASN A 1 18 ? 9.459   -4.610  -1.274  1.00 2.04  ? 18 ASN A HD21 1 
ATOM 272  H HD22 . ASN A 1 18 ? 9.605   -3.108  -2.052  1.00 2.38  ? 18 ASN A HD22 1 
ATOM 273  N N    . SER A 1 19 ? 4.965   -5.425  -3.510  1.00 0.49  ? 19 SER A N    1 
ATOM 274  C CA   . SER A 1 19 ? 3.885   -4.543  -4.039  1.00 0.33  ? 19 SER A CA   1 
ATOM 275  C C    . SER A 1 19 ? 2.779   -4.381  -2.995  1.00 0.29  ? 19 SER A C    1 
ATOM 276  O O    . SER A 1 19 ? 2.252   -3.305  -2.801  1.00 0.28  ? 19 SER A O    1 
ATOM 277  C CB   . SER A 1 19 ? 3.299   -5.169  -5.302  1.00 0.41  ? 19 SER A CB   1 
ATOM 278  O OG   . SER A 1 19 ? 2.611   -6.364  -4.956  1.00 0.80  ? 19 SER A OG   1 
ATOM 279  H H    . SER A 1 19 ? 5.121   -6.303  -3.914  1.00 0.93  ? 19 SER A H    1 
ATOM 280  H HA   . SER A 1 19 ? 4.298   -3.574  -4.278  1.00 0.41  ? 19 SER A HA   1 
ATOM 281  H HB2  . SER A 1 19 ? 2.607   -4.483  -5.758  1.00 0.66  ? 19 SER A HB2  1 
ATOM 282  H HB3  . SER A 1 19 ? 4.097   -5.389  -5.997  1.00 0.81  ? 19 SER A HB3  1 
ATOM 283  H HG   . SER A 1 19 ? 2.699   -6.493  -4.009  1.00 1.24  ? 19 SER A HG   1 
ATOM 284  N N    . LEU A 1 20 ? 2.423   -5.437  -2.318  1.00 0.31  ? 20 LEU A N    1 
ATOM 285  C CA   . LEU A 1 20 ? 1.353   -5.324  -1.289  1.00 0.32  ? 20 LEU A CA   1 
ATOM 286  C C    . LEU A 1 20 ? 1.789   -4.329  -0.215  1.00 0.25  ? 20 LEU A C    1 
ATOM 287  O O    . LEU A 1 20 ? 1.047   -3.450  0.169   1.00 0.23  ? 20 LEU A O    1 
ATOM 288  C CB   . LEU A 1 20 ? 1.102   -6.701  -0.653  1.00 0.41  ? 20 LEU A CB   1 
ATOM 289  C CG   . LEU A 1 20 ? 0.291   -7.595  -1.620  1.00 0.45  ? 20 LEU A CG   1 
ATOM 290  C CD1  . LEU A 1 20 ? 0.588   -9.071  -1.338  1.00 0.99  ? 20 LEU A CD1  1 
ATOM 291  C CD2  . LEU A 1 20 ? -1.215  -7.350  -1.424  1.00 1.09  ? 20 LEU A CD2  1 
ATOM 292  H H    . LEU A 1 20 ? 2.859   -6.300  -2.483  1.00 0.35  ? 20 LEU A H    1 
ATOM 293  H HA   . LEU A 1 20 ? 0.447   -4.971  -1.755  1.00 0.36  ? 20 LEU A HA   1 
ATOM 294  H HB2  . LEU A 1 20 ? 2.053   -7.167  -0.438  1.00 0.49  ? 20 LEU A HB2  1 
ATOM 295  H HB3  . LEU A 1 20 ? 0.553   -6.575  0.269   1.00 0.50  ? 20 LEU A HB3  1 
ATOM 296  H HG   . LEU A 1 20 ? 0.562   -7.366  -2.641  1.00 1.21  ? 20 LEU A HG   1 
ATOM 297  H HD11 . LEU A 1 20 ? 0.538   -9.253  -0.275  1.00 1.55  ? 20 LEU A HD11 1 
ATOM 298  H HD12 . LEU A 1 20 ? -0.141  -9.689  -1.843  1.00 1.57  ? 20 LEU A HD12 1 
ATOM 299  H HD13 . LEU A 1 20 ? 1.576   -9.314  -1.698  1.00 1.64  ? 20 LEU A HD13 1 
ATOM 300  H HD21 . LEU A 1 20 ? -1.418  -6.291  -1.435  1.00 1.68  ? 20 LEU A HD21 1 
ATOM 301  H HD22 . LEU A 1 20 ? -1.763  -7.831  -2.221  1.00 1.72  ? 20 LEU A HD22 1 
ATOM 302  H HD23 . LEU A 1 20 ? -1.524  -7.765  -0.476  1.00 1.60  ? 20 LEU A HD23 1 
ATOM 303  N N    . ALA A 1 21 ? 2.989   -4.460  0.276   1.00 0.24  ? 21 ALA A N    1 
ATOM 304  C CA   . ALA A 1 21 ? 3.466   -3.525  1.325   1.00 0.22  ? 21 ALA A CA   1 
ATOM 305  C C    . ALA A 1 21 ? 3.467   -2.089  0.794   1.00 0.18  ? 21 ALA A C    1 
ATOM 306  O O    . ALA A 1 21 ? 2.966   -1.184  1.430   1.00 0.19  ? 21 ALA A O    1 
ATOM 307  C CB   . ALA A 1 21 ? 4.884   -3.917  1.752   1.00 0.27  ? 21 ALA A CB   1 
ATOM 308  H H    . ALA A 1 21 ? 3.573   -5.176  -0.042  1.00 0.28  ? 21 ALA A H    1 
ATOM 309  H HA   . ALA A 1 21 ? 2.807   -3.588  2.175   1.00 0.25  ? 21 ALA A HA   1 
ATOM 310  H HB1  . ALA A 1 21 ? 4.948   -4.990  1.846   1.00 1.01  ? 21 ALA A HB1  1 
ATOM 311  H HB2  . ALA A 1 21 ? 5.592   -3.579  1.007   1.00 1.05  ? 21 ALA A HB2  1 
ATOM 312  H HB3  . ALA A 1 21 ? 5.114   -3.458  2.701   1.00 1.05  ? 21 ALA A HB3  1 
ATOM 313  N N    . GLU A 1 22 ? 4.036   -1.866  -0.359  1.00 0.18  ? 22 GLU A N    1 
ATOM 314  C CA   . GLU A 1 22 ? 4.078   -0.482  -0.909  1.00 0.19  ? 22 GLU A CA   1 
ATOM 315  C C    . GLU A 1 22 ? 2.658   0.030   -1.156  1.00 0.18  ? 22 GLU A C    1 
ATOM 316  O O    . GLU A 1 22 ? 2.345   1.171   -0.883  1.00 0.21  ? 22 GLU A O    1 
ATOM 317  C CB   . GLU A 1 22 ? 4.860   -0.483  -2.223  1.00 0.24  ? 22 GLU A CB   1 
ATOM 318  C CG   . GLU A 1 22 ? 5.112   0.956   -2.673  1.00 0.50  ? 22 GLU A CG   1 
ATOM 319  C CD   . GLU A 1 22 ? 5.925   0.946   -3.968  1.00 0.68  ? 22 GLU A CD   1 
ATOM 320  O OE1  . GLU A 1 22 ? 6.400   -0.115  -4.337  1.00 1.15  ? 22 GLU A OE1  1 
ATOM 321  O OE2  . GLU A 1 22 ? 6.061   2.000   -4.568  1.00 1.27  ? 22 GLU A OE2  1 
ATOM 322  H H    . GLU A 1 22 ? 4.444   -2.606  -0.858  1.00 0.19  ? 22 GLU A H    1 
ATOM 323  H HA   . GLU A 1 22 ? 4.571   0.167   -0.200  1.00 0.22  ? 22 GLU A HA   1 
ATOM 324  H HB2  . GLU A 1 22 ? 5.804   -0.987  -2.078  1.00 0.41  ? 22 GLU A HB2  1 
ATOM 325  H HB3  . GLU A 1 22 ? 4.287   -0.998  -2.979  1.00 0.42  ? 22 GLU A HB3  1 
ATOM 326  H HG2  . GLU A 1 22 ? 4.166   1.449   -2.843  1.00 0.61  ? 22 GLU A HG2  1 
ATOM 327  H HG3  . GLU A 1 22 ? 5.661   1.483   -1.907  1.00 0.68  ? 22 GLU A HG3  1 
ATOM 328  N N    . ALA A 1 23 ? 1.794   -0.801  -1.670  1.00 0.18  ? 23 ALA A N    1 
ATOM 329  C CA   . ALA A 1 23 ? 0.399   -0.348  -1.926  1.00 0.19  ? 23 ALA A CA   1 
ATOM 330  C C    . ALA A 1 23 ? -0.234  0.092   -0.609  1.00 0.15  ? 23 ALA A C    1 
ATOM 331  O O    . ALA A 1 23 ? -0.904  1.103   -0.537  1.00 0.16  ? 23 ALA A O    1 
ATOM 332  C CB   . ALA A 1 23 ? -0.414  -1.498  -2.525  1.00 0.23  ? 23 ALA A CB   1 
ATOM 333  H H    . ALA A 1 23 ? 2.061   -1.719  -1.884  1.00 0.20  ? 23 ALA A H    1 
ATOM 334  H HA   . ALA A 1 23 ? 0.411   0.483   -2.617  1.00 0.22  ? 23 ALA A HA   1 
ATOM 335  H HB1  . ALA A 1 23 ? 0.000   -1.769  -3.485  1.00 1.06  ? 23 ALA A HB1  1 
ATOM 336  H HB2  . ALA A 1 23 ? -1.440  -1.185  -2.650  1.00 1.04  ? 23 ALA A HB2  1 
ATOM 337  H HB3  . ALA A 1 23 ? -0.374  -2.349  -1.861  1.00 1.02  ? 23 ALA A HB3  1 
ATOM 338  N N    . LYS A 1 24 ? -0.026  -0.659  0.437   1.00 0.15  ? 24 LYS A N    1 
ATOM 339  C CA   . LYS A 1 24 ? -0.614  -0.280  1.749   1.00 0.18  ? 24 LYS A CA   1 
ATOM 340  C C    . LYS A 1 24 ? 0.099   0.967   2.278   1.00 0.19  ? 24 LYS A C    1 
ATOM 341  O O    . LYS A 1 24 ? -0.514  1.857   2.832   1.00 0.26  ? 24 LYS A O    1 
ATOM 342  C CB   . LYS A 1 24 ? -0.423  -1.433  2.735   1.00 0.22  ? 24 LYS A CB   1 
ATOM 343  C CG   . LYS A 1 24 ? -1.248  -2.642  2.282   1.00 0.21  ? 24 LYS A CG   1 
ATOM 344  C CD   . LYS A 1 24 ? -1.047  -3.786  3.277   1.00 0.27  ? 24 LYS A CD   1 
ATOM 345  C CE   . LYS A 1 24 ? -1.714  -5.058  2.749   1.00 0.53  ? 24 LYS A CE   1 
ATOM 346  N NZ   . LYS A 1 24 ? -1.637  -6.124  3.789   1.00 1.23  ? 24 LYS A NZ   1 
ATOM 347  H H    . LYS A 1 24 ? 0.522   -1.471  0.361   1.00 0.17  ? 24 LYS A H    1 
ATOM 348  H HA   . LYS A 1 24 ? -1.668  -0.074  1.630   1.00 0.19  ? 24 LYS A HA   1 
ATOM 349  H HB2  . LYS A 1 24 ? 0.623   -1.703  2.771   1.00 0.25  ? 24 LYS A HB2  1 
ATOM 350  H HB3  . LYS A 1 24 ? -0.749  -1.124  3.716   1.00 0.27  ? 24 LYS A HB3  1 
ATOM 351  H HG2  . LYS A 1 24 ? -2.297  -2.371  2.247   1.00 0.23  ? 24 LYS A HG2  1 
ATOM 352  H HG3  . LYS A 1 24 ? -0.927  -2.956  1.302   1.00 0.20  ? 24 LYS A HG3  1 
ATOM 353  H HD2  . LYS A 1 24 ? 0.012   -3.963  3.410   1.00 0.58  ? 24 LYS A HD2  1 
ATOM 354  H HD3  . LYS A 1 24 ? -1.487  -3.519  4.226   1.00 0.64  ? 24 LYS A HD3  1 
ATOM 355  H HE2  . LYS A 1 24 ? -2.746  -4.854  2.516   1.00 0.57  ? 24 LYS A HE2  1 
ATOM 356  H HE3  . LYS A 1 24 ? -1.202  -5.390  1.858   1.00 0.82  ? 24 LYS A HE3  1 
ATOM 357  H HZ1  . LYS A 1 24 ? -1.809  -5.707  4.726   1.00 1.81  ? 24 LYS A HZ1  1 
ATOM 358  H HZ2  . LYS A 1 24 ? -2.356  -6.848  3.598   1.00 1.57  ? 24 LYS A HZ2  1 
ATOM 359  H HZ3  . LYS A 1 24 ? -0.692  -6.558  3.771   1.00 1.73  ? 24 LYS A HZ3  1 
ATOM 360  N N    . VAL A 1 25 ? 1.394   1.036   2.110   1.00 0.19  ? 25 VAL A N    1 
ATOM 361  C CA   . VAL A 1 25 ? 2.147   2.224   2.601   1.00 0.23  ? 25 VAL A CA   1 
ATOM 362  C C    . VAL A 1 25 ? 1.711   3.466   1.818   1.00 0.24  ? 25 VAL A C    1 
ATOM 363  O O    . VAL A 1 25 ? 1.465   4.513   2.382   1.00 0.27  ? 25 VAL A O    1 
ATOM 364  C CB   . VAL A 1 25 ? 3.651   1.987   2.416   1.00 0.27  ? 25 VAL A CB   1 
ATOM 365  C CG1  . VAL A 1 25 ? 4.426   3.282   2.680   1.00 0.34  ? 25 VAL A CG1  1 
ATOM 366  C CG2  . VAL A 1 25 ? 4.117   0.910   3.398   1.00 0.29  ? 25 VAL A CG2  1 
ATOM 367  H H    . VAL A 1 25 ? 1.869   0.307   1.660   1.00 0.20  ? 25 VAL A H    1 
ATOM 368  H HA   . VAL A 1 25 ? 1.937   2.369   3.647   1.00 0.26  ? 25 VAL A HA   1 
ATOM 369  H HB   . VAL A 1 25 ? 3.837   1.661   1.406   1.00 0.27  ? 25 VAL A HB   1 
ATOM 370  H HG11 . VAL A 1 25 ? 4.054   3.748   3.580   1.00 1.08  ? 25 VAL A HG11 1 
ATOM 371  H HG12 . VAL A 1 25 ? 5.475   3.055   2.800   1.00 1.07  ? 25 VAL A HG12 1 
ATOM 372  H HG13 . VAL A 1 25 ? 4.297   3.956   1.846   1.00 1.03  ? 25 VAL A HG13 1 
ATOM 373  H HG21 . VAL A 1 25 ? 3.442   0.068   3.355   1.00 1.01  ? 25 VAL A HG21 1 
ATOM 374  H HG22 . VAL A 1 25 ? 5.112   0.587   3.131   1.00 1.06  ? 25 VAL A HG22 1 
ATOM 375  H HG23 . VAL A 1 25 ? 4.124   1.314   4.399   1.00 1.02  ? 25 VAL A HG23 1 
ATOM 376  N N    . LEU A 1 26 ? 1.617   3.360   0.519   1.00 0.22  ? 26 LEU A N    1 
ATOM 377  C CA   . LEU A 1 26 ? 1.203   4.537   -0.297  1.00 0.25  ? 26 LEU A CA   1 
ATOM 378  C C    . LEU A 1 26 ? -0.236  4.932   0.047   1.00 0.23  ? 26 LEU A C    1 
ATOM 379  O O    . LEU A 1 26 ? -0.563  6.099   0.134   1.00 0.28  ? 26 LEU A O    1 
ATOM 380  C CB   . LEU A 1 26 ? 1.287   4.183   -1.786  1.00 0.26  ? 26 LEU A CB   1 
ATOM 381  C CG   . LEU A 1 26 ? 2.753   4.034   -2.216  1.00 0.31  ? 26 LEU A CG   1 
ATOM 382  C CD1  . LEU A 1 26 ? 2.798   3.560   -3.674  1.00 0.73  ? 26 LEU A CD1  1 
ATOM 383  C CD2  . LEU A 1 26 ? 3.497   5.381   -2.077  1.00 0.78  ? 26 LEU A CD2  1 
ATOM 384  H H    . LEU A 1 26 ? 1.823   2.507   0.081   1.00 0.20  ? 26 LEU A H    1 
ATOM 385  H HA   . LEU A 1 26 ? 1.856   5.368   -0.084  1.00 0.29  ? 26 LEU A HA   1 
ATOM 386  H HB2  . LEU A 1 26 ? 0.770   3.251   -1.960  1.00 0.29  ? 26 LEU A HB2  1 
ATOM 387  H HB3  . LEU A 1 26 ? 0.822   4.964   -2.367  1.00 0.23  ? 26 LEU A HB3  1 
ATOM 388  H HG   . LEU A 1 26 ? 3.230   3.292   -1.589  1.00 0.68  ? 26 LEU A HG   1 
ATOM 389  H HD11 . LEU A 1 26 ? 2.299   4.284   -4.302  1.00 1.42  ? 26 LEU A HD11 1 
ATOM 390  H HD12 . LEU A 1 26 ? 3.826   3.460   -3.989  1.00 1.25  ? 26 LEU A HD12 1 
ATOM 391  H HD13 . LEU A 1 26 ? 2.301   2.606   -3.759  1.00 1.36  ? 26 LEU A HD13 1 
ATOM 392  H HD21 . LEU A 1 26 ? 2.804   6.202   -2.199  1.00 1.38  ? 26 LEU A HD21 1 
ATOM 393  H HD22 . LEU A 1 26 ? 3.949   5.439   -1.096  1.00 1.40  ? 26 LEU A HD22 1 
ATOM 394  H HD23 . LEU A 1 26 ? 4.272   5.454   -2.828  1.00 1.38  ? 26 LEU A HD23 1 
ATOM 395  N N    . ALA A 1 27 ? -1.099  3.974   0.242   1.00 0.18  ? 27 ALA A N    1 
ATOM 396  C CA   . ALA A 1 27 ? -2.513  4.305   0.578   1.00 0.18  ? 27 ALA A CA   1 
ATOM 397  C C    . ALA A 1 27 ? -2.569  4.942   1.968   1.00 0.16  ? 27 ALA A C    1 
ATOM 398  O O    . ALA A 1 27 ? -3.310  5.875   2.207   1.00 0.19  ? 27 ALA A O    1 
ATOM 399  C CB   . ALA A 1 27 ? -3.359  3.031   0.561   1.00 0.20  ? 27 ALA A CB   1 
ATOM 400  H H    . ALA A 1 27 ? -0.819  3.038   0.166   1.00 0.16  ? 27 ALA A H    1 
ATOM 401  H HA   . ALA A 1 27 ? -2.900  5.003   -0.150  1.00 0.22  ? 27 ALA A HA   1 
ATOM 402  H HB1  . ALA A 1 27 ? -2.979  2.337   1.296   1.00 1.03  ? 27 ALA A HB1  1 
ATOM 403  H HB2  . ALA A 1 27 ? -4.384  3.276   0.795   1.00 1.02  ? 27 ALA A HB2  1 
ATOM 404  H HB3  . ALA A 1 27 ? -3.311  2.580   -0.419  1.00 1.02  ? 27 ALA A HB3  1 
ATOM 405  N N    . ASN A 1 28 ? -1.791  4.441   2.886   1.00 0.15  ? 28 ASN A N    1 
ATOM 406  C CA   . ASN A 1 28 ? -1.794  5.010   4.264   1.00 0.14  ? 28 ASN A CA   1 
ATOM 407  C C    . ASN A 1 28 ? -1.392  6.485   4.208   1.00 0.15  ? 28 ASN A C    1 
ATOM 408  O O    . ASN A 1 28 ? -1.921  7.312   4.924   1.00 0.18  ? 28 ASN A O    1 
ATOM 409  C CB   . ASN A 1 28 ? -0.798  4.243   5.133   1.00 0.15  ? 28 ASN A CB   1 
ATOM 410  C CG   . ASN A 1 28 ? -0.924  4.713   6.583   1.00 0.17  ? 28 ASN A CG   1 
ATOM 411  O OD1  . ASN A 1 28 ? -1.123  5.884   6.839   1.00 0.22  ? 28 ASN A OD1  1 
ATOM 412  N ND2  . ASN A 1 28 ? -0.823  3.841   7.548   1.00 0.22  ? 28 ASN A ND2  1 
ATOM 413  H H    . ASN A 1 28 ? -1.203  3.688   2.670   1.00 0.16  ? 28 ASN A H    1 
ATOM 414  H HA   . ASN A 1 28 ? -2.783  4.922   4.688   1.00 0.16  ? 28 ASN A HA   1 
ATOM 415  H HB2  . ASN A 1 28 ? -1.007  3.185   5.075   1.00 0.16  ? 28 ASN A HB2  1 
ATOM 416  H HB3  . ASN A 1 28 ? 0.207   4.431   4.782   1.00 0.17  ? 28 ASN A HB3  1 
ATOM 417  H HD21 . ASN A 1 28 ? -0.668  2.896   7.339   1.00 0.28  ? 28 ASN A HD21 1 
ATOM 418  H HD22 . ASN A 1 28 ? -0.904  4.131   8.480   1.00 0.24  ? 28 ASN A HD22 1 
ATOM 419  N N    . ARG A 1 29 ? -0.452  6.818   3.367   1.00 0.18  ? 29 ARG A N    1 
ATOM 420  C CA   . ARG A 1 29 ? 0.001   8.235   3.264   1.00 0.22  ? 29 ARG A CA   1 
ATOM 421  C C    . ARG A 1 29 ? -1.174  9.130   2.861   1.00 0.19  ? 29 ARG A C    1 
ATOM 422  O O    . ARG A 1 29 ? -1.320  10.232  3.351   1.00 0.21  ? 29 ARG A O    1 
ATOM 423  C CB   . ARG A 1 29 ? 1.104   8.341   2.206   1.00 0.31  ? 29 ARG A CB   1 
ATOM 424  C CG   . ARG A 1 29 ? 2.395   7.663   2.701   1.00 1.18  ? 29 ARG A CG   1 
ATOM 425  C CD   . ARG A 1 29 ? 3.154   8.564   3.690   1.00 1.46  ? 29 ARG A CD   1 
ATOM 426  N NE   . ARG A 1 29 ? 3.245   9.967   3.164   1.00 2.22  ? 29 ARG A NE   1 
ATOM 427  C CZ   . ARG A 1 29 ? 3.762   10.230  1.993   1.00 2.79  ? 29 ARG A CZ   1 
ATOM 428  N NH1  . ARG A 1 29 ? 4.387   9.304   1.320   1.00 2.95  ? 29 ARG A NH1  1 
ATOM 429  N NH2  . ARG A 1 29 ? 3.701   11.444  1.516   1.00 3.73  ? 29 ARG A NH2  1 
ATOM 430  H H    . ARG A 1 29 ? -0.035  6.130   2.805   1.00 0.22  ? 29 ARG A H    1 
ATOM 431  H HA   . ARG A 1 29 ? 0.381   8.559   4.219   1.00 0.26  ? 29 ARG A HA   1 
ATOM 432  H HB2  . ARG A 1 29 ? 0.772   7.854   1.300   1.00 0.93  ? 29 ARG A HB2  1 
ATOM 433  H HB3  . ARG A 1 29 ? 1.297   9.380   1.995   1.00 0.98  ? 29 ARG A HB3  1 
ATOM 434  H HG2  . ARG A 1 29 ? 2.135   6.738   3.197   1.00 1.75  ? 29 ARG A HG2  1 
ATOM 435  H HG3  . ARG A 1 29 ? 3.025   7.440   1.857   1.00 1.72  ? 29 ARG A HG3  1 
ATOM 436  H HD2  . ARG A 1 29 ? 2.626   8.601   4.621   1.00 1.82  ? 29 ARG A HD2  1 
ATOM 437  H HD3  . ARG A 1 29 ? 4.141   8.139   3.868   1.00 1.68  ? 29 ARG A HD3  1 
ATOM 438  H HE   . ARG A 1 29 ? 2.859   10.699  3.690   1.00 2.75  ? 29 ARG A HE   1 
ATOM 439  H HH11 . ARG A 1 29 ? 4.479   8.385   1.700   1.00 4.08  ? 29 ARG A HH11 1 
ATOM 440  H HH12 . ARG A 1 29 ? 4.776   9.513   0.423   1.00 4.29  ? 29 ARG A HH12 1 
ATOM 441  H HH21 . ARG A 1 29 ? 3.259   12.167  2.047   1.00 2.68  ? 29 ARG A HH21 1 
ATOM 442  H HH22 . ARG A 1 29 ? 4.095   11.650  0.621   1.00 3.70  ? 29 ARG A HH22 1 
ATOM 443  N N    . GLU A 1 30 ? -2.011  8.677   1.968   1.00 0.21  ? 30 GLU A N    1 
ATOM 444  C CA   . GLU A 1 30 ? -3.166  9.520   1.542   1.00 0.28  ? 30 GLU A CA   1 
ATOM 445  C C    . GLU A 1 30 ? -4.045  9.832   2.752   1.00 0.27  ? 30 GLU A C    1 
ATOM 446  O O    . GLU A 1 30 ? -4.537  10.932  2.906   1.00 0.33  ? 30 GLU A O    1 
ATOM 447  C CB   . GLU A 1 30 ? -3.990  8.761   0.498   1.00 0.37  ? 30 GLU A CB   1 
ATOM 448  C CG   . GLU A 1 30 ? -3.273  8.805   -0.849  1.00 0.60  ? 30 GLU A CG   1 
ATOM 449  C CD   . GLU A 1 30 ? -4.081  8.020   -1.884  1.00 0.64  ? 30 GLU A CD   1 
ATOM 450  O OE1  . GLU A 1 30 ? -5.015  7.343   -1.489  1.00 1.33  ? 30 GLU A OE1  1 
ATOM 451  O OE2  . GLU A 1 30 ? -3.749  8.107   -3.055  1.00 1.39  ? 30 GLU A OE2  1 
ATOM 452  H H    . GLU A 1 30 ? -1.880  7.787   1.578   1.00 0.23  ? 30 GLU A H    1 
ATOM 453  H HA   . GLU A 1 30 ? -2.803  10.440  1.116   1.00 0.33  ? 30 GLU A HA   1 
ATOM 454  H HB2  . GLU A 1 30 ? -4.108  7.733   0.810   1.00 0.86  ? 30 GLU A HB2  1 
ATOM 455  H HB3  . GLU A 1 30 ? -4.962  9.221   0.399   1.00 0.74  ? 30 GLU A HB3  1 
ATOM 456  H HG2  . GLU A 1 30 ? -3.182  9.835   -1.167  1.00 1.19  ? 30 GLU A HG2  1 
ATOM 457  H HG3  . GLU A 1 30 ? -2.291  8.368   -0.750  1.00 1.37  ? 30 GLU A HG3  1 
ATOM 458  N N    . LEU A 1 31 ? -4.241  8.877   3.610   1.00 0.23  ? 31 LEU A N    1 
ATOM 459  C CA   . LEU A 1 31 ? -5.085  9.120   4.812   1.00 0.28  ? 31 LEU A CA   1 
ATOM 460  C C    . LEU A 1 31 ? -4.365  10.111  5.718   1.00 0.32  ? 31 LEU A C    1 
ATOM 461  O O    . LEU A 1 31 ? -4.954  11.015  6.278   1.00 0.43  ? 31 LEU A O    1 
ATOM 462  C CB   . LEU A 1 31 ? -5.264  7.802   5.563   1.00 0.26  ? 31 LEU A CB   1 
ATOM 463  C CG   . LEU A 1 31 ? -5.678  6.721   4.570   1.00 0.25  ? 31 LEU A CG   1 
ATOM 464  C CD1  . LEU A 1 31 ? -5.925  5.402   5.312   1.00 0.27  ? 31 LEU A CD1  1 
ATOM 465  C CD2  . LEU A 1 31 ? -6.953  7.158   3.833   1.00 0.33  ? 31 LEU A CD2  1 
ATOM 466  H H    . LEU A 1 31 ? -3.832  8.000   3.468   1.00 0.21  ? 31 LEU A H    1 
ATOM 467  H HA   . LEU A 1 31 ? -6.049  9.513   4.520   1.00 0.33  ? 31 LEU A HA   1 
ATOM 468  H HB2  . LEU A 1 31 ? -4.330  7.524   6.034   1.00 0.31  ? 31 LEU A HB2  1 
ATOM 469  H HB3  . LEU A 1 31 ? -6.031  7.913   6.315   1.00 0.25  ? 31 LEU A HB3  1 
ATOM 470  H HG   . LEU A 1 31 ? -4.877  6.582   3.858   1.00 0.24  ? 31 LEU A HG   1 
ATOM 471  H HD11 . LEU A 1 31 ? -6.484  5.594   6.215   1.00 1.05  ? 31 LEU A HD11 1 
ATOM 472  H HD12 . LEU A 1 31 ? -6.486  4.732   4.677   1.00 1.05  ? 31 LEU A HD12 1 
ATOM 473  H HD13 . LEU A 1 31 ? -4.978  4.949   5.564   1.00 1.04  ? 31 LEU A HD13 1 
ATOM 474  H HD21 . LEU A 1 31 ? -7.615  7.671   4.518   1.00 1.10  ? 31 LEU A HD21 1 
ATOM 475  H HD22 . LEU A 1 31 ? -6.691  7.824   3.025   1.00 1.03  ? 31 LEU A HD22 1 
ATOM 476  H HD23 . LEU A 1 31 ? -7.458  6.291   3.431   1.00 1.07  ? 31 LEU A HD23 1 
ATOM 477  N N    . ASP A 1 32 ? -3.088  9.928   5.864   1.00 0.28  ? 32 ASP A N    1 
ATOM 478  C CA   . ASP A 1 32 ? -2.284  10.825  6.728   1.00 0.35  ? 32 ASP A CA   1 
ATOM 479  C C    . ASP A 1 32 ? -2.368  12.268  6.217   1.00 0.42  ? 32 ASP A C    1 
ATOM 480  O O    . ASP A 1 32 ? -2.507  13.197  6.988   1.00 0.54  ? 32 ASP A O    1 
ATOM 481  C CB   . ASP A 1 32 ? -0.837  10.338  6.698   1.00 0.38  ? 32 ASP A CB   1 
ATOM 482  C CG   . ASP A 1 32 ? 0.038   11.232  7.584   1.00 0.54  ? 32 ASP A CG   1 
ATOM 483  O OD1  . ASP A 1 32 ? -0.406  12.315  7.927   1.00 1.14  ? 32 ASP A OD1  1 
ATOM 484  O OD2  . ASP A 1 32 ? 1.136   10.813  7.909   1.00 1.12  ? 32 ASP A OD2  1 
ATOM 485  H H    . ASP A 1 32 ? -2.650  9.184   5.400   1.00 0.24  ? 32 ASP A H    1 
ATOM 486  H HA   . ASP A 1 32 ? -2.656  10.779  7.740   1.00 0.36  ? 32 ASP A HA   1 
ATOM 487  H HB2  . ASP A 1 32 ? -0.800  9.319   7.058   1.00 0.40  ? 32 ASP A HB2  1 
ATOM 488  H HB3  . ASP A 1 32 ? -0.472  10.370  5.682   1.00 0.34  ? 32 ASP A HB3  1 
ATOM 489  N N    . LYS A 1 33 ? -2.274  12.473  4.928   1.00 0.38  ? 33 LYS A N    1 
ATOM 490  C CA   . LYS A 1 33 ? -2.340  13.866  4.396   1.00 0.46  ? 33 LYS A CA   1 
ATOM 491  C C    . LYS A 1 33 ? -3.737  14.439  4.641   1.00 0.42  ? 33 LYS A C    1 
ATOM 492  O O    . LYS A 1 33 ? -3.892  15.591  4.996   1.00 0.46  ? 33 LYS A O    1 
ATOM 493  C CB   . LYS A 1 33 ? -2.049  13.860  2.892   1.00 0.58  ? 33 LYS A CB   1 
ATOM 494  C CG   . LYS A 1 33 ? -0.572  13.524  2.660   1.00 0.74  ? 33 LYS A CG   1 
ATOM 495  C CD   . LYS A 1 33 ? -0.222  13.701  1.178   1.00 1.34  ? 33 LYS A CD   1 
ATOM 496  C CE   . LYS A 1 33 ? -0.911  12.620  0.337   1.00 1.16  ? 33 LYS A CE   1 
ATOM 497  N NZ   . LYS A 1 33 ? -0.238  12.517  -0.989  1.00 1.78  ? 33 LYS A NZ   1 
ATOM 498  H H    . LYS A 1 33 ? -2.154  11.716  4.316   1.00 0.32  ? 33 LYS A H    1 
ATOM 499  H HA   . LYS A 1 33 ? -1.607  14.478  4.902   1.00 0.51  ? 33 LYS A HA   1 
ATOM 500  H HB2  . LYS A 1 33 ? -2.670  13.120  2.408   1.00 0.84  ? 33 LYS A HB2  1 
ATOM 501  H HB3  . LYS A 1 33 ? -2.262  14.835  2.481   1.00 0.83  ? 33 LYS A HB3  1 
ATOM 502  H HG2  . LYS A 1 33 ? 0.041   14.185  3.256   1.00 1.03  ? 33 LYS A HG2  1 
ATOM 503  H HG3  . LYS A 1 33 ? -0.388  12.502  2.955   1.00 1.27  ? 33 LYS A HG3  1 
ATOM 504  H HD2  . LYS A 1 33 ? -0.549  14.676  0.846   1.00 2.10  ? 33 LYS A HD2  1 
ATOM 505  H HD3  . LYS A 1 33 ? 0.848   13.621  1.052   1.00 1.88  ? 33 LYS A HD3  1 
ATOM 506  H HE2  . LYS A 1 33 ? -0.846  11.670  0.843   1.00 1.11  ? 33 LYS A HE2  1 
ATOM 507  H HE3  . LYS A 1 33 ? -1.949  12.882  0.193   1.00 1.43  ? 33 LYS A HE3  1 
ATOM 508  H HZ1  . LYS A 1 33 ? 0.551   13.193  -1.032  1.00 2.19  ? 33 LYS A HZ1  1 
ATOM 509  H HZ2  . LYS A 1 33 ? 0.128   11.552  -1.118  1.00 2.13  ? 33 LYS A HZ2  1 
ATOM 510  H HZ3  . LYS A 1 33 ? -0.922  12.732  -1.743  1.00 2.20  ? 33 LYS A HZ3  1 
ATOM 511  N N    . TYR A 1 34 ? -4.756  13.642  4.463   1.00 0.36  ? 34 TYR A N    1 
ATOM 512  C CA   . TYR A 1 34 ? -6.140  14.140  4.695   1.00 0.37  ? 34 TYR A CA   1 
ATOM 513  C C    . TYR A 1 34 ? -6.345  14.360  6.196   1.00 0.33  ? 34 TYR A C    1 
ATOM 514  O O    . TYR A 1 34 ? -6.981  15.307  6.614   1.00 0.55  ? 34 TYR A O    1 
ATOM 515  C CB   . TYR A 1 34 ? -7.158  13.116  4.179   1.00 0.40  ? 34 TYR A CB   1 
ATOM 516  C CG   . TYR A 1 34 ? -6.785  12.597  2.795   1.00 0.59  ? 34 TYR A CG   1 
ATOM 517  C CD1  . TYR A 1 34 ? -6.030  13.370  1.888   1.00 1.10  ? 34 TYR A CD1  1 
ATOM 518  C CD2  . TYR A 1 34 ? -7.218  11.320  2.414   1.00 1.03  ? 34 TYR A CD2  1 
ATOM 519  C CE1  . TYR A 1 34 ? -5.721  12.859  0.622   1.00 1.25  ? 34 TYR A CE1  1 
ATOM 520  C CE2  . TYR A 1 34 ? -6.907  10.816  1.147   1.00 1.16  ? 34 TYR A CE2  1 
ATOM 521  C CZ   . TYR A 1 34 ? -6.160  11.585  0.252   1.00 0.99  ? 34 TYR A CZ   1 
ATOM 522  O OH   . TYR A 1 34 ? -5.857  11.085  -0.998  1.00 1.20  ? 34 TYR A OH   1 
ATOM 523  H H    . TYR A 1 34 ? -4.609  12.715  4.181   1.00 0.34  ? 34 TYR A H    1 
ATOM 524  H HA   . TYR A 1 34 ? -6.281  15.081  4.188   1.00 0.44  ? 34 TYR A HA   1 
ATOM 525  H HB2  . TYR A 1 34 ? -7.200  12.284  4.867   1.00 0.43  ? 34 TYR A HB2  1 
ATOM 526  H HB3  . TYR A 1 34 ? -8.132  13.581  4.132   1.00 0.35  ? 34 TYR A HB3  1 
ATOM 527  H HD1  . TYR A 1 34 ? -5.684  14.350  2.157   1.00 1.60  ? 34 TYR A HD1  1 
ATOM 528  H HD2  . TYR A 1 34 ? -7.794  10.721  3.101   1.00 1.53  ? 34 TYR A HD2  1 
ATOM 529  H HE1  . TYR A 1 34 ? -5.142  13.452  -0.071  1.00 1.79  ? 34 TYR A HE1  1 
ATOM 530  H HE2  . TYR A 1 34 ? -7.246  9.831   0.861   1.00 1.68  ? 34 TYR A HE2  1 
ATOM 531  H HH   . TYR A 1 34 ? -6.658  10.703  -1.366  1.00 1.50  ? 34 TYR A HH   1 
ATOM 532  N N    . GLY A 1 35 ? -5.808  13.491  7.013   1.00 0.24  ? 35 GLY A N    1 
ATOM 533  C CA   . GLY A 1 35 ? -5.964  13.646  8.491   1.00 0.31  ? 35 GLY A CA   1 
ATOM 534  C C    . GLY A 1 35 ? -7.161  12.825  8.978   1.00 0.31  ? 35 GLY A C    1 
ATOM 535  O O    . GLY A 1 35 ? -7.848  13.204  9.906   1.00 0.36  ? 35 GLY A O    1 
ATOM 536  H H    . GLY A 1 35 ? -5.297  12.735  6.653   1.00 0.35  ? 35 GLY A H    1 
ATOM 537  H HA2  . GLY A 1 35 ? -5.067  13.296  8.983   1.00 0.36  ? 35 GLY A HA2  1 
ATOM 538  H HA3  . GLY A 1 35 ? -6.122  14.687  8.738   1.00 0.38  ? 35 GLY A HA3  1 
ATOM 539  N N    . VAL A 1 36 ? -7.412  11.702  8.365   1.00 0.33  ? 36 VAL A N    1 
ATOM 540  C CA   . VAL A 1 36 ? -8.563  10.857  8.801   1.00 0.38  ? 36 VAL A CA   1 
ATOM 541  C C    . VAL A 1 36 ? -8.188  10.158  10.117  1.00 0.42  ? 36 VAL A C    1 
ATOM 542  O O    . VAL A 1 36 ? -7.099  10.327  10.628  1.00 0.45  ? 36 VAL A O    1 
ATOM 543  C CB   . VAL A 1 36 ? -8.878  9.810   7.708   1.00 0.41  ? 36 VAL A CB   1 
ATOM 544  C CG1  . VAL A 1 36 ? -10.370 9.446   7.726   1.00 0.71  ? 36 VAL A CG1  1 
ATOM 545  C CG2  . VAL A 1 36 ? -8.521  10.386  6.334   1.00 0.66  ? 36 VAL A CG2  1 
ATOM 546  H H    . VAL A 1 36 ? -6.845  11.412  7.620   1.00 0.37  ? 36 VAL A H    1 
ATOM 547  H HA   . VAL A 1 36 ? -9.424  11.490  8.965   1.00 0.43  ? 36 VAL A HA   1 
ATOM 548  H HB   . VAL A 1 36 ? -8.293  8.916   7.880   1.00 0.68  ? 36 VAL A HB   1 
ATOM 549  H HG11 . VAL A 1 36 ? -10.964 10.345  7.653   1.00 1.26  ? 36 VAL A HG11 1 
ATOM 550  H HG12 . VAL A 1 36 ? -10.591 8.802   6.886   1.00 1.31  ? 36 VAL A HG12 1 
ATOM 551  H HG13 . VAL A 1 36 ? -10.606 8.932   8.644   1.00 1.33  ? 36 VAL A HG13 1 
ATOM 552  H HG21 . VAL A 1 36 ? -8.900  11.394  6.257   1.00 1.22  ? 36 VAL A HG21 1 
ATOM 553  H HG22 . VAL A 1 36 ? -7.448  10.394  6.217   1.00 1.33  ? 36 VAL A HG22 1 
ATOM 554  H HG23 . VAL A 1 36 ? -8.962  9.774   5.560   1.00 1.26  ? 36 VAL A HG23 1 
ATOM 555  N N    . SER A 1 37 ? -9.079  9.382   10.673  1.00 0.55  ? 37 SER A N    1 
ATOM 556  C CA   . SER A 1 37 ? -8.770  8.685   11.956  1.00 0.64  ? 37 SER A CA   1 
ATOM 557  C C    . SER A 1 37 ? -7.726  7.590   11.717  1.00 0.50  ? 37 SER A C    1 
ATOM 558  O O    . SER A 1 37 ? -7.641  7.020   10.648  1.00 0.93  ? 37 SER A O    1 
ATOM 559  C CB   . SER A 1 37 ? -10.045 8.054   12.514  1.00 0.96  ? 37 SER A CB   1 
ATOM 560  O OG   . SER A 1 37 ? -9.745  7.391   13.735  1.00 1.56  ? 37 SER A OG   1 
ATOM 561  H H    . SER A 1 37 ? -9.954  9.262   10.251  1.00 0.65  ? 37 SER A H    1 
ATOM 562  H HA   . SER A 1 37 ? -8.384  9.399   12.667  1.00 0.73  ? 37 SER A HA   1 
ATOM 563  H HB2  . SER A 1 37 ? -10.779 8.821   12.698  1.00 1.48  ? 37 SER A HB2  1 
ATOM 564  H HB3  . SER A 1 37 ? -10.440 7.347   11.796  1.00 1.26  ? 37 SER A HB3  1 
ATOM 565  H HG   . SER A 1 37 ? -9.605  8.061   14.409  1.00 1.81  ? 37 SER A HG   1 
ATOM 566  N N    . ASP A 1 38 ? -6.929  7.301   12.710  1.00 0.43  ? 38 ASP A N    1 
ATOM 567  C CA   . ASP A 1 38 ? -5.882  6.249   12.559  1.00 0.37  ? 38 ASP A CA   1 
ATOM 568  C C    . ASP A 1 38 ? -6.545  4.887   12.338  1.00 0.54  ? 38 ASP A C    1 
ATOM 569  O O    . ASP A 1 38 ? -5.921  3.950   11.884  1.00 1.41  ? 38 ASP A O    1 
ATOM 570  C CB   . ASP A 1 38 ? -5.025  6.197   13.826  1.00 0.53  ? 38 ASP A CB   1 
ATOM 571  C CG   . ASP A 1 38 ? -3.782  5.343   13.568  1.00 1.52  ? 38 ASP A CG   1 
ATOM 572  O OD1  . ASP A 1 38 ? -3.755  4.659   12.558  1.00 2.16  ? 38 ASP A OD1  1 
ATOM 573  O OD2  . ASP A 1 38 ? -2.875  5.391   14.383  1.00 2.35  ? 38 ASP A OD2  1 
ATOM 574  H H    . ASP A 1 38 ? -7.019  7.778   13.561  1.00 0.81  ? 38 ASP A H    1 
ATOM 575  H HA   . ASP A 1 38 ? -5.255  6.485   11.712  1.00 0.36  ? 38 ASP A HA   1 
ATOM 576  H HB2  . ASP A 1 38 ? -4.726  7.198   14.101  1.00 1.18  ? 38 ASP A HB2  1 
ATOM 577  H HB3  . ASP A 1 38 ? -5.599  5.758   14.629  1.00 1.10  ? 38 ASP A HB3  1 
ATOM 578  N N    . TYR A 1 39 ? -7.803  4.768   12.662  1.00 0.42  ? 39 TYR A N    1 
ATOM 579  C CA   . TYR A 1 39 ? -8.497  3.462   12.479  1.00 0.33  ? 39 TYR A CA   1 
ATOM 580  C C    . TYR A 1 39 ? -8.460  3.056   11.001  1.00 0.25  ? 39 TYR A C    1 
ATOM 581  O O    . TYR A 1 39 ? -8.169  1.923   10.671  1.00 0.26  ? 39 TYR A O    1 
ATOM 582  C CB   . TYR A 1 39 ? -9.956  3.589   12.929  1.00 0.44  ? 39 TYR A CB   1 
ATOM 583  C CG   . TYR A 1 39 ? -10.693 2.315   12.591  1.00 0.57  ? 39 TYR A CG   1 
ATOM 584  C CD1  . TYR A 1 39 ? -11.325 2.193   11.350  1.00 1.35  ? 39 TYR A CD1  1 
ATOM 585  C CD2  . TYR A 1 39 ? -10.737 1.259   13.507  1.00 1.19  ? 39 TYR A CD2  1 
ATOM 586  C CE1  . TYR A 1 39 ? -12.000 1.015   11.020  1.00 1.51  ? 39 TYR A CE1  1 
ATOM 587  C CE2  . TYR A 1 39 ? -11.415 0.078   13.179  1.00 1.30  ? 39 TYR A CE2  1 
ATOM 588  C CZ   . TYR A 1 39 ? -12.047 -0.044  11.935  1.00 1.02  ? 39 TYR A CZ   1 
ATOM 589  O OH   . TYR A 1 39 ? -12.712 -1.208  11.610  1.00 1.27  ? 39 TYR A OH   1 
ATOM 590  H H    . TYR A 1 39 ? -8.289  5.533   13.032  1.00 1.08  ? 39 TYR A H    1 
ATOM 591  H HA   . TYR A 1 39 ? -8.004  2.706   13.071  1.00 0.44  ? 39 TYR A HA   1 
ATOM 592  H HB2  . TYR A 1 39 ? -9.991  3.756   13.996  1.00 0.48  ? 39 TYR A HB2  1 
ATOM 593  H HB3  . TYR A 1 39 ? -10.421 4.419   12.419  1.00 0.53  ? 39 TYR A HB3  1 
ATOM 594  H HD1  . TYR A 1 39 ? -11.290 3.010   10.644  1.00 2.08  ? 39 TYR A HD1  1 
ATOM 595  H HD2  . TYR A 1 39 ? -10.251 1.355   14.467  1.00 1.93  ? 39 TYR A HD2  1 
ATOM 596  H HE1  . TYR A 1 39 ? -12.484 0.924   10.060  1.00 2.29  ? 39 TYR A HE1  1 
ATOM 597  H HE2  . TYR A 1 39 ? -11.450 -0.739  13.885  1.00 2.02  ? 39 TYR A HE2  1 
ATOM 598  H HH   . TYR A 1 39 ? -13.048 -1.118  10.715  1.00 1.47  ? 39 TYR A HH   1 
ATOM 599  N N    . TYR A 1 40 ? -8.765  3.956   10.110  1.00 0.25  ? 40 TYR A N    1 
ATOM 600  C CA   . TYR A 1 40 ? -8.756  3.593   8.667   1.00 0.23  ? 40 TYR A CA   1 
ATOM 601  C C    . TYR A 1 40 ? -7.358  3.126   8.260   1.00 0.19  ? 40 TYR A C    1 
ATOM 602  O O    . TYR A 1 40 ? -7.212  2.175   7.522   1.00 0.19  ? 40 TYR A O    1 
ATOM 603  C CB   . TYR A 1 40 ? -9.139  4.809   7.822   1.00 0.29  ? 40 TYR A CB   1 
ATOM 604  C CG   . TYR A 1 40 ? -10.585 5.164   8.066   1.00 0.29  ? 40 TYR A CG   1 
ATOM 605  C CD1  . TYR A 1 40 ? -11.596 4.525   7.337   1.00 0.66  ? 40 TYR A CD1  1 
ATOM 606  C CD2  . TYR A 1 40 ? -10.916 6.133   9.019   1.00 0.80  ? 40 TYR A CD2  1 
ATOM 607  C CE1  . TYR A 1 40 ? -12.937 4.855   7.562   1.00 0.76  ? 40 TYR A CE1  1 
ATOM 608  C CE2  . TYR A 1 40 ? -12.257 6.465   9.244   1.00 0.94  ? 40 TYR A CE2  1 
ATOM 609  C CZ   . TYR A 1 40 ? -13.267 5.826   8.516   1.00 0.70  ? 40 TYR A CZ   1 
ATOM 610  O OH   . TYR A 1 40 ? -14.589 6.153   8.737   1.00 0.93  ? 40 TYR A OH   1 
ATOM 611  H H    . TYR A 1 40 ? -9.012  4.861   10.390  1.00 0.31  ? 40 TYR A H    1 
ATOM 612  H HA   . TYR A 1 40 ? -9.466  2.797   8.492   1.00 0.23  ? 40 TYR A HA   1 
ATOM 613  H HB2  . TYR A 1 40 ? -8.512  5.647   8.093   1.00 0.42  ? 40 TYR A HB2  1 
ATOM 614  H HB3  . TYR A 1 40 ? -8.998  4.579   6.776   1.00 0.41  ? 40 TYR A HB3  1 
ATOM 615  H HD1  . TYR A 1 40 ? -11.339 3.776   6.604   1.00 1.09  ? 40 TYR A HD1  1 
ATOM 616  H HD2  . TYR A 1 40 ? -10.136 6.625   9.581   1.00 1.22  ? 40 TYR A HD2  1 
ATOM 617  H HE1  . TYR A 1 40 ? -13.716 4.364   7.000   1.00 1.17  ? 40 TYR A HE1  1 
ATOM 618  H HE2  . TYR A 1 40 ? -12.512 7.212   9.981   1.00 1.42  ? 40 TYR A HE2  1 
ATOM 619  H HH   . TYR A 1 40 ? -14.732 6.183   9.686   1.00 1.35  ? 40 TYR A HH   1 
ATOM 620  N N    . LYS A 1 41 ? -6.327  3.770   8.742   1.00 0.18  ? 41 LYS A N    1 
ATOM 621  C CA   . LYS A 1 41 ? -4.950  3.341   8.377   1.00 0.17  ? 41 LYS A CA   1 
ATOM 622  C C    . LYS A 1 41 ? -4.758  1.932   8.896   1.00 0.16  ? 41 LYS A C    1 
ATOM 623  O O    . LYS A 1 41 ? -4.240  1.062   8.225   1.00 0.17  ? 41 LYS A O    1 
ATOM 624  C CB   . LYS A 1 41 ? -3.941  4.255   9.062   1.00 0.22  ? 41 LYS A CB   1 
ATOM 625  C CG   . LYS A 1 41 ? -4.175  5.690   8.599   1.00 0.79  ? 41 LYS A CG   1 
ATOM 626  C CD   . LYS A 1 41 ? -3.245  6.648   9.362   1.00 1.17  ? 41 LYS A CD   1 
ATOM 627  C CE   . LYS A 1 41 ? -3.884  8.034   9.415   1.00 1.68  ? 41 LYS A CE   1 
ATOM 628  N NZ   . LYS A 1 41 ? -2.977  8.981   10.120  1.00 2.14  ? 41 LYS A NZ   1 
ATOM 629  H H    . LYS A 1 41 ? -6.459  4.522   9.350   1.00 0.20  ? 41 LYS A H    1 
ATOM 630  H HA   . LYS A 1 41 ? -4.817  3.369   7.306   1.00 0.17  ? 41 LYS A HA   1 
ATOM 631  H HB2  . LYS A 1 41 ? -4.068  4.191   10.133  1.00 0.70  ? 41 LYS A HB2  1 
ATOM 632  H HB3  . LYS A 1 41 ? -2.940  3.952   8.796   1.00 0.66  ? 41 LYS A HB3  1 
ATOM 633  H HG2  . LYS A 1 41 ? -3.974  5.760   7.539   1.00 1.12  ? 41 LYS A HG2  1 
ATOM 634  H HG3  . LYS A 1 41 ? -5.206  5.956   8.787   1.00 1.19  ? 41 LYS A HG3  1 
ATOM 635  H HD2  . LYS A 1 41 ? -3.090  6.290   10.372  1.00 1.83  ? 41 LYS A HD2  1 
ATOM 636  H HD3  . LYS A 1 41 ? -2.294  6.713   8.854   1.00 1.60  ? 41 LYS A HD3  1 
ATOM 637  H HE2  . LYS A 1 41 ? -4.064  8.382   8.410   1.00 2.05  ? 41 LYS A HE2  1 
ATOM 638  H HE3  . LYS A 1 41 ? -4.823  7.965   9.947   1.00 2.27  ? 41 LYS A HE3  1 
ATOM 639  H HZ1  . LYS A 1 41 ? -2.523  8.497   10.920  1.00 2.55  ? 41 LYS A HZ1  1 
ATOM 640  H HZ2  . LYS A 1 41 ? -2.247  9.318   9.459   1.00 2.42  ? 41 LYS A HZ2  1 
ATOM 641  H HZ3  . LYS A 1 41 ? -3.525  9.790   10.473  1.00 2.47  ? 41 LYS A HZ3  1 
ATOM 642  N N    . ASN A 1 42 ? -5.192  1.709   10.099  1.00 0.19  ? 42 ASN A N    1 
ATOM 643  C CA   . ASN A 1 42 ? -5.063  0.357   10.690  1.00 0.21  ? 42 ASN A CA   1 
ATOM 644  C C    . ASN A 1 42 ? -5.837  -0.628  9.818   1.00 0.18  ? 42 ASN A C    1 
ATOM 645  O O    . ASN A 1 42 ? -5.400  -1.735  9.570   1.00 0.19  ? 42 ASN A O    1 
ATOM 646  C CB   . ASN A 1 42 ? -5.631  0.357   12.111  1.00 0.25  ? 42 ASN A CB   1 
ATOM 647  C CG   . ASN A 1 42 ? -4.710  1.164   13.028  1.00 0.32  ? 42 ASN A CG   1 
ATOM 648  O OD1  . ASN A 1 42 ? -5.013  1.368   14.186  1.00 1.12  ? 42 ASN A OD1  1 
ATOM 649  N ND2  . ASN A 1 42 ? -3.590  1.641   12.554  1.00 1.16  ? 42 ASN A ND2  1 
ATOM 650  H H    . ASN A 1 42 ? -5.612  2.439   10.609  1.00 0.22  ? 42 ASN A H    1 
ATOM 651  H HA   . ASN A 1 42 ? -4.023  0.080   10.711  1.00 0.22  ? 42 ASN A HA   1 
ATOM 652  H HB2  . ASN A 1 42 ? -6.615  0.800   12.106  1.00 0.26  ? 42 ASN A HB2  1 
ATOM 653  H HB3  . ASN A 1 42 ? -5.694  -0.659  12.473  1.00 0.25  ? 42 ASN A HB3  1 
ATOM 654  H HD21 . ASN A 1 42 ? -3.345  1.480   11.619  1.00 1.97  ? 42 ASN A HD21 1 
ATOM 655  H HD22 . ASN A 1 42 ? -2.994  2.159   13.133  1.00 1.18  ? 42 ASN A HD22 1 
ATOM 656  N N    . LEU A 1 43 ? -6.984  -0.226  9.341   1.00 0.16  ? 43 LEU A N    1 
ATOM 657  C CA   . LEU A 1 43 ? -7.789  -1.127  8.475   1.00 0.16  ? 43 LEU A CA   1 
ATOM 658  C C    . LEU A 1 43 ? -6.972  -1.485  7.233   1.00 0.14  ? 43 LEU A C    1 
ATOM 659  O O    . LEU A 1 43 ? -6.986  -2.611  6.775   1.00 0.17  ? 43 LEU A O    1 
ATOM 660  C CB   . LEU A 1 43 ? -9.097  -0.433  8.073   1.00 0.17  ? 43 LEU A CB   1 
ATOM 661  C CG   . LEU A 1 43 ? -9.938  -1.358  7.176   1.00 0.20  ? 43 LEU A CG   1 
ATOM 662  C CD1  . LEU A 1 43 ? -10.269 -2.667  7.916   1.00 0.63  ? 43 LEU A CD1  1 
ATOM 663  C CD2  . LEU A 1 43 ? -11.243 -0.641  6.806   1.00 0.63  ? 43 LEU A CD2  1 
ATOM 664  H H    . LEU A 1 43 ? -7.313  0.673   9.551   1.00 0.16  ? 43 LEU A H    1 
ATOM 665  H HA   . LEU A 1 43 ? -8.014  -2.028  9.026   1.00 0.19  ? 43 LEU A HA   1 
ATOM 666  H HB2  . LEU A 1 43 ? -9.659  -0.188  8.962   1.00 0.16  ? 43 LEU A HB2  1 
ATOM 667  H HB3  . LEU A 1 43 ? -8.868  0.473   7.533   1.00 0.18  ? 43 LEU A HB3  1 
ATOM 668  H HG   . LEU A 1 43 ? -9.388  -1.586  6.276   1.00 0.41  ? 43 LEU A HG   1 
ATOM 669  H HD11 . LEU A 1 43 ? -10.425 -2.464  8.966   1.00 1.28  ? 43 LEU A HD11 1 
ATOM 670  H HD12 . LEU A 1 43 ? -11.165 -3.107  7.499   1.00 1.21  ? 43 LEU A HD12 1 
ATOM 671  H HD13 . LEU A 1 43 ? -9.448  -3.360  7.803   1.00 1.32  ? 43 LEU A HD13 1 
ATOM 672  H HD21 . LEU A 1 43 ? -11.030 0.382   6.532   1.00 1.26  ? 43 LEU A HD21 1 
ATOM 673  H HD22 . LEU A 1 43 ? -11.709 -1.147  5.974   1.00 1.26  ? 43 LEU A HD22 1 
ATOM 674  H HD23 . LEU A 1 43 ? -11.913 -0.654  7.654   1.00 1.26  ? 43 LEU A HD23 1 
ATOM 675  N N    . ILE A 1 44 ? -6.250  -0.542  6.681   1.00 0.13  ? 44 ILE A N    1 
ATOM 676  C CA   . ILE A 1 44 ? -5.433  -0.853  5.472   1.00 0.13  ? 44 ILE A CA   1 
ATOM 677  C C    . ILE A 1 44 ? -4.438  -1.952  5.839   1.00 0.14  ? 44 ILE A C    1 
ATOM 678  O O    . ILE A 1 44 ? -4.181  -2.856  5.069   1.00 0.15  ? 44 ILE A O    1 
ATOM 679  C CB   . ILE A 1 44 ? -4.638  0.384   5.024   1.00 0.16  ? 44 ILE A CB   1 
ATOM 680  C CG1  . ILE A 1 44 ? -5.570  1.555   4.674   1.00 0.33  ? 44 ILE A CG1  1 
ATOM 681  C CG2  . ILE A 1 44 ? -3.805  0.025   3.794   1.00 0.14  ? 44 ILE A CG2  1 
ATOM 682  C CD1  . ILE A 1 44 ? -6.663  1.110   3.700   1.00 0.38  ? 44 ILE A CD1  1 
ATOM 683  H H    . ILE A 1 44 ? -6.244  0.361   7.062   1.00 0.12  ? 44 ILE A H    1 
ATOM 684  H HA   . ILE A 1 44 ? -6.072  -1.197  4.674   1.00 0.17  ? 44 ILE A HA   1 
ATOM 685  H HB   . ILE A 1 44 ? -3.973  0.682   5.823   1.00 0.20  ? 44 ILE A HB   1 
ATOM 686  H HG12 . ILE A 1 44 ? -6.025  1.928   5.574   1.00 0.78  ? 44 ILE A HG12 1 
ATOM 687  H HG13 . ILE A 1 44 ? -4.990  2.344   4.218   1.00 0.78  ? 44 ILE A HG13 1 
ATOM 688  H HG21 . ILE A 1 44 ? -4.435  -0.458  3.062   1.00 1.00  ? 44 ILE A HG21 1 
ATOM 689  H HG22 . ILE A 1 44 ? -3.383  0.924   3.370   1.00 1.02  ? 44 ILE A HG22 1 
ATOM 690  H HG23 . ILE A 1 44 ? -3.010  -0.646  4.082   1.00 1.01  ? 44 ILE A HG23 1 
ATOM 691  H HD11 . ILE A 1 44 ? -6.253  0.412   2.985   1.00 1.16  ? 44 ILE A HD11 1 
ATOM 692  H HD12 . ILE A 1 44 ? -7.460  0.638   4.250   1.00 1.13  ? 44 ILE A HD12 1 
ATOM 693  H HD13 . ILE A 1 44 ? -7.049  1.974   3.177   1.00 1.15  ? 44 ILE A HD13 1 
ATOM 694  N N    . ASN A 1 45 ? -3.874  -1.881  7.012   1.00 0.15  ? 45 ASN A N    1 
ATOM 695  C CA   . ASN A 1 45 ? -2.893  -2.918  7.434   1.00 0.19  ? 45 ASN A CA   1 
ATOM 696  C C    . ASN A 1 45 ? -3.527  -4.306  7.310   1.00 0.20  ? 45 ASN A C    1 
ATOM 697  O O    . ASN A 1 45 ? -2.852  -5.285  7.057   1.00 0.28  ? 45 ASN A O    1 
ATOM 698  C CB   . ASN A 1 45 ? -2.490  -2.671  8.891   1.00 0.22  ? 45 ASN A CB   1 
ATOM 699  C CG   . ASN A 1 45 ? -1.303  -3.567  9.251   1.00 0.65  ? 45 ASN A CG   1 
ATOM 700  O OD1  . ASN A 1 45 ? -0.640  -4.095  8.380   1.00 1.46  ? 45 ASN A OD1  1 
ATOM 701  N ND2  . ASN A 1 45 ? -1.003  -3.760  10.506  1.00 0.94  ? 45 ASN A ND2  1 
ATOM 702  H H    . ASN A 1 45 ? -4.095  -1.141  7.617   1.00 0.15  ? 45 ASN A H    1 
ATOM 703  H HA   . ASN A 1 45 ? -2.017  -2.863  6.805   1.00 0.21  ? 45 ASN A HA   1 
ATOM 704  H HB2  . ASN A 1 45 ? -2.215  -1.634  9.020   1.00 0.49  ? 45 ASN A HB2  1 
ATOM 705  H HB3  . ASN A 1 45 ? -3.323  -2.904  9.538   1.00 0.43  ? 45 ASN A HB3  1 
ATOM 706  H HD21 . ASN A 1 45 ? -1.535  -3.335  11.210  1.00 1.42  ? 45 ASN A HD21 1 
ATOM 707  H HD22 . ASN A 1 45 ? -0.242  -4.332  10.746  1.00 1.16  ? 45 ASN A HD22 1 
ATOM 708  N N    . ASN A 1 46 ? -4.819  -4.405  7.496   1.00 0.17  ? 46 ASN A N    1 
ATOM 709  C CA   . ASN A 1 46 ? -5.494  -5.737  7.400   1.00 0.22  ? 46 ASN A CA   1 
ATOM 710  C C    . ASN A 1 46 ? -6.003  -5.981  5.974   1.00 0.24  ? 46 ASN A C    1 
ATOM 711  O O    . ASN A 1 46 ? -6.619  -6.992  5.700   1.00 0.27  ? 46 ASN A O    1 
ATOM 712  C CB   . ASN A 1 46 ? -6.674  -5.786  8.372   1.00 0.24  ? 46 ASN A CB   1 
ATOM 713  C CG   . ASN A 1 46 ? -7.219  -7.214  8.427   1.00 0.41  ? 46 ASN A CG   1 
ATOM 714  O OD1  . ASN A 1 46 ? -6.463  -8.161  8.526   1.00 1.10  ? 46 ASN A OD1  1 
ATOM 715  N ND2  . ASN A 1 46 ? -8.507  -7.413  8.367   1.00 1.22  ? 46 ASN A ND2  1 
ATOM 716  H H    . ASN A 1 46 ? -5.346  -3.604  7.706   1.00 0.17  ? 46 ASN A H    1 
ATOM 717  H HA   . ASN A 1 46 ? -4.791  -6.516  7.662   1.00 0.27  ? 46 ASN A HA   1 
ATOM 718  H HB2  . ASN A 1 46 ? -6.343  -5.485  9.356   1.00 0.30  ? 46 ASN A HB2  1 
ATOM 719  H HB3  . ASN A 1 46 ? -7.451  -5.118  8.031   1.00 0.26  ? 46 ASN A HB3  1 
ATOM 720  H HD21 . ASN A 1 46 ? -9.118  -6.651  8.286   1.00 1.95  ? 46 ASN A HD21 1 
ATOM 721  H HD22 . ASN A 1 46 ? -8.864  -8.326  8.399   1.00 1.31  ? 46 ASN A HD22 1 
ATOM 722  N N    . ALA A 1 47 ? -5.761  -5.078  5.063   1.00 0.24  ? 47 ALA A N    1 
ATOM 723  C CA   . ALA A 1 47 ? -6.250  -5.295  3.669   1.00 0.30  ? 47 ALA A CA   1 
ATOM 724  C C    . ALA A 1 47 ? -5.681  -6.616  3.141   1.00 0.51  ? 47 ALA A C    1 
ATOM 725  O O    . ALA A 1 47 ? -4.483  -6.796  3.044   1.00 1.49  ? 47 ALA A O    1 
ATOM 726  C CB   . ALA A 1 47 ? -5.795  -4.136  2.776   1.00 0.21  ? 47 ALA A CB   1 
ATOM 727  H H    . ALA A 1 47 ? -5.265  -4.264  5.292   1.00 0.23  ? 47 ALA A H    1 
ATOM 728  H HA   . ALA A 1 47 ? -7.329  -5.346  3.672   1.00 0.38  ? 47 ALA A HA   1 
ATOM 729  H HB1  . ALA A 1 47 ? -6.447  -3.289  2.929   1.00 1.03  ? 47 ALA A HB1  1 
ATOM 730  H HB2  . ALA A 1 47 ? -4.784  -3.861  3.030   1.00 1.03  ? 47 ALA A HB2  1 
ATOM 731  H HB3  . ALA A 1 47 ? -5.836  -4.439  1.739   1.00 1.03  ? 47 ALA A HB3  1 
ATOM 732  N N    . LYS A 1 48 ? -6.537  -7.546  2.815   1.00 0.60  ? 48 LYS A N    1 
ATOM 733  C CA   . LYS A 1 48 ? -6.063  -8.866  2.311   1.00 0.53  ? 48 LYS A CA   1 
ATOM 734  C C    . LYS A 1 48 ? -5.437  -8.732  0.917   1.00 0.42  ? 48 LYS A C    1 
ATOM 735  O O    . LYS A 1 48 ? -4.454  -9.380  0.616   1.00 0.51  ? 48 LYS A O    1 
ATOM 736  C CB   . LYS A 1 48 ? -7.239  -9.844  2.252   1.00 0.68  ? 48 LYS A CB   1 
ATOM 737  C CG   . LYS A 1 48 ? -6.711  -11.256 1.976   1.00 1.13  ? 48 LYS A CG   1 
ATOM 738  C CD   . LYS A 1 48 ? -7.876  -12.257 1.929   1.00 1.72  ? 48 LYS A CD   1 
ATOM 739  C CE   . LYS A 1 48 ? -8.421  -12.515 3.340   1.00 2.29  ? 48 LYS A CE   1 
ATOM 740  N NZ   . LYS A 1 48 ? -9.216  -13.774 3.341   1.00 2.97  ? 48 LYS A NZ   1 
ATOM 741  H H    . LYS A 1 48 ? -7.498  -7.379  2.915   1.00 1.36  ? 48 LYS A H    1 
ATOM 742  H HA   . LYS A 1 48 ? -5.320  -9.255  2.992   1.00 0.56  ? 48 LYS A HA   1 
ATOM 743  H HB2  . LYS A 1 48 ? -7.763  -9.829  3.195   1.00 0.92  ? 48 LYS A HB2  1 
ATOM 744  H HB3  . LYS A 1 48 ? -7.913  -9.552  1.460   1.00 0.92  ? 48 LYS A HB3  1 
ATOM 745  H HG2  . LYS A 1 48 ? -6.197  -11.263 1.025   1.00 1.60  ? 48 LYS A HG2  1 
ATOM 746  H HG3  . LYS A 1 48 ? -6.021  -11.540 2.755   1.00 1.61  ? 48 LYS A HG3  1 
ATOM 747  H HD2  . LYS A 1 48 ? -8.664  -11.858 1.308   1.00 2.20  ? 48 LYS A HD2  1 
ATOM 748  H HD3  . LYS A 1 48 ? -7.527  -13.189 1.507   1.00 2.18  ? 48 LYS A HD3  1 
ATOM 749  H HE2  . LYS A 1 48 ? -7.604  -12.609 4.039   1.00 2.66  ? 48 LYS A HE2  1 
ATOM 750  H HE3  . LYS A 1 48 ? -9.056  -11.693 3.638   1.00 2.60  ? 48 LYS A HE3  1 
ATOM 751  H HZ1  . LYS A 1 48 ? -9.927  -13.737 2.583   1.00 3.38  ? 48 LYS A HZ1  1 
ATOM 752  H HZ2  . LYS A 1 48 ? -8.583  -14.585 3.183   1.00 3.35  ? 48 LYS A HZ2  1 
ATOM 753  H HZ3  . LYS A 1 48 ? -9.696  -13.882 4.257   1.00 3.23  ? 48 LYS A HZ3  1 
ATOM 754  N N    . THR A 1 49 ? -6.007  -7.924  0.052   1.00 0.35  ? 49 THR A N    1 
ATOM 755  C CA   . THR A 1 49 ? -5.446  -7.787  -1.335  1.00 0.42  ? 49 THR A CA   1 
ATOM 756  C C    . THR A 1 49 ? -5.464  -6.322  -1.792  1.00 0.62  ? 49 THR A C    1 
ATOM 757  O O    . THR A 1 49 ? -6.156  -5.489  -1.241  1.00 1.59  ? 49 THR A O    1 
ATOM 758  C CB   . THR A 1 49 ? -6.289  -8.628  -2.298  1.00 0.45  ? 49 THR A CB   1 
ATOM 759  O OG1  . THR A 1 49 ? -5.694  -8.607  -3.588  1.00 0.57  ? 49 THR A OG1  1 
ATOM 760  C CG2  . THR A 1 49 ? -7.705  -8.056  -2.374  1.00 0.48  ? 49 THR A CG2  1 
ATOM 761  H H    . THR A 1 49 ? -6.813  -7.426  0.305   1.00 0.38  ? 49 THR A H    1 
ATOM 762  H HA   . THR A 1 49 ? -4.426  -8.145  -1.356  1.00 0.49  ? 49 THR A HA   1 
ATOM 763  H HB   . THR A 1 49 ? -6.335  -9.644  -1.940  1.00 0.49  ? 49 THR A HB   1 
ATOM 764  H HG1  . THR A 1 49 ? -6.322  -8.213  -4.197  1.00 0.76  ? 49 THR A HG1  1 
ATOM 765  H HG21 . THR A 1 49 ? -8.087  -7.907  -1.375  1.00 1.12  ? 49 THR A HG21 1 
ATOM 766  H HG22 . THR A 1 49 ? -7.684  -7.113  -2.897  1.00 1.16  ? 49 THR A HG22 1 
ATOM 767  H HG23 . THR A 1 49 ? -8.343  -8.747  -2.905  1.00 1.07  ? 49 THR A HG23 1 
ATOM 768  N N    . VAL A 1 50 ? -4.690  -6.014  -2.802  1.00 0.44  ? 50 VAL A N    1 
ATOM 769  C CA   . VAL A 1 50 ? -4.623  -4.616  -3.327  1.00 0.33  ? 50 VAL A CA   1 
ATOM 770  C C    . VAL A 1 50 ? -5.996  -4.179  -3.846  1.00 0.37  ? 50 VAL A C    1 
ATOM 771  O O    . VAL A 1 50 ? -6.405  -3.050  -3.662  1.00 0.40  ? 50 VAL A O    1 
ATOM 772  C CB   . VAL A 1 50 ? -3.609  -4.553  -4.470  1.00 0.42  ? 50 VAL A CB   1 
ATOM 773  C CG1  . VAL A 1 50 ? -3.629  -3.161  -5.110  1.00 0.47  ? 50 VAL A CG1  1 
ATOM 774  C CG2  . VAL A 1 50 ? -2.208  -4.844  -3.928  1.00 0.44  ? 50 VAL A CG2  1 
ATOM 775  H H    . VAL A 1 50 ? -4.142  -6.711  -3.219  1.00 1.18  ? 50 VAL A H    1 
ATOM 776  H HA   . VAL A 1 50 ? -4.309  -3.953  -2.535  1.00 0.28  ? 50 VAL A HA   1 
ATOM 777  H HB   . VAL A 1 50 ? -3.869  -5.290  -5.212  1.00 0.52  ? 50 VAL A HB   1 
ATOM 778  H HG11 . VAL A 1 50 ? -3.604  -2.409  -4.335  1.00 1.12  ? 50 VAL A HG11 1 
ATOM 779  H HG12 . VAL A 1 50 ? -2.766  -3.046  -5.749  1.00 1.17  ? 50 VAL A HG12 1 
ATOM 780  H HG13 . VAL A 1 50 ? -4.529  -3.046  -5.695  1.00 1.10  ? 50 VAL A HG13 1 
ATOM 781  H HG21 . VAL A 1 50 ? -2.015  -4.212  -3.073  1.00 1.10  ? 50 VAL A HG21 1 
ATOM 782  H HG22 . VAL A 1 50 ? -2.145  -5.880  -3.631  1.00 1.08  ? 50 VAL A HG22 1 
ATOM 783  H HG23 . VAL A 1 50 ? -1.475  -4.645  -4.696  1.00 1.12  ? 50 VAL A HG23 1 
ATOM 784  N N    . GLU A 1 51 ? -6.709  -5.052  -4.507  1.00 0.43  ? 51 GLU A N    1 
ATOM 785  C CA   . GLU A 1 51 ? -8.044  -4.658  -5.041  1.00 0.53  ? 51 GLU A CA   1 
ATOM 786  C C    . GLU A 1 51 ? -8.859  -4.049  -3.902  1.00 0.49  ? 51 GLU A C    1 
ATOM 787  O O    . GLU A 1 51 ? -9.549  -3.064  -4.073  1.00 0.62  ? 51 GLU A O    1 
ATOM 788  C CB   . GLU A 1 51 ? -8.764  -5.892  -5.599  1.00 0.66  ? 51 GLU A CB   1 
ATOM 789  C CG   . GLU A 1 51 ? -10.113 -5.483  -6.197  1.00 1.57  ? 51 GLU A CG   1 
ATOM 790  C CD   . GLU A 1 51 ? -10.822 -6.720  -6.752  1.00 1.95  ? 51 GLU A CD   1 
ATOM 791  O OE1  . GLU A 1 51 ? -10.188 -7.760  -6.825  1.00 2.64  ? 51 GLU A OE1  1 
ATOM 792  O OE2  . GLU A 1 51 ? -11.986 -6.606  -7.098  1.00 2.14  ? 51 GLU A OE2  1 
ATOM 793  H H    . GLU A 1 51 ? -6.365  -5.957  -4.658  1.00 0.43  ? 51 GLU A H    1 
ATOM 794  H HA   . GLU A 1 51 ? -7.918  -3.926  -5.824  1.00 0.57  ? 51 GLU A HA   1 
ATOM 795  H HB2  . GLU A 1 51 ? -8.153  -6.348  -6.366  1.00 1.04  ? 51 GLU A HB2  1 
ATOM 796  H HB3  . GLU A 1 51 ? -8.929  -6.603  -4.803  1.00 1.20  ? 51 GLU A HB3  1 
ATOM 797  H HG2  . GLU A 1 51 ? -10.726 -5.032  -5.430  1.00 2.18  ? 51 GLU A HG2  1 
ATOM 798  H HG3  . GLU A 1 51 ? -9.953  -4.774  -6.995  1.00 2.03  ? 51 GLU A HG3  1 
ATOM 799  N N    . GLY A 1 52 ? -8.763  -4.615  -2.735  1.00 0.40  ? 52 GLY A N    1 
ATOM 800  C CA   . GLY A 1 52 ? -9.506  -4.058  -1.576  1.00 0.41  ? 52 GLY A CA   1 
ATOM 801  C C    . GLY A 1 52 ? -8.858  -2.738  -1.150  1.00 0.31  ? 52 GLY A C    1 
ATOM 802  O O    . GLY A 1 52 ? -9.521  -1.835  -0.679  1.00 0.35  ? 52 GLY A O    1 
ATOM 803  H H    . GLY A 1 52 ? -8.185  -5.397  -2.618  1.00 0.41  ? 52 GLY A H    1 
ATOM 804  H HA2  . GLY A 1 52 ? -10.535 -3.884  -1.857  1.00 0.48  ? 52 GLY A HA2  1 
ATOM 805  H HA3  . GLY A 1 52 ? -9.469  -4.755  -0.753  1.00 0.45  ? 52 GLY A HA3  1 
ATOM 806  N N    . VAL A 1 53 ? -7.560  -2.619  -1.298  1.00 0.22  ? 53 VAL A N    1 
ATOM 807  C CA   . VAL A 1 53 ? -6.883  -1.357  -0.882  1.00 0.15  ? 53 VAL A CA   1 
ATOM 808  C C    . VAL A 1 53 ? -7.395  -0.180  -1.728  1.00 0.14  ? 53 VAL A C    1 
ATOM 809  O O    . VAL A 1 53 ? -7.767  0.846   -1.204  1.00 0.17  ? 53 VAL A O    1 
ATOM 810  C CB   . VAL A 1 53 ? -5.369  -1.500  -1.076  1.00 0.14  ? 53 VAL A CB   1 
ATOM 811  C CG1  . VAL A 1 53 ? -4.683  -0.150  -0.840  1.00 0.19  ? 53 VAL A CG1  1 
ATOM 812  C CG2  . VAL A 1 53 ? -4.823  -2.529  -0.081  1.00 0.14  ? 53 VAL A CG2  1 
ATOM 813  H H    . VAL A 1 53 ? -7.034  -3.362  -1.672  1.00 0.26  ? 53 VAL A H    1 
ATOM 814  H HA   . VAL A 1 53 ? -7.088  -1.166  0.162   1.00 0.19  ? 53 VAL A HA   1 
ATOM 815  H HB   . VAL A 1 53 ? -5.168  -1.831  -2.083  1.00 0.17  ? 53 VAL A HB   1 
ATOM 816  H HG11 . VAL A 1 53 ? -5.094  0.313   0.044   1.00 1.00  ? 53 VAL A HG11 1 
ATOM 817  H HG12 . VAL A 1 53 ? -3.622  -0.303  -0.707  1.00 1.07  ? 53 VAL A HG12 1 
ATOM 818  H HG13 . VAL A 1 53 ? -4.849  0.491   -1.693  1.00 1.00  ? 53 VAL A HG13 1 
ATOM 819  H HG21 . VAL A 1 53 ? -5.125  -2.257  0.920   1.00 1.01  ? 53 VAL A HG21 1 
ATOM 820  H HG22 . VAL A 1 53 ? -5.214  -3.507  -0.323  1.00 1.03  ? 53 VAL A HG22 1 
ATOM 821  H HG23 . VAL A 1 53 ? -3.745  -2.548  -0.139  1.00 1.01  ? 53 VAL A HG23 1 
ATOM 822  N N    . LYS A 1 54 ? -7.412  -0.312  -3.028  1.00 0.18  ? 54 LYS A N    1 
ATOM 823  C CA   . LYS A 1 54 ? -7.891  0.821   -3.881  1.00 0.21  ? 54 LYS A CA   1 
ATOM 824  C C    . LYS A 1 54 ? -9.405  1.017   -3.728  1.00 0.20  ? 54 LYS A C    1 
ATOM 825  O O    . LYS A 1 54 ? -9.891  2.129   -3.685  1.00 0.21  ? 54 LYS A O    1 
ATOM 826  C CB   . LYS A 1 54 ? -7.552  0.543   -5.349  1.00 0.26  ? 54 LYS A CB   1 
ATOM 827  C CG   . LYS A 1 54 ? -8.233  -0.749  -5.803  1.00 0.30  ? 54 LYS A CG   1 
ATOM 828  C CD   . LYS A 1 54 ? -7.696  -1.156  -7.181  1.00 0.78  ? 54 LYS A CD   1 
ATOM 829  C CE   . LYS A 1 54 ? -8.009  -0.064  -8.214  1.00 1.14  ? 54 LYS A CE   1 
ATOM 830  N NZ   . LYS A 1 54 ? -6.966  0.999   -8.148  1.00 1.73  ? 54 LYS A NZ   1 
ATOM 831  H H    . LYS A 1 54 ? -7.102  -1.143  -3.443  1.00 0.23  ? 54 LYS A H    1 
ATOM 832  H HA   . LYS A 1 54 ? -7.390  1.727   -3.572  1.00 0.21  ? 54 LYS A HA   1 
ATOM 833  H HB2  . LYS A 1 54 ? -7.901  1.366   -5.957  1.00 0.32  ? 54 LYS A HB2  1 
ATOM 834  H HB3  . LYS A 1 54 ? -6.483  0.444   -5.459  1.00 0.26  ? 54 LYS A HB3  1 
ATOM 835  H HG2  . LYS A 1 54 ? -8.026  -1.533  -5.089  1.00 0.55  ? 54 LYS A HG2  1 
ATOM 836  H HG3  . LYS A 1 54 ? -9.300  -0.591  -5.866  1.00 0.59  ? 54 LYS A HG3  1 
ATOM 837  H HD2  . LYS A 1 54 ? -6.627  -1.295  -7.121  1.00 1.32  ? 54 LYS A HD2  1 
ATOM 838  H HD3  . LYS A 1 54 ? -8.162  -2.081  -7.487  1.00 1.46  ? 54 LYS A HD3  1 
ATOM 839  H HE2  . LYS A 1 54 ? -8.013  -0.498  -9.204  1.00 1.78  ? 54 LYS A HE2  1 
ATOM 840  H HE3  . LYS A 1 54 ? -8.978  0.368   -8.010  1.00 1.68  ? 54 LYS A HE3  1 
ATOM 841  H HZ1  . LYS A 1 54 ? -6.416  0.890   -7.271  1.00 2.15  ? 54 LYS A HZ1  1 
ATOM 842  H HZ2  . LYS A 1 54 ? -6.332  0.915   -8.968  1.00 2.26  ? 54 LYS A HZ2  1 
ATOM 843  H HZ3  . LYS A 1 54 ? -7.422  1.933   -8.159  1.00 2.14  ? 54 LYS A HZ3  1 
ATOM 844  N N    . ALA A 1 55 ? -10.155 -0.048  -3.656  1.00 0.22  ? 55 ALA A N    1 
ATOM 845  C CA   . ALA A 1 55 ? -11.635 0.089   -3.516  1.00 0.23  ? 55 ALA A CA   1 
ATOM 846  C C    . ALA A 1 55 ? -11.975 0.673   -2.146  1.00 0.20  ? 55 ALA A C    1 
ATOM 847  O O    . ALA A 1 55 ? -12.899 1.449   -2.001  1.00 0.19  ? 55 ALA A O    1 
ATOM 848  C CB   . ALA A 1 55 ? -12.291 -1.286  -3.664  1.00 0.30  ? 55 ALA A CB   1 
ATOM 849  H H    . ALA A 1 55 ? -9.747  -0.938  -3.699  1.00 0.25  ? 55 ALA A H    1 
ATOM 850  H HA   . ALA A 1 55 ? -12.010 0.749   -4.282  1.00 0.24  ? 55 ALA A HA   1 
ATOM 851  H HB1  . ALA A 1 55 ? -12.272 -1.583  -4.703  1.00 0.97  ? 55 ALA A HB1  1 
ATOM 852  H HB2  . ALA A 1 55 ? -13.314 -1.237  -3.324  1.00 1.01  ? 55 ALA A HB2  1 
ATOM 853  H HB3  . ALA A 1 55 ? -11.748 -2.009  -3.074  1.00 1.15  ? 55 ALA A HB3  1 
ATOM 854  N N    . LEU A 1 56 ? -11.236 0.306   -1.143  1.00 0.20  ? 56 LEU A N    1 
ATOM 855  C CA   . LEU A 1 56 ? -11.511 0.836   0.217   1.00 0.21  ? 56 LEU A CA   1 
ATOM 856  C C    . LEU A 1 56 ? -11.162 2.329   0.250   1.00 0.18  ? 56 LEU A C    1 
ATOM 857  O O    . LEU A 1 56 ? -11.870 3.133   0.816   1.00 0.19  ? 56 LEU A O    1 
ATOM 858  C CB   . LEU A 1 56 ? -10.683 0.044   1.224   1.00 0.26  ? 56 LEU A CB   1 
ATOM 859  C CG   . LEU A 1 56 ? -10.870 0.601   2.642   1.00 0.30  ? 56 LEU A CG   1 
ATOM 860  C CD1  . LEU A 1 56 ? -12.359 0.575   3.030   1.00 0.34  ? 56 LEU A CD1  1 
ATOM 861  C CD2  . LEU A 1 56 ? -10.062 -0.263  3.628   1.00 0.46  ? 56 LEU A CD2  1 
ATOM 862  H H    . LEU A 1 56 ? -10.496 -0.313  -1.286  1.00 0.22  ? 56 LEU A H    1 
ATOM 863  H HA   . LEU A 1 56 ? -12.557 0.704   0.438   1.00 0.23  ? 56 LEU A HA   1 
ATOM 864  H HB2  . LEU A 1 56 ? -11.008 -0.985  1.204   1.00 0.25  ? 56 LEU A HB2  1 
ATOM 865  H HB3  . LEU A 1 56 ? -9.642  0.097   0.952   1.00 0.28  ? 56 LEU A HB3  1 
ATOM 866  H HG   . LEU A 1 56 ? -10.509 1.618   2.677   1.00 0.27  ? 56 LEU A HG   1 
ATOM 867  H HD11 . LEU A 1 56 ? -12.828 -0.311  2.627   1.00 1.09  ? 56 LEU A HD11 1 
ATOM 868  H HD12 . LEU A 1 56 ? -12.455 0.573   4.108   1.00 0.97  ? 56 LEU A HD12 1 
ATOM 869  H HD13 . LEU A 1 56 ? -12.848 1.452   2.633   1.00 1.09  ? 56 LEU A HD13 1 
ATOM 870  H HD21 . LEU A 1 56 ? -9.130  -0.563  3.172   1.00 1.18  ? 56 LEU A HD21 1 
ATOM 871  H HD22 . LEU A 1 56 ? -9.854  0.310   4.519   1.00 1.08  ? 56 LEU A HD22 1 
ATOM 872  H HD23 . LEU A 1 56 ? -10.631 -1.143  3.892   1.00 1.10  ? 56 LEU A HD23 1 
ATOM 873  N N    . ILE A 1 57 ? -10.091 2.717   -0.379  1.00 0.16  ? 57 ILE A N    1 
ATOM 874  C CA   . ILE A 1 57 ? -9.744  4.165   -0.414  1.00 0.17  ? 57 ILE A CA   1 
ATOM 875  C C    . ILE A 1 57 ? -10.737 4.871   -1.338  1.00 0.17  ? 57 ILE A C    1 
ATOM 876  O O    . ILE A 1 57 ? -11.177 5.974   -1.078  1.00 0.20  ? 57 ILE A O    1 
ATOM 877  C CB   . ILE A 1 57 ? -8.333  4.342   -0.975  1.00 0.18  ? 57 ILE A CB   1 
ATOM 878  C CG1  . ILE A 1 57 ? -7.301  3.730   -0.007  1.00 0.19  ? 57 ILE A CG1  1 
ATOM 879  C CG2  . ILE A 1 57 ? -8.032  5.828   -1.193  1.00 0.23  ? 57 ILE A CG2  1 
ATOM 880  C CD1  . ILE A 1 57 ? -7.330  4.426   1.367   1.00 0.21  ? 57 ILE A CD1  1 
ATOM 881  H H    . ILE A 1 57 ? -9.536  2.064   -0.854  1.00 0.17  ? 57 ILE A H    1 
ATOM 882  H HA   . ILE A 1 57 ? -9.803  4.583   0.580   1.00 0.19  ? 57 ILE A HA   1 
ATOM 883  H HB   . ILE A 1 57 ? -8.279  3.838   -1.926  1.00 0.20  ? 57 ILE A HB   1 
ATOM 884  H HG12 . ILE A 1 57 ? -7.525  2.687   0.133   1.00 0.21  ? 57 ILE A HG12 1 
ATOM 885  H HG13 . ILE A 1 57 ? -6.313  3.826   -0.432  1.00 0.19  ? 57 ILE A HG13 1 
ATOM 886  H HG21 . ILE A 1 57 ? -8.306  6.386   -0.310  1.00 0.99  ? 57 ILE A HG21 1 
ATOM 887  H HG22 . ILE A 1 57 ? -6.976  5.956   -1.387  1.00 0.98  ? 57 ILE A HG22 1 
ATOM 888  H HG23 . ILE A 1 57 ? -8.597  6.190   -2.037  1.00 1.02  ? 57 ILE A HG23 1 
ATOM 889  H HD11 . ILE A 1 57 ? -7.714  5.430   1.277   1.00 1.05  ? 57 ILE A HD11 1 
ATOM 890  H HD12 . ILE A 1 57 ? -7.959  3.861   2.039   1.00 1.04  ? 57 ILE A HD12 1 
ATOM 891  H HD13 . ILE A 1 57 ? -6.327  4.465   1.766   1.00 1.01  ? 57 ILE A HD13 1 
ATOM 892  N N    . ASP A 1 58 ? -11.075 4.238   -2.433  1.00 0.16  ? 58 ASP A N    1 
ATOM 893  C CA   . ASP A 1 58 ? -12.022 4.863   -3.403  1.00 0.19  ? 58 ASP A CA   1 
ATOM 894  C C    . ASP A 1 58 ? -13.410 5.007   -2.776  1.00 0.19  ? 58 ASP A C    1 
ATOM 895  O O    . ASP A 1 58 ? -14.071 6.012   -2.948  1.00 0.22  ? 58 ASP A O    1 
ATOM 896  C CB   . ASP A 1 58 ? -12.124 3.991   -4.658  1.00 0.21  ? 58 ASP A CB   1 
ATOM 897  C CG   . ASP A 1 58 ? -13.039 4.666   -5.684  1.00 0.50  ? 58 ASP A CG   1 
ATOM 898  O OD1  . ASP A 1 58 ? -13.764 5.570   -5.301  1.00 1.17  ? 58 ASP A OD1  1 
ATOM 899  O OD2  . ASP A 1 58 ? -13.000 4.265   -6.835  1.00 1.11  ? 58 ASP A OD2  1 
ATOM 900  H H    . ASP A 1 58 ? -10.694 3.350   -2.622  1.00 0.16  ? 58 ASP A H    1 
ATOM 901  H HA   . ASP A 1 58 ? -11.655 5.840   -3.680  1.00 0.21  ? 58 ASP A HA   1 
ATOM 902  H HB2  . ASP A 1 58 ? -11.139 3.860   -5.084  1.00 0.35  ? 58 ASP A HB2  1 
ATOM 903  H HB3  . ASP A 1 58 ? -12.532 3.028   -4.393  1.00 0.33  ? 58 ASP A HB3  1 
ATOM 904  N N    . GLU A 1 59 ? -13.864 4.021   -2.050  1.00 0.18  ? 59 GLU A N    1 
ATOM 905  C CA   . GLU A 1 59 ? -15.210 4.138   -1.430  1.00 0.21  ? 59 GLU A CA   1 
ATOM 906  C C    . GLU A 1 59 ? -15.136 5.183   -0.323  1.00 0.24  ? 59 GLU A C    1 
ATOM 907  O O    . GLU A 1 59 ? -16.043 5.967   -0.129  1.00 0.30  ? 59 GLU A O    1 
ATOM 908  C CB   . GLU A 1 59 ? -15.673 2.764   -0.892  1.00 0.23  ? 59 GLU A CB   1 
ATOM 909  C CG   . GLU A 1 59 ? -15.035 2.448   0.461   1.00 0.25  ? 59 GLU A CG   1 
ATOM 910  C CD   . GLU A 1 59 ? -15.486 1.061   0.922   1.00 0.38  ? 59 GLU A CD   1 
ATOM 911  O OE1  . GLU A 1 59 ? -16.384 0.515   0.303   1.00 1.04  ? 59 GLU A OE1  1 
ATOM 912  O OE2  . GLU A 1 59 ? -14.928 0.569   1.890   1.00 0.98  ? 59 GLU A OE2  1 
ATOM 913  H H    . GLU A 1 59 ? -13.323 3.218   -1.909  1.00 0.17  ? 59 GLU A H    1 
ATOM 914  H HA   . GLU A 1 59 ? -15.909 4.477   -2.179  1.00 0.23  ? 59 GLU A HA   1 
ATOM 915  H HB2  . GLU A 1 59 ? -16.745 2.767   -0.783  1.00 0.28  ? 59 GLU A HB2  1 
ATOM 916  H HB3  . GLU A 1 59 ? -15.390 1.994   -1.597  1.00 0.23  ? 59 GLU A HB3  1 
ATOM 917  H HG2  . GLU A 1 59 ? -13.971 2.464   0.353   1.00 0.27  ? 59 GLU A HG2  1 
ATOM 918  H HG3  . GLU A 1 59 ? -15.338 3.177   1.195   1.00 0.22  ? 59 GLU A HG3  1 
ATOM 919  N N    . ILE A 1 60 ? -14.050 5.207   0.400   1.00 0.23  ? 60 ILE A N    1 
ATOM 920  C CA   . ILE A 1 60 ? -13.914 6.210   1.484   1.00 0.27  ? 60 ILE A CA   1 
ATOM 921  C C    . ILE A 1 60 ? -13.752 7.598   0.860   1.00 0.28  ? 60 ILE A C    1 
ATOM 922  O O    . ILE A 1 60 ? -14.329 8.566   1.314   1.00 0.33  ? 60 ILE A O    1 
ATOM 923  C CB   . ILE A 1 60 ? -12.696 5.871   2.344   1.00 0.28  ? 60 ILE A CB   1 
ATOM 924  C CG1  . ILE A 1 60 ? -12.978 4.581   3.118   1.00 0.29  ? 60 ILE A CG1  1 
ATOM 925  C CG2  . ILE A 1 60 ? -12.427 7.010   3.333   1.00 0.33  ? 60 ILE A CG2  1 
ATOM 926  C CD1  . ILE A 1 60 ? -11.678 4.059   3.730   1.00 0.27  ? 60 ILE A CD1  1 
ATOM 927  H H    . ILE A 1 60 ? -13.325 4.572   0.222   1.00 0.20  ? 60 ILE A H    1 
ATOM 928  H HA   . ILE A 1 60 ? -14.802 6.190   2.092   1.00 0.31  ? 60 ILE A HA   1 
ATOM 929  H HB   . ILE A 1 60 ? -11.832 5.732   1.710   1.00 0.26  ? 60 ILE A HB   1 
ATOM 930  H HG12 . ILE A 1 60 ? -13.692 4.784   3.903   1.00 0.31  ? 60 ILE A HG12 1 
ATOM 931  H HG13 . ILE A 1 60 ? -13.385 3.840   2.446   1.00 0.33  ? 60 ILE A HG13 1 
ATOM 932  H HG21 . ILE A 1 60 ? -13.359 7.324   3.781   1.00 1.01  ? 60 ILE A HG21 1 
ATOM 933  H HG22 . ILE A 1 60 ? -11.754 6.666   4.105   1.00 1.10  ? 60 ILE A HG22 1 
ATOM 934  H HG23 . ILE A 1 60 ? -11.980 7.842   2.811   1.00 1.11  ? 60 ILE A HG23 1 
ATOM 935  H HD11 . ILE A 1 60 ? -10.930 3.961   2.958   1.00 1.03  ? 60 ILE A HD11 1 
ATOM 936  H HD12 . ILE A 1 60 ? -11.332 4.751   4.482   1.00 1.00  ? 60 ILE A HD12 1 
ATOM 937  H HD13 . ILE A 1 60 ? -11.857 3.094   4.183   1.00 1.02  ? 60 ILE A HD13 1 
ATOM 938  N N    . LEU A 1 61 ? -12.986 7.700   -0.195  1.00 0.25  ? 61 LEU A N    1 
ATOM 939  C CA   . LEU A 1 61 ? -12.808 9.021   -0.860  1.00 0.30  ? 61 LEU A CA   1 
ATOM 940  C C    . LEU A 1 61 ? -14.135 9.437   -1.499  1.00 0.33  ? 61 LEU A C    1 
ATOM 941  O O    . LEU A 1 61 ? -14.524 10.588  -1.456  1.00 0.46  ? 61 LEU A O    1 
ATOM 942  C CB   . LEU A 1 61 ? -11.709 8.927   -1.937  1.00 0.29  ? 61 LEU A CB   1 
ATOM 943  C CG   . LEU A 1 61 ? -10.309 9.027   -1.301  1.00 0.32  ? 61 LEU A CG   1 
ATOM 944  C CD1  . LEU A 1 61 ? -9.240  8.813   -2.390  1.00 1.15  ? 61 LEU A CD1  1 
ATOM 945  C CD2  . LEU A 1 61 ? -10.109 10.416  -0.643  1.00 1.27  ? 61 LEU A CD2  1 
ATOM 946  H H    . LEU A 1 61 ? -12.540 6.905   -0.557  1.00 0.22  ? 61 LEU A H    1 
ATOM 947  H HA   . LEU A 1 61 ? -12.534 9.753   -0.121  1.00 0.33  ? 61 LEU A HA   1 
ATOM 948  H HB2  . LEU A 1 61 ? -11.794 7.974   -2.446  1.00 0.32  ? 61 LEU A HB2  1 
ATOM 949  H HB3  . LEU A 1 61 ? -11.833 9.727   -2.653  1.00 0.24  ? 61 LEU A HB3  1 
ATOM 950  H HG   . LEU A 1 61 ? -10.207 8.256   -0.550  1.00 1.07  ? 61 LEU A HG   1 
ATOM 951  H HD11 . LEU A 1 61 ? -9.561  8.041   -3.073  1.00 1.75  ? 61 LEU A HD11 1 
ATOM 952  H HD12 . LEU A 1 61 ? -9.092  9.734   -2.935  1.00 1.74  ? 61 LEU A HD12 1 
ATOM 953  H HD13 . LEU A 1 61 ? -8.311  8.518   -1.925  1.00 1.76  ? 61 LEU A HD13 1 
ATOM 954  H HD21 . LEU A 1 61 ? -10.747 11.146  -1.123  1.00 1.91  ? 61 LEU A HD21 1 
ATOM 955  H HD22 . LEU A 1 61 ? -10.362 10.354  0.404   1.00 1.87  ? 61 LEU A HD22 1 
ATOM 956  H HD23 . LEU A 1 61 ? -9.078  10.727  -0.739  1.00 1.75  ? 61 LEU A HD23 1 
ATOM 957  N N    . ALA A 1 62 ? -14.836 8.509   -2.090  1.00 0.28  ? 62 ALA A N    1 
ATOM 958  C CA   . ALA A 1 62 ? -16.139 8.848   -2.727  1.00 0.32  ? 62 ALA A CA   1 
ATOM 959  C C    . ALA A 1 62 ? -17.165 9.181   -1.640  1.00 0.37  ? 62 ALA A C    1 
ATOM 960  O O    . ALA A 1 62 ? -18.061 9.978   -1.840  1.00 0.48  ? 62 ALA A O    1 
ATOM 961  C CB   . ALA A 1 62 ? -16.632 7.652   -3.543  1.00 0.31  ? 62 ALA A CB   1 
ATOM 962  H H    . ALA A 1 62 ? -14.506 7.587   -2.111  1.00 0.30  ? 62 ALA A H    1 
ATOM 963  H HA   . ALA A 1 62 ? -16.012 9.701   -3.377  1.00 0.36  ? 62 ALA A HA   1 
ATOM 964  H HB1  . ALA A 1 62 ? -16.842 6.827   -2.879  1.00 1.07  ? 62 ALA A HB1  1 
ATOM 965  H HB2  . ALA A 1 62 ? -17.532 7.925   -4.074  1.00 1.06  ? 62 ALA A HB2  1 
ATOM 966  H HB3  . ALA A 1 62 ? -15.870 7.361   -4.251  1.00 1.02  ? 62 ALA A HB3  1 
ATOM 967  N N    . ALA A 1 63 ? -17.043 8.571   -0.493  1.00 0.41  ? 63 ALA A N    1 
ATOM 968  C CA   . ALA A 1 63 ? -18.011 8.843   0.608   1.00 0.50  ? 63 ALA A CA   1 
ATOM 969  C C    . ALA A 1 63 ? -17.970 10.328  0.983   1.00 0.70  ? 63 ALA A C    1 
ATOM 970  O O    . ALA A 1 63 ? -18.988 10.936  1.248   1.00 1.15  ? 63 ALA A O    1 
ATOM 971  C CB   . ALA A 1 63 ? -17.642 8.000   1.830   1.00 0.72  ? 63 ALA A CB   1 
ATOM 972  H H    . ALA A 1 63 ? -16.315 7.930   -0.356  1.00 0.46  ? 63 ALA A H    1 
ATOM 973  H HA   . ALA A 1 63 ? -19.006 8.584   0.281   1.00 0.54  ? 63 ALA A HA   1 
ATOM 974  H HB1  . ALA A 1 63 ? -17.640 6.955   1.558   1.00 1.21  ? 63 ALA A HB1  1 
ATOM 975  H HB2  . ALA A 1 63 ? -16.661 8.283   2.180   1.00 1.28  ? 63 ALA A HB2  1 
ATOM 976  H HB3  . ALA A 1 63 ? -18.366 8.166   2.613   1.00 1.36  ? 63 ALA A HB3  1 
ATOM 977  N N    . LEU A 1 64 ? -16.805 10.915  1.016   1.00 0.59  ? 64 LEU A N    1 
ATOM 978  C CA   . LEU A 1 64 ? -16.714 12.357  1.385   1.00 0.85  ? 64 LEU A CA   1 
ATOM 979  C C    . LEU A 1 64 ? -17.389 13.201  0.286   1.00 1.41  ? 64 LEU A C    1 
ATOM 980  O O    . LEU A 1 64 ? -17.359 12.829  -0.872  1.00 1.62  ? 64 LEU A O    1 
ATOM 981  C CB   . LEU A 1 64 ? -15.235 12.753  1.490   1.00 0.65  ? 64 LEU A CB   1 
ATOM 982  C CG   . LEU A 1 64 ? -14.538 11.904  2.567   1.00 0.53  ? 64 LEU A CG   1 
ATOM 983  C CD1  . LEU A 1 64 ? -13.023 11.959  2.360   1.00 0.68  ? 64 LEU A CD1  1 
ATOM 984  C CD2  . LEU A 1 64 ? -14.873 12.438  3.968   1.00 0.84  ? 64 LEU A CD2  1 
ATOM 985  H H    . LEU A 1 64 ? -15.993 10.409  0.805   1.00 0.58  ? 64 LEU A H    1 
ATOM 986  H HA   . LEU A 1 64 ? -17.200 12.506  2.331   1.00 1.03  ? 64 LEU A HA   1 
ATOM 987  H HB2  . LEU A 1 64 ? -14.757 12.584  0.535   1.00 0.92  ? 64 LEU A HB2  1 
ATOM 988  H HB3  . LEU A 1 64 ? -15.157 13.798  1.745   1.00 0.70  ? 64 LEU A HB3  1 
ATOM 989  H HG   . LEU A 1 64 ? -14.871 10.880  2.484   1.00 0.71  ? 64 LEU A HG   1 
ATOM 990  H HD11 . LEU A 1 64 ? -12.779 11.575  1.380   1.00 1.31  ? 64 LEU A HD11 1 
ATOM 991  H HD12 . LEU A 1 64 ? -12.684 12.981  2.441   1.00 1.28  ? 64 LEU A HD12 1 
ATOM 992  H HD13 . LEU A 1 64 ? -12.535 11.357  3.113   1.00 1.24  ? 64 LEU A HD13 1 
ATOM 993  H HD21 . LEU A 1 64 ? -14.752 13.510  3.990   1.00 1.34  ? 64 LEU A HD21 1 
ATOM 994  H HD22 . LEU A 1 64 ? -15.891 12.184  4.218   1.00 1.46  ? 64 LEU A HD22 1 
ATOM 995  H HD23 . LEU A 1 64 ? -14.206 11.990  4.689   1.00 1.30  ? 64 LEU A HD23 1 
ATOM 996  N N    . PRO A 1 65 ? -17.992 14.328  0.620   1.00 1.85  ? 65 PRO A N    1 
ATOM 997  C CA   . PRO A 1 65 ? -18.652 15.174  -0.418  1.00 2.43  ? 65 PRO A CA   1 
ATOM 998  C C    . PRO A 1 65 ? -17.652 15.680  -1.468  1.00 2.62  ? 65 PRO A C    1 
ATOM 999  O O    . PRO A 1 65 ? -18.082 15.992  -2.567  1.00 2.81  ? 65 PRO A O    1 
ATOM 1000 C CB   . PRO A 1 65 ? -19.234 16.336  0.417   1.00 2.89  ? 65 PRO A CB   1 
ATOM 1001 C CG   . PRO A 1 65 ? -18.647 16.245  1.837   1.00 2.69  ? 65 PRO A CG   1 
ATOM 1002 C CD   . PRO A 1 65 ? -18.064 14.836  2.022   1.00 2.01  ? 65 PRO A CD   1 
ATOM 1003 O OXT  . PRO A 1 65 ? -16.475 15.745  -1.154  1.00 3.05  ? 65 PRO A OXT  1 
ATOM 1004 H HA   . PRO A 1 65 ? -19.451 14.628  -0.895  1.00 2.53  ? 65 PRO A HA   1 
ATOM 1005 H HB2  . PRO A 1 65 ? -18.975 17.288  -0.031  1.00 3.20  ? 65 PRO A HB2  1 
ATOM 1006 H HB3  . PRO A 1 65 ? -20.312 16.246  0.467   1.00 3.15  ? 65 PRO A HB3  1 
ATOM 1007 H HG2  . PRO A 1 65 ? -17.864 16.986  1.956   1.00 2.97  ? 65 PRO A HG2  1 
ATOM 1008 H HG3  . PRO A 1 65 ? -19.422 16.418  2.572   1.00 2.85  ? 65 PRO A HG3  1 
ATOM 1009 H HD2  . PRO A 1 65 ? -17.081 14.880  2.473   1.00 2.00  ? 65 PRO A HD2  1 
ATOM 1010 H HD3  . PRO A 1 65 ? -18.729 14.218  2.607   1.00 1.85  ? 65 PRO A HD3  1 
# 
